data_2PNC
#
_entry.id   2PNC
#
_cell.length_a   78.360
_cell.length_b   131.956
_cell.length_c   134.159
_cell.angle_alpha   90.00
_cell.angle_beta   90.00
_cell.angle_gamma   90.00
#
_symmetry.space_group_name_H-M   'P 21 21 21'
#
loop_
_entity.id
_entity.type
_entity.pdbx_description
1 polymer 'Copper amine oxidase, liver isozyme'
2 branched 2-acetamido-2-deoxy-beta-D-glucopyranose-(1-4)-2-acetamido-2-deoxy-beta-D-glucopyranose-(1-4)-2-acetamido-2-deoxy-beta-D-glucopyranose
3 non-polymer 'COPPER (II) ION'
4 non-polymer 'CALCIUM ION'
5 non-polymer 'CHLORIDE ION'
6 non-polymer 2,6-DICHLORO-N-IMIDAZOLIDIN-2-YLIDENEANILINE
7 water water
#
_entity_poly.entity_id   1
_entity_poly.type   'polypeptide(L)'
_entity_poly.pdbx_seq_one_letter_code
;REEGGVGSEEGVGKQCHPSLPPRCPSRSPSDQPWTHPDQSQLFADLSREELTTVMSFLTQQLGPDLVDAAQARPSDNCVF
SVELQLPPKAAALAHLDRGSPPPAREALAIVFFGGQPQPNVTELVVGPLPQPSYMRDVTVERHGGPLPYYRRPVLLREYL
DIDQMIFNRELPQAAGVLHHCCSYKQGGQKLLTMNSAPRGVQSGDRSTWFGIYYNITKGGPYLHPVGLELLVDHKALDPA
DWTVQKVFFQGRYYENLAQLEEQFEAGQVNVVVIPDDGTGGFWSLKSQVPPGPTPPLQFHPQGPRFSVQGNRVASSLWTF
SFGLGAFSGPRVFDVRFQGERLAYEISLQEAGAVYGGNTPAAMLTRYMDSGFGMGYFATPLIRGVDCPYLATYMDWHFVV
ESQTPKTLHDAFCVFEQNKGLPLRRHHSDFLSHYFGGVAQTVLVFRSVSTMLN(TPQ)DYVWDMVFYPNGAIEVKLHATG
YISSAFLFGAARRYGNQVGEHTLGPVHTHSAHYKVDLDVGGLENWVWAEDMAFVPTAIPWSPEHQIQRLQVTRKQLETEE
QAAFPLGGASPRYLYLASKQSNKWGHPRGYRIQTVSFAGGPMPQNSPMERAFSWGRYQLAITQRKETEPSSSSVFNQNDP
WTPTVDFSDFINNETIAGKDLVAWVTAGFLHIPHAEDIPNTVTVGNGVGFFLRPYNFFDQEPSMDSADSIYFREGQDAGS
CEINPLACLPQAATCAPDLPVFSHGGYPEY
;
_entity_poly.pdbx_strand_id   A,B
#
loop_
_chem_comp.id
_chem_comp.type
_chem_comp.name
_chem_comp.formula
CA non-polymer 'CALCIUM ION' 'Ca 2'
CL non-polymer 'CHLORIDE ION' 'Cl -1'
CLU non-polymer 2,6-DICHLORO-N-IMIDAZOLIDIN-2-YLIDENEANILINE 'C9 H9 Cl2 N3'
CU non-polymer 'COPPER (II) ION' 'Cu 2'
NAG D-saccharide, beta linking 2-acetamido-2-deoxy-beta-D-glucopyranose 'C8 H15 N O6'
#
# COMPACT_ATOMS: atom_id res chain seq x y z
N GLN A 41 -17.00 -31.36 2.39
CA GLN A 41 -17.16 -30.03 3.02
C GLN A 41 -17.07 -30.14 4.55
N LEU A 42 -15.88 -30.42 5.04
CA LEU A 42 -15.63 -30.63 6.47
C LEU A 42 -15.20 -29.34 7.18
N PHE A 43 -15.08 -28.27 6.41
CA PHE A 43 -14.71 -26.97 6.97
C PHE A 43 -15.95 -26.08 7.12
N ALA A 44 -17.11 -26.62 6.78
CA ALA A 44 -18.36 -25.88 6.85
C ALA A 44 -18.74 -25.55 8.28
N ASP A 45 -19.17 -24.31 8.51
CA ASP A 45 -19.68 -23.91 9.81
C ASP A 45 -20.91 -24.73 10.14
N LEU A 46 -21.11 -25.03 11.42
CA LEU A 46 -22.26 -25.82 11.84
C LEU A 46 -23.55 -25.26 11.25
N SER A 47 -24.36 -26.13 10.68
CA SER A 47 -25.65 -25.73 10.13
C SER A 47 -26.64 -25.51 11.25
N ARG A 48 -27.82 -24.97 10.91
CA ARG A 48 -28.87 -24.76 11.90
C ARG A 48 -29.33 -26.08 12.50
N GLU A 49 -29.44 -27.11 11.67
CA GLU A 49 -29.81 -28.44 12.14
C GLU A 49 -28.79 -28.95 13.15
N GLU A 50 -27.51 -28.79 12.82
CA GLU A 50 -26.43 -29.20 13.70
C GLU A 50 -26.42 -28.39 14.99
N LEU A 51 -26.61 -27.08 14.87
CA LEU A 51 -26.67 -26.20 16.04
C LEU A 51 -27.78 -26.59 17.01
N THR A 52 -28.92 -27.01 16.46
CA THR A 52 -30.06 -27.42 17.26
C THR A 52 -29.78 -28.70 18.02
N THR A 53 -29.22 -29.69 17.32
CA THR A 53 -28.95 -31.00 17.90
C THR A 53 -27.92 -30.93 19.05
N VAL A 54 -26.90 -30.10 18.88
CA VAL A 54 -25.90 -29.93 19.92
C VAL A 54 -26.50 -29.33 21.18
N MET A 55 -27.37 -28.33 20.99
CA MET A 55 -28.07 -27.71 22.11
C MET A 55 -28.94 -28.72 22.85
N SER A 56 -29.60 -29.60 22.09
CA SER A 56 -30.43 -30.64 22.67
C SER A 56 -29.59 -31.61 23.48
N PHE A 57 -28.49 -32.08 22.89
CA PHE A 57 -27.57 -32.99 23.58
C PHE A 57 -26.99 -32.32 24.82
N LEU A 58 -26.64 -31.04 24.70
CA LEU A 58 -26.08 -30.29 25.82
C LEU A 58 -27.07 -30.11 26.96
N THR A 59 -28.36 -29.98 26.62
CA THR A 59 -29.40 -29.81 27.62
C THR A 59 -29.67 -31.11 28.37
N GLN A 60 -29.63 -32.21 27.65
CA GLN A 60 -29.86 -33.54 28.21
C GLN A 60 -28.76 -33.95 29.19
N GLN A 61 -27.52 -33.64 28.83
CA GLN A 61 -26.37 -34.06 29.61
C GLN A 61 -26.09 -33.14 30.80
N LEU A 62 -26.33 -31.85 30.61
CA LEU A 62 -26.00 -30.86 31.63
C LEU A 62 -27.15 -30.63 32.62
N GLY A 63 -27.74 -31.71 33.12
CA GLY A 63 -28.78 -31.64 34.11
C GLY A 63 -29.99 -30.81 33.71
N PRO A 64 -30.93 -30.62 34.65
CA PRO A 64 -32.12 -29.83 34.43
C PRO A 64 -31.98 -28.39 34.93
N ASP A 65 -30.75 -27.97 35.21
CA ASP A 65 -30.52 -26.64 35.78
C ASP A 65 -29.88 -25.65 34.80
N LEU A 66 -29.81 -26.01 33.53
CA LEU A 66 -29.33 -25.08 32.51
C LEU A 66 -30.31 -23.94 32.33
N VAL A 67 -29.79 -22.78 31.92
CA VAL A 67 -30.62 -21.61 31.68
C VAL A 67 -30.27 -21.04 30.31
N ASP A 68 -31.26 -20.43 29.66
CA ASP A 68 -31.00 -19.74 28.41
C ASP A 68 -30.02 -18.60 28.68
N ALA A 69 -28.88 -18.64 28.00
CA ALA A 69 -27.83 -17.64 28.20
C ALA A 69 -28.36 -16.22 27.97
N ALA A 70 -29.41 -16.10 27.19
CA ALA A 70 -30.01 -14.80 26.89
C ALA A 70 -30.58 -14.11 28.13
N GLN A 71 -30.94 -14.90 29.14
CA GLN A 71 -31.56 -14.35 30.35
C GLN A 71 -30.87 -14.80 31.63
N ALA A 72 -29.63 -15.26 31.52
CA ALA A 72 -28.93 -15.82 32.68
C ALA A 72 -28.24 -14.74 33.53
N ARG A 73 -28.33 -14.91 34.85
CA ARG A 73 -27.57 -14.09 35.78
C ARG A 73 -26.27 -14.81 36.13
N PRO A 74 -25.28 -14.07 36.68
CA PRO A 74 -23.93 -14.60 36.91
C PRO A 74 -23.87 -15.94 37.66
N SER A 75 -24.80 -16.16 38.58
CA SER A 75 -24.81 -17.38 39.38
C SER A 75 -25.46 -18.57 38.66
N ASP A 76 -26.00 -18.31 37.47
CA ASP A 76 -26.65 -19.35 36.69
C ASP A 76 -25.66 -20.15 35.85
N ASN A 77 -26.13 -21.29 35.36
CA ASN A 77 -25.38 -22.08 34.39
C ASN A 77 -26.05 -21.96 33.02
N CYS A 78 -25.25 -21.70 32.00
CA CYS A 78 -25.77 -21.52 30.66
C CYS A 78 -24.72 -21.85 29.60
N VAL A 79 -25.19 -22.15 28.40
CA VAL A 79 -24.29 -22.37 27.27
C VAL A 79 -24.06 -21.04 26.55
N PHE A 80 -22.85 -20.52 26.67
CA PHE A 80 -22.52 -19.23 26.05
C PHE A 80 -22.57 -19.31 24.53
N SER A 81 -22.04 -20.40 23.98
CA SER A 81 -21.99 -20.55 22.53
C SER A 81 -21.69 -21.98 22.10
N VAL A 82 -22.05 -22.31 20.87
CA VAL A 82 -21.70 -23.58 20.24
C VAL A 82 -21.33 -23.33 18.79
N GLU A 83 -20.12 -23.75 18.41
CA GLU A 83 -19.69 -23.61 17.02
C GLU A 83 -18.74 -24.73 16.60
N LEU A 84 -18.45 -24.77 15.30
CA LEU A 84 -17.63 -25.83 14.71
C LEU A 84 -16.28 -25.98 15.40
N GLN A 85 -15.89 -27.23 15.65
CA GLN A 85 -14.54 -27.54 16.09
C GLN A 85 -13.70 -27.86 14.87
N LEU A 86 -12.76 -26.97 14.55
CA LEU A 86 -11.87 -27.16 13.40
C LEU A 86 -11.18 -28.52 13.47
N PRO A 87 -11.27 -29.30 12.38
CA PRO A 87 -10.75 -30.66 12.35
C PRO A 87 -9.23 -30.73 12.37
N PRO A 88 -8.68 -31.87 12.81
CA PRO A 88 -7.24 -32.12 12.74
C PRO A 88 -6.77 -32.13 11.29
N LYS A 89 -5.67 -31.46 11.02
CA LYS A 89 -5.16 -31.28 9.67
C LYS A 89 -4.78 -32.59 9.00
N ALA A 90 -4.06 -33.45 9.73
CA ALA A 90 -3.62 -34.73 9.20
C ALA A 90 -4.80 -35.55 8.68
N ALA A 91 -5.89 -35.57 9.45
CA ALA A 91 -7.09 -36.31 9.07
C ALA A 91 -7.85 -35.60 7.95
N ALA A 92 -7.88 -34.27 7.99
CA ALA A 92 -8.53 -33.47 6.97
C ALA A 92 -7.87 -33.67 5.61
N LEU A 93 -6.55 -33.57 5.58
CA LEU A 93 -5.78 -33.76 4.36
C LEU A 93 -5.85 -35.19 3.86
N ALA A 94 -5.80 -36.15 4.78
CA ALA A 94 -5.92 -37.55 4.44
C ALA A 94 -7.24 -37.82 3.74
N HIS A 95 -8.31 -37.19 4.22
CA HIS A 95 -9.61 -37.31 3.59
C HIS A 95 -9.63 -36.66 2.21
N LEU A 96 -9.12 -35.42 2.14
CA LEU A 96 -9.15 -34.65 0.90
C LEU A 96 -8.19 -35.21 -0.15
N ASP A 97 -7.02 -35.63 0.28
CA ASP A 97 -5.98 -36.09 -0.64
C ASP A 97 -6.00 -37.60 -0.88
N ARG A 98 -6.03 -38.38 0.19
CA ARG A 98 -5.90 -39.83 0.10
C ARG A 98 -7.23 -40.58 0.14
N GLY A 99 -8.33 -39.84 0.10
CA GLY A 99 -9.66 -40.45 0.05
C GLY A 99 -10.05 -41.20 1.31
N SER A 100 -9.26 -41.05 2.37
CA SER A 100 -9.57 -41.65 3.66
C SER A 100 -10.89 -41.10 4.18
N PRO A 101 -11.56 -41.86 5.06
CA PRO A 101 -12.84 -41.42 5.62
C PRO A 101 -12.70 -40.09 6.35
N PRO A 102 -13.75 -39.26 6.32
CA PRO A 102 -13.72 -37.96 6.97
C PRO A 102 -13.53 -38.08 8.47
N PRO A 103 -12.73 -37.18 9.07
CA PRO A 103 -12.56 -37.15 10.51
C PRO A 103 -13.87 -36.75 11.19
N ALA A 104 -14.03 -37.17 12.45
CA ALA A 104 -15.25 -36.88 13.19
C ALA A 104 -15.59 -35.39 13.16
N ARG A 105 -16.82 -35.07 12.77
CA ARG A 105 -17.29 -33.70 12.77
C ARG A 105 -17.80 -33.31 14.16
N GLU A 106 -17.17 -32.30 14.75
CA GLU A 106 -17.46 -31.94 16.13
C GLU A 106 -17.77 -30.46 16.30
N ALA A 107 -18.32 -30.12 17.46
CA ALA A 107 -18.62 -28.74 17.81
C ALA A 107 -17.93 -28.38 19.13
N LEU A 108 -17.69 -27.10 19.35
CA LEU A 108 -17.12 -26.64 20.61
C LEU A 108 -18.09 -25.75 21.36
N ALA A 109 -18.44 -26.17 22.58
CA ALA A 109 -19.39 -25.43 23.39
C ALA A 109 -18.71 -24.77 24.58
N ILE A 110 -18.89 -23.47 24.72
CA ILE A 110 -18.38 -22.73 25.87
C ILE A 110 -19.48 -22.60 26.92
N VAL A 111 -19.26 -23.16 28.09
CA VAL A 111 -20.27 -23.15 29.14
C VAL A 111 -19.85 -22.37 30.38
N PHE A 112 -20.67 -21.38 30.75
CA PHE A 112 -20.46 -20.60 31.96
C PHE A 112 -21.04 -21.34 33.16
N PHE A 113 -20.17 -21.90 33.99
CA PHE A 113 -20.65 -22.61 35.19
C PHE A 113 -20.63 -21.72 36.42
N GLY A 114 -21.53 -20.75 36.47
CA GLY A 114 -21.62 -19.85 37.61
C GLY A 114 -22.44 -20.41 38.75
N GLY A 115 -23.01 -21.59 38.54
CA GLY A 115 -23.87 -22.22 39.54
C GLY A 115 -23.21 -23.34 40.31
N GLN A 116 -22.28 -22.98 41.19
CA GLN A 116 -21.54 -23.96 42.00
C GLN A 116 -20.57 -23.26 42.94
N PRO A 117 -20.18 -23.96 44.03
CA PRO A 117 -19.20 -23.44 45.00
C PRO A 117 -18.02 -22.71 44.34
N GLN A 118 -17.44 -23.31 43.31
CA GLN A 118 -16.32 -22.69 42.60
C GLN A 118 -16.58 -22.60 41.09
N PRO A 119 -17.17 -21.47 40.65
CA PRO A 119 -17.59 -21.22 39.27
C PRO A 119 -16.43 -21.15 38.29
N ASN A 120 -16.62 -21.72 37.11
CA ASN A 120 -15.61 -21.65 36.05
C ASN A 120 -16.25 -21.58 34.65
N VAL A 121 -15.41 -21.41 33.64
CA VAL A 121 -15.85 -21.49 32.26
C VAL A 121 -15.28 -22.77 31.67
N THR A 122 -16.13 -23.59 31.07
CA THR A 122 -15.69 -24.89 30.55
C THR A 122 -15.85 -25.00 29.04
N GLU A 123 -14.82 -25.53 28.39
CA GLU A 123 -14.86 -25.80 26.96
C GLU A 123 -15.10 -27.28 26.69
N LEU A 124 -16.19 -27.58 25.99
CA LEU A 124 -16.57 -28.96 25.73
C LEU A 124 -16.52 -29.29 24.25
N VAL A 125 -15.90 -30.42 23.90
CA VAL A 125 -15.93 -30.92 22.54
C VAL A 125 -17.09 -31.89 22.40
N VAL A 126 -18.07 -31.54 21.56
CA VAL A 126 -19.26 -32.35 21.38
C VAL A 126 -19.25 -33.02 20.01
N GLY A 127 -19.53 -34.32 19.99
CA GLY A 127 -19.57 -35.08 18.75
C GLY A 127 -19.95 -36.53 18.99
N PRO A 128 -20.05 -37.32 17.92
CA PRO A 128 -19.85 -36.84 16.55
C PRO A 128 -21.15 -36.38 15.91
N LEU A 129 -21.04 -35.38 15.03
CA LEU A 129 -22.20 -34.95 14.25
C LEU A 129 -22.41 -35.95 13.12
N PRO A 130 -23.66 -36.13 12.69
CA PRO A 130 -24.85 -35.39 13.12
C PRO A 130 -25.43 -35.78 14.49
N GLN A 131 -25.11 -36.98 14.98
CA GLN A 131 -25.68 -37.43 16.25
C GLN A 131 -24.64 -37.65 17.35
N PRO A 132 -24.54 -36.67 18.27
CA PRO A 132 -23.57 -36.64 19.36
C PRO A 132 -23.78 -37.74 20.39
N SER A 133 -22.69 -38.18 21.01
CA SER A 133 -22.75 -39.20 22.04
C SER A 133 -21.79 -38.88 23.19
N TYR A 134 -20.77 -38.06 22.90
CA TYR A 134 -19.84 -37.63 23.92
C TYR A 134 -19.77 -36.11 24.08
N MET A 135 -19.16 -35.69 25.19
CA MET A 135 -19.02 -34.29 25.54
C MET A 135 -17.83 -34.17 26.49
N ARG A 136 -16.64 -34.03 25.93
CA ARG A 136 -15.43 -34.02 26.74
C ARG A 136 -14.89 -32.62 27.05
N ASP A 137 -14.37 -32.47 28.26
CA ASP A 137 -13.83 -31.21 28.73
C ASP A 137 -12.37 -31.05 28.32
N VAL A 138 -12.10 -30.09 27.45
CA VAL A 138 -10.76 -29.84 26.96
C VAL A 138 -10.14 -28.60 27.58
N THR A 139 -10.74 -28.12 28.67
CA THR A 139 -10.31 -26.88 29.30
C THR A 139 -8.89 -26.94 29.85
N VAL A 140 -8.64 -27.88 30.76
CA VAL A 140 -7.30 -28.06 31.35
C VAL A 140 -6.31 -28.45 30.26
N GLU A 141 -6.75 -29.34 29.37
CA GLU A 141 -5.93 -29.81 28.27
C GLU A 141 -5.46 -28.68 27.36
N ARG A 142 -6.27 -27.62 27.26
CA ARG A 142 -5.96 -26.50 26.37
C ARG A 142 -5.35 -25.30 27.07
N HIS A 143 -5.69 -25.10 28.34
CA HIS A 143 -5.28 -23.89 29.03
C HIS A 143 -4.48 -24.16 30.31
N GLY A 144 -3.99 -25.38 30.45
CA GLY A 144 -3.18 -25.76 31.60
C GLY A 144 -3.91 -25.58 32.93
N GLY A 145 -5.23 -25.68 32.89
CA GLY A 145 -6.05 -25.52 34.09
C GLY A 145 -7.35 -24.78 33.86
N PRO A 146 -8.12 -24.59 34.93
CA PRO A 146 -9.42 -23.92 34.95
C PRO A 146 -9.43 -22.55 34.26
N LEU A 147 -10.58 -22.18 33.72
CA LEU A 147 -10.80 -20.83 33.21
C LEU A 147 -11.57 -20.04 34.25
N PRO A 148 -10.88 -19.12 34.94
CA PRO A 148 -11.51 -18.29 35.96
C PRO A 148 -12.78 -17.62 35.44
N TYR A 149 -13.77 -17.50 36.30
CA TYR A 149 -15.10 -17.03 35.88
C TYR A 149 -15.11 -15.58 35.41
N TYR A 150 -14.15 -14.79 35.87
CA TYR A 150 -14.08 -13.37 35.51
C TYR A 150 -13.58 -13.12 34.09
N ARG A 151 -13.09 -14.18 33.45
CA ARG A 151 -12.59 -14.07 32.07
C ARG A 151 -13.71 -14.14 31.05
N ARG A 152 -14.79 -14.82 31.42
CA ARG A 152 -15.95 -14.97 30.55
C ARG A 152 -16.38 -13.60 30.04
N PRO A 153 -16.74 -13.51 28.75
CA PRO A 153 -17.26 -12.26 28.20
C PRO A 153 -18.51 -11.80 28.93
N VAL A 154 -18.82 -10.51 28.84
CA VAL A 154 -19.97 -9.94 29.52
C VAL A 154 -21.25 -10.24 28.76
N LEU A 155 -22.16 -10.97 29.41
CA LEU A 155 -23.41 -11.39 28.81
C LEU A 155 -24.30 -10.18 28.52
N LEU A 156 -25.12 -10.28 27.49
CA LEU A 156 -26.04 -9.21 27.12
C LEU A 156 -26.99 -8.92 28.28
N ARG A 157 -27.34 -9.97 29.01
CA ARG A 157 -28.16 -9.85 30.20
C ARG A 157 -27.42 -9.07 31.28
N GLU A 158 -26.10 -9.25 31.32
CA GLU A 158 -25.26 -8.56 32.30
C GLU A 158 -25.20 -7.07 32.00
N TYR A 159 -25.11 -6.73 30.72
CA TYR A 159 -25.11 -5.31 30.30
C TYR A 159 -26.43 -4.64 30.65
N LEU A 160 -27.54 -5.27 30.27
CA LEU A 160 -28.86 -4.73 30.55
C LEU A 160 -29.08 -4.54 32.04
N ASP A 161 -28.57 -5.47 32.84
CA ASP A 161 -28.64 -5.36 34.30
C ASP A 161 -27.80 -4.20 34.81
N ILE A 162 -26.71 -3.90 34.11
CA ILE A 162 -25.85 -2.77 34.47
C ILE A 162 -26.53 -1.46 34.13
N ASP A 163 -27.25 -1.43 33.00
CA ASP A 163 -28.00 -0.24 32.61
C ASP A 163 -29.11 0.05 33.63
N GLN A 164 -29.85 -0.98 34.01
CA GLN A 164 -30.88 -0.85 35.04
C GLN A 164 -30.29 -0.17 36.27
N MET A 165 -29.22 -0.75 36.81
CA MET A 165 -28.55 -0.20 37.98
C MET A 165 -28.17 1.26 37.79
N ILE A 166 -27.51 1.55 36.68
CA ILE A 166 -27.10 2.92 36.37
C ILE A 166 -28.29 3.88 36.32
N PHE A 167 -29.36 3.45 35.66
CA PHE A 167 -30.51 4.32 35.44
C PHE A 167 -31.53 4.34 36.60
N ASN A 168 -31.48 3.32 37.44
CA ASN A 168 -32.43 3.23 38.56
C ASN A 168 -31.82 3.61 39.90
N ARG A 169 -30.58 3.20 40.13
CA ARG A 169 -29.92 3.37 41.42
C ARG A 169 -28.88 4.48 41.42
N GLU A 170 -28.18 4.64 40.30
CA GLU A 170 -27.04 5.54 40.23
C GLU A 170 -27.37 6.97 39.82
N LEU A 171 -27.71 7.16 38.55
CA LEU A 171 -27.94 8.51 38.01
C LEU A 171 -28.84 9.40 38.88
N PRO A 172 -29.99 8.87 39.32
CA PRO A 172 -30.89 9.64 40.19
C PRO A 172 -30.17 10.36 41.35
N GLN A 173 -29.10 9.77 41.85
CA GLN A 173 -28.33 10.38 42.95
C GLN A 173 -27.72 11.71 42.53
N ALA A 174 -27.51 11.87 41.22
CA ALA A 174 -26.93 13.10 40.68
C ALA A 174 -27.90 13.77 39.71
N ALA A 175 -29.17 13.84 40.10
CA ALA A 175 -30.22 14.41 39.26
C ALA A 175 -29.99 15.91 39.00
N GLY A 176 -29.50 16.61 40.01
CA GLY A 176 -29.30 18.06 39.92
C GLY A 176 -28.26 18.48 38.88
N VAL A 177 -27.13 17.79 38.86
CA VAL A 177 -26.07 18.11 37.91
C VAL A 177 -26.41 17.63 36.50
N LEU A 178 -27.20 16.58 36.41
CA LEU A 178 -27.60 16.02 35.12
C LEU A 178 -28.68 16.86 34.43
N HIS A 179 -29.60 17.39 35.23
CA HIS A 179 -30.62 18.31 34.72
C HIS A 179 -29.95 19.52 34.09
N HIS A 180 -28.89 19.97 34.74
CA HIS A 180 -28.20 21.19 34.37
C HIS A 180 -27.32 21.01 33.12
N CYS A 181 -26.53 19.94 33.11
CA CYS A 181 -25.62 19.65 32.01
C CYS A 181 -26.37 19.11 30.81
N CYS A 182 -27.27 18.17 31.07
CA CYS A 182 -27.70 17.24 30.04
C CYS A 182 -29.21 17.07 30.00
N SER A 183 -29.91 18.11 30.46
CA SER A 183 -31.37 18.09 30.56
C SER A 183 -31.91 16.68 30.95
N TYR A 184 -31.29 15.98 31.90
CA TYR A 184 -31.80 14.65 32.35
C TYR A 184 -33.34 14.86 32.43
N LYS A 185 -34.05 14.10 31.60
CA LYS A 185 -35.50 13.90 31.70
C LYS A 185 -36.30 15.17 32.01
N GLN A 186 -35.78 16.32 31.60
CA GLN A 186 -36.53 17.56 31.70
C GLN A 186 -36.96 18.01 30.30
N GLY A 187 -37.39 17.06 29.49
CA GLY A 187 -37.71 17.33 28.09
C GLY A 187 -36.46 17.31 27.24
N GLY A 188 -35.39 16.77 27.78
CA GLY A 188 -34.10 16.72 27.09
C GLY A 188 -33.85 15.39 26.40
N GLN A 189 -32.66 15.25 25.83
CA GLN A 189 -32.32 14.04 25.09
C GLN A 189 -32.00 12.89 26.05
N LYS A 190 -32.31 11.67 25.62
CA LYS A 190 -32.10 10.49 26.45
C LYS A 190 -30.62 10.11 26.51
N LEU A 191 -30.24 9.42 27.58
CA LEU A 191 -28.85 9.03 27.80
C LEU A 191 -28.65 7.54 27.55
N LEU A 192 -27.46 7.17 27.10
CA LEU A 192 -27.09 5.77 26.95
C LEU A 192 -25.68 5.51 27.45
N THR A 193 -25.34 4.23 27.61
CA THR A 193 -24.02 3.87 28.15
C THR A 193 -23.11 3.30 27.07
N MET A 194 -21.82 3.64 27.17
CA MET A 194 -20.82 3.11 26.25
C MET A 194 -19.76 2.30 26.99
N ASN A 195 -19.61 1.05 26.57
CA ASN A 195 -18.70 0.11 27.21
C ASN A 195 -17.23 0.38 26.90
N SER A 196 -16.34 -0.23 27.69
CA SER A 196 -14.91 -0.21 27.42
C SER A 196 -14.27 -1.46 28.05
N ALA A 197 -13.03 -1.74 27.65
CA ALA A 197 -12.32 -2.92 28.15
C ALA A 197 -10.81 -2.73 28.03
N PRO A 198 -10.02 -3.36 28.91
CA PRO A 198 -10.39 -4.29 29.99
C PRO A 198 -11.17 -3.64 31.13
N ARG A 199 -11.52 -4.44 32.12
CA ARG A 199 -12.37 -3.98 33.22
C ARG A 199 -11.64 -4.09 34.55
N GLY A 200 -10.64 -3.24 34.74
CA GLY A 200 -9.86 -3.22 35.96
C GLY A 200 -8.40 -2.89 35.70
N VAL A 201 -7.56 -3.13 36.71
CA VAL A 201 -6.14 -2.81 36.61
C VAL A 201 -5.29 -4.05 36.82
N GLN A 202 -5.93 -5.20 37.03
CA GLN A 202 -5.21 -6.44 37.31
C GLN A 202 -6.06 -7.68 37.05
N SER A 203 -5.43 -8.84 37.08
CA SER A 203 -6.12 -10.11 36.91
C SER A 203 -7.11 -10.37 38.04
N GLY A 204 -8.37 -10.61 37.67
CA GLY A 204 -9.43 -10.87 38.64
C GLY A 204 -10.46 -9.76 38.69
N ASP A 205 -10.18 -8.67 37.98
CA ASP A 205 -11.06 -7.50 37.99
C ASP A 205 -12.22 -7.61 37.00
N ARG A 206 -13.38 -7.13 37.42
CA ARG A 206 -14.53 -6.95 36.53
C ARG A 206 -15.19 -5.62 36.86
N SER A 207 -14.43 -4.54 36.68
CA SER A 207 -14.91 -3.19 36.96
C SER A 207 -14.78 -2.32 35.72
N THR A 208 -15.92 -1.92 35.16
CA THR A 208 -15.93 -1.25 33.86
C THR A 208 -16.29 0.23 33.92
N TRP A 209 -15.57 1.03 33.15
CA TRP A 209 -15.90 2.43 32.95
C TRP A 209 -16.94 2.56 31.84
N PHE A 210 -18.18 2.89 32.21
CA PHE A 210 -19.23 3.14 31.24
C PHE A 210 -19.41 4.64 31.05
N GLY A 211 -19.30 5.09 29.81
CA GLY A 211 -19.49 6.51 29.49
C GLY A 211 -20.93 6.83 29.18
N ILE A 212 -21.36 8.04 29.56
CA ILE A 212 -22.74 8.47 29.32
C ILE A 212 -22.82 9.41 28.13
N TYR A 213 -23.67 9.05 27.17
CA TYR A 213 -23.81 9.82 25.94
C TYR A 213 -25.27 10.17 25.66
N TYR A 214 -25.49 11.32 25.04
CA TYR A 214 -26.81 11.64 24.51
C TYR A 214 -27.16 10.63 23.44
N ASN A 215 -28.41 10.17 23.42
CA ASN A 215 -28.89 9.33 22.33
C ASN A 215 -29.71 10.17 21.37
N ILE A 216 -29.02 10.93 20.53
CA ILE A 216 -29.71 11.73 19.54
C ILE A 216 -30.59 10.80 18.69
N THR A 217 -29.99 9.70 18.24
CA THR A 217 -30.63 8.75 17.31
C THR A 217 -30.42 9.18 15.87
N LYS A 218 -29.83 10.36 15.71
CA LYS A 218 -29.33 10.86 14.44
C LYS A 218 -27.82 10.69 14.32
N GLY A 219 -27.37 10.39 13.11
CA GLY A 219 -25.93 10.26 12.81
C GLY A 219 -25.18 9.48 13.88
N GLY A 220 -24.10 10.08 14.38
CA GLY A 220 -23.33 9.46 15.46
C GLY A 220 -24.01 9.65 16.80
N PRO A 221 -24.48 8.55 17.39
CA PRO A 221 -25.07 8.61 18.73
C PRO A 221 -23.98 8.71 19.78
N TYR A 222 -22.73 8.64 19.32
CA TYR A 222 -21.57 8.67 20.21
C TYR A 222 -20.76 9.93 19.95
N LEU A 223 -21.39 10.89 19.27
CA LEU A 223 -20.77 12.19 19.02
C LEU A 223 -21.11 13.16 20.13
N HIS A 224 -21.85 12.69 21.13
CA HIS A 224 -22.29 13.55 22.23
C HIS A 224 -21.95 12.98 23.60
N PRO A 225 -20.65 12.92 23.93
CA PRO A 225 -20.19 12.54 25.26
C PRO A 225 -20.52 13.63 26.28
N VAL A 226 -21.07 13.21 27.42
CA VAL A 226 -21.48 14.15 28.46
C VAL A 226 -20.34 14.49 29.40
N GLY A 227 -19.34 13.62 29.44
CA GLY A 227 -18.21 13.81 30.34
C GLY A 227 -18.43 13.08 31.65
N LEU A 228 -19.45 12.22 31.68
CA LEU A 228 -19.76 11.43 32.87
C LEU A 228 -19.45 9.96 32.62
N GLU A 229 -18.58 9.40 33.45
CA GLU A 229 -18.24 8.00 33.36
C GLU A 229 -18.32 7.33 34.73
N LEU A 230 -18.94 6.15 34.79
CA LEU A 230 -19.10 5.43 36.03
C LEU A 230 -18.24 4.16 36.04
N LEU A 231 -17.43 4.01 37.08
CA LEU A 231 -16.62 2.82 37.25
C LEU A 231 -17.42 1.76 38.01
N VAL A 232 -18.21 0.97 37.28
CA VAL A 232 -19.08 -0.02 37.93
C VAL A 232 -18.41 -1.38 38.13
N ASP A 233 -18.51 -1.88 39.36
CA ASP A 233 -17.96 -3.18 39.71
C ASP A 233 -19.05 -4.25 39.65
N HIS A 234 -19.12 -4.93 38.51
CA HIS A 234 -20.10 -5.99 38.30
C HIS A 234 -19.45 -7.36 38.40
N LYS A 235 -18.45 -7.47 39.27
CA LYS A 235 -17.74 -8.73 39.48
C LYS A 235 -18.58 -9.76 40.21
N ALA A 236 -19.20 -9.34 41.31
CA ALA A 236 -19.97 -10.24 42.16
C ALA A 236 -21.04 -11.03 41.41
N LEU A 237 -21.36 -12.21 41.93
CA LEU A 237 -22.37 -13.07 41.31
C LEU A 237 -23.80 -12.55 41.52
N ASP A 238 -23.98 -11.75 42.57
CA ASP A 238 -25.29 -11.14 42.83
C ASP A 238 -25.29 -9.70 42.34
N PRO A 239 -26.08 -9.42 41.30
CA PRO A 239 -26.18 -8.08 40.70
C PRO A 239 -26.52 -7.00 41.72
N ALA A 240 -27.29 -7.35 42.74
CA ALA A 240 -27.70 -6.41 43.78
C ALA A 240 -26.51 -5.88 44.57
N ASP A 241 -25.40 -6.61 44.52
CA ASP A 241 -24.20 -6.23 45.26
C ASP A 241 -23.23 -5.41 44.42
N TRP A 242 -23.58 -5.17 43.16
CA TRP A 242 -22.72 -4.38 42.27
C TRP A 242 -22.64 -2.93 42.74
N THR A 243 -21.47 -2.32 42.55
CA THR A 243 -21.22 -0.97 43.04
C THR A 243 -20.46 -0.12 42.03
N VAL A 244 -20.60 1.20 42.15
CA VAL A 244 -19.74 2.13 41.42
C VAL A 244 -18.61 2.54 42.36
N GLN A 245 -17.37 2.39 41.89
CA GLN A 245 -16.21 2.60 42.75
C GLN A 245 -15.62 4.00 42.62
N LYS A 246 -15.89 4.66 41.50
CA LYS A 246 -15.43 6.02 41.27
C LYS A 246 -16.17 6.64 40.09
N VAL A 247 -16.30 7.96 40.10
CA VAL A 247 -16.95 8.68 39.01
C VAL A 247 -16.06 9.78 38.45
N PHE A 248 -16.10 9.92 37.13
CA PHE A 248 -15.38 10.96 36.43
C PHE A 248 -16.37 11.93 35.82
N PHE A 249 -16.39 13.16 36.33
CA PHE A 249 -17.27 14.17 35.74
C PHE A 249 -16.50 15.32 35.09
N GLN A 250 -16.45 15.30 33.76
CA GLN A 250 -15.92 16.40 32.98
C GLN A 250 -14.56 16.90 33.45
N GLY A 251 -13.64 15.98 33.74
CA GLY A 251 -12.29 16.36 34.11
C GLY A 251 -11.91 16.06 35.54
N ARG A 252 -12.91 16.03 36.42
CA ARG A 252 -12.68 15.76 37.83
C ARG A 252 -13.14 14.37 38.24
N TYR A 253 -12.45 13.80 39.23
CA TYR A 253 -12.79 12.48 39.75
C TYR A 253 -13.53 12.59 41.08
N TYR A 254 -14.53 11.74 41.27
CA TYR A 254 -15.30 11.73 42.51
C TYR A 254 -15.44 10.32 43.05
N GLU A 255 -15.70 10.21 44.35
CA GLU A 255 -15.85 8.90 44.98
C GLU A 255 -17.16 8.26 44.55
N ASN A 256 -18.25 8.99 44.72
CA ASN A 256 -19.57 8.53 44.31
C ASN A 256 -20.38 9.64 43.64
N LEU A 257 -21.55 9.30 43.11
CA LEU A 257 -22.40 10.27 42.43
C LEU A 257 -23.05 11.24 43.41
N ALA A 258 -23.43 10.72 44.58
CA ALA A 258 -24.01 11.55 45.62
C ALA A 258 -23.08 12.70 45.96
N GLN A 259 -21.81 12.40 46.13
CA GLN A 259 -20.79 13.40 46.40
C GLN A 259 -20.70 14.43 45.27
N LEU A 260 -20.78 13.95 44.03
CA LEU A 260 -20.79 14.83 42.88
C LEU A 260 -21.98 15.79 42.95
N GLU A 261 -23.15 15.23 43.26
CA GLU A 261 -24.35 16.04 43.45
C GLU A 261 -24.15 17.01 44.61
N GLU A 262 -23.69 16.48 45.74
CA GLU A 262 -23.43 17.29 46.93
C GLU A 262 -22.50 18.46 46.61
N GLN A 263 -21.38 18.15 45.97
CA GLN A 263 -20.41 19.16 45.56
C GLN A 263 -21.04 20.22 44.67
N PHE A 264 -21.91 19.77 43.77
CA PHE A 264 -22.59 20.66 42.82
C PHE A 264 -23.57 21.61 43.51
N GLU A 265 -24.36 21.06 44.43
CA GLU A 265 -25.34 21.85 45.19
C GLU A 265 -24.65 22.96 45.97
N ALA A 266 -23.45 22.66 46.46
CA ALA A 266 -22.67 23.63 47.23
C ALA A 266 -22.01 24.67 46.32
N GLY A 267 -22.21 24.51 45.00
CA GLY A 267 -21.63 25.42 44.02
C GLY A 267 -20.15 25.17 43.82
N GLN A 268 -19.70 23.96 44.16
CA GLN A 268 -18.30 23.61 44.05
C GLN A 268 -18.01 22.80 42.79
N VAL A 269 -18.91 22.89 41.81
CA VAL A 269 -18.75 22.19 40.55
C VAL A 269 -19.20 23.05 39.36
N ASN A 270 -18.28 23.28 38.42
CA ASN A 270 -18.64 23.91 37.16
C ASN A 270 -19.13 22.87 36.18
N VAL A 271 -20.27 23.13 35.54
CA VAL A 271 -20.86 22.17 34.63
C VAL A 271 -20.99 22.73 33.22
N VAL A 272 -20.37 22.03 32.27
CA VAL A 272 -20.53 22.37 30.86
C VAL A 272 -21.80 21.72 30.34
N VAL A 273 -22.82 22.53 30.09
CA VAL A 273 -24.08 22.02 29.56
C VAL A 273 -23.87 21.54 28.13
N ILE A 274 -24.39 20.34 27.83
CA ILE A 274 -24.18 19.74 26.52
C ILE A 274 -25.40 19.94 25.63
N PRO A 275 -25.18 20.51 24.43
CA PRO A 275 -26.21 20.81 23.43
C PRO A 275 -27.24 19.70 23.26
N ASP A 276 -28.51 20.09 23.29
CA ASP A 276 -29.63 19.17 23.11
C ASP A 276 -29.66 18.10 24.21
N ARG A 305 -18.07 -18.84 -15.15
CA ARG A 305 -16.77 -18.67 -14.50
C ARG A 305 -16.77 -19.23 -13.09
N PHE A 306 -17.64 -18.71 -12.23
CA PHE A 306 -17.69 -19.14 -10.84
C PHE A 306 -19.09 -19.37 -10.29
N SER A 307 -19.18 -20.22 -9.28
CA SER A 307 -20.41 -20.44 -8.52
C SER A 307 -20.01 -20.83 -7.10
N VAL A 308 -21.01 -21.00 -6.24
CA VAL A 308 -20.74 -21.40 -4.86
C VAL A 308 -21.77 -22.40 -4.33
N GLN A 309 -21.27 -23.57 -3.94
CA GLN A 309 -22.12 -24.66 -3.45
C GLN A 309 -21.84 -24.89 -1.97
N GLY A 310 -22.75 -24.42 -1.11
CA GLY A 310 -22.58 -24.57 0.33
C GLY A 310 -21.46 -23.69 0.87
N ASN A 311 -20.41 -24.32 1.36
CA ASN A 311 -19.29 -23.59 1.95
C ASN A 311 -18.12 -23.41 0.98
N ARG A 312 -18.27 -23.84 -0.27
CA ARG A 312 -17.16 -23.80 -1.21
C ARG A 312 -17.38 -22.92 -2.43
N VAL A 313 -16.37 -22.12 -2.74
CA VAL A 313 -16.38 -21.30 -3.96
C VAL A 313 -15.61 -22.02 -5.05
N ALA A 314 -16.15 -21.98 -6.27
CA ALA A 314 -15.51 -22.64 -7.40
C ALA A 314 -15.52 -21.79 -8.65
N SER A 315 -14.47 -20.97 -8.81
CA SER A 315 -14.26 -20.26 -10.05
C SER A 315 -13.47 -21.15 -10.99
N SER A 316 -13.25 -20.70 -12.22
CA SER A 316 -12.48 -21.48 -13.18
C SER A 316 -11.01 -21.58 -12.77
N LEU A 317 -10.60 -20.70 -11.86
CA LEU A 317 -9.20 -20.63 -11.44
C LEU A 317 -9.00 -21.03 -9.97
N TRP A 318 -9.99 -20.76 -9.13
CA TRP A 318 -9.83 -20.96 -7.69
C TRP A 318 -10.84 -21.93 -7.06
N THR A 319 -10.43 -22.48 -5.92
CA THR A 319 -11.29 -23.33 -5.10
C THR A 319 -10.91 -23.15 -3.64
N PHE A 320 -11.91 -22.89 -2.81
CA PHE A 320 -11.69 -22.80 -1.36
C PHE A 320 -12.99 -22.94 -0.58
N SER A 321 -12.86 -23.32 0.69
CA SER A 321 -14.00 -23.42 1.57
C SER A 321 -14.01 -22.24 2.54
N PHE A 322 -15.06 -21.43 2.47
CA PHE A 322 -15.16 -20.24 3.31
C PHE A 322 -16.02 -20.51 4.54
N GLY A 323 -15.87 -19.65 5.55
CA GLY A 323 -16.61 -19.78 6.79
C GLY A 323 -16.45 -18.57 7.69
N LEU A 324 -16.89 -18.71 8.95
CA LEU A 324 -16.85 -17.60 9.89
C LEU A 324 -16.89 -18.10 11.33
N GLY A 325 -15.82 -17.83 12.08
CA GLY A 325 -15.77 -18.16 13.49
C GLY A 325 -16.56 -17.14 14.29
N ALA A 326 -17.27 -17.61 15.31
CA ALA A 326 -18.09 -16.73 16.14
C ALA A 326 -17.27 -15.61 16.77
N PHE A 327 -15.97 -15.86 16.93
CA PHE A 327 -15.09 -14.91 17.60
C PHE A 327 -13.91 -14.49 16.73
N SER A 328 -13.32 -15.45 16.03
CA SER A 328 -12.12 -15.20 15.24
C SER A 328 -12.42 -14.39 13.97
N GLY A 329 -13.56 -14.67 13.35
CA GLY A 329 -13.94 -13.99 12.13
C GLY A 329 -13.77 -14.83 10.89
N PRO A 330 -13.77 -14.19 9.71
CA PRO A 330 -13.72 -14.84 8.40
C PRO A 330 -12.48 -15.68 8.18
N ARG A 331 -12.62 -16.74 7.39
CA ARG A 331 -11.56 -17.73 7.21
C ARG A 331 -11.77 -18.48 5.90
N VAL A 332 -10.68 -19.01 5.36
CA VAL A 332 -10.71 -19.80 4.13
C VAL A 332 -9.85 -21.04 4.29
N PHE A 333 -10.34 -22.17 3.82
CA PHE A 333 -9.60 -23.43 3.90
C PHE A 333 -9.44 -24.07 2.53
N ASP A 334 -8.37 -24.85 2.37
CA ASP A 334 -8.17 -25.65 1.17
C ASP A 334 -8.12 -24.76 -0.08
N VAL A 335 -7.33 -23.69 -0.02
CA VAL A 335 -7.20 -22.76 -1.14
C VAL A 335 -6.42 -23.40 -2.27
N ARG A 336 -7.03 -23.52 -3.44
CA ARG A 336 -6.40 -24.19 -4.56
C ARG A 336 -6.45 -23.36 -5.84
N PHE A 337 -5.27 -23.00 -6.34
CA PHE A 337 -5.15 -22.35 -7.64
C PHE A 337 -4.91 -23.38 -8.73
N GLN A 338 -5.90 -23.55 -9.61
CA GLN A 338 -5.83 -24.52 -10.70
C GLN A 338 -5.62 -25.95 -10.20
N GLY A 339 -6.32 -26.30 -9.13
CA GLY A 339 -6.33 -27.67 -8.63
C GLY A 339 -5.22 -28.00 -7.64
N GLU A 340 -4.31 -27.05 -7.43
CA GLU A 340 -3.21 -27.26 -6.50
C GLU A 340 -3.37 -26.41 -5.25
N ARG A 341 -3.20 -27.05 -4.08
CA ARG A 341 -3.35 -26.36 -2.81
C ARG A 341 -2.16 -25.47 -2.48
N LEU A 342 -2.45 -24.23 -2.12
CA LEU A 342 -1.42 -23.27 -1.72
C LEU A 342 -1.41 -23.11 -0.21
N ALA A 343 -2.59 -23.09 0.38
CA ALA A 343 -2.73 -22.89 1.82
C ALA A 343 -3.86 -23.73 2.40
N TYR A 344 -3.59 -24.40 3.51
CA TYR A 344 -4.61 -25.18 4.21
C TYR A 344 -5.64 -24.26 4.85
N GLU A 345 -5.16 -23.13 5.37
CA GLU A 345 -6.02 -22.18 6.06
C GLU A 345 -5.49 -20.75 6.00
N ILE A 346 -6.38 -19.81 5.69
CA ILE A 346 -6.10 -18.39 5.84
C ILE A 346 -7.27 -17.75 6.58
N SER A 347 -7.02 -17.30 7.80
CA SER A 347 -8.09 -16.84 8.68
C SER A 347 -7.71 -15.60 9.48
N LEU A 348 -8.70 -14.76 9.75
CA LEU A 348 -8.52 -13.68 10.71
C LEU A 348 -8.42 -14.29 12.10
N GLN A 349 -7.54 -13.73 12.92
CA GLN A 349 -7.28 -14.28 14.25
C GLN A 349 -7.74 -13.36 15.36
N GLU A 350 -7.39 -12.09 15.25
CA GLU A 350 -7.71 -11.11 16.29
C GLU A 350 -7.70 -9.70 15.74
N ALA A 351 -8.60 -8.87 16.26
CA ALA A 351 -8.65 -7.45 15.91
C ALA A 351 -8.42 -6.59 17.15
N GLY A 352 -7.45 -5.70 17.07
CA GLY A 352 -7.09 -4.88 18.23
C GLY A 352 -7.24 -3.39 18.03
N ALA A 353 -7.39 -2.68 19.14
CA ALA A 353 -7.46 -1.23 19.14
C ALA A 353 -6.87 -0.68 20.44
N VAL A 354 -5.99 0.30 20.32
CA VAL A 354 -5.34 0.91 21.48
C VAL A 354 -5.57 2.41 21.50
N TYR A 355 -6.22 2.92 22.54
CA TYR A 355 -6.59 4.33 22.60
C TYR A 355 -5.72 5.17 23.54
N GLY A 356 -5.90 6.48 23.46
CA GLY A 356 -5.28 7.42 24.37
C GLY A 356 -6.25 8.54 24.68
N GLY A 357 -6.02 9.26 25.77
CA GLY A 357 -6.90 10.35 26.17
C GLY A 357 -6.71 10.72 27.64
N ASN A 358 -7.35 11.79 28.07
CA ASN A 358 -7.33 12.17 29.47
C ASN A 358 -8.66 11.88 30.17
N THR A 359 -9.53 11.16 29.46
CA THR A 359 -10.76 10.63 30.03
C THR A 359 -10.57 9.13 30.24
N PRO A 360 -11.21 8.58 31.30
CA PRO A 360 -10.99 7.19 31.73
C PRO A 360 -11.01 6.15 30.62
N ALA A 361 -12.19 5.87 30.07
CA ALA A 361 -12.34 4.84 29.05
C ALA A 361 -11.34 5.01 27.91
N ALA A 362 -11.23 6.23 27.40
CA ALA A 362 -10.33 6.53 26.29
C ALA A 362 -8.87 6.25 26.61
N MET A 363 -8.48 6.44 27.87
CA MET A 363 -7.08 6.25 28.25
C MET A 363 -6.75 4.79 28.56
N LEU A 364 -7.76 3.99 28.91
CA LEU A 364 -7.53 2.62 29.37
C LEU A 364 -7.83 1.55 28.32
N THR A 365 -8.63 1.90 27.33
CA THR A 365 -9.16 0.91 26.38
C THR A 365 -8.12 0.25 25.49
N ARG A 366 -7.96 -1.06 25.67
CA ARG A 366 -7.18 -1.88 24.76
C ARG A 366 -8.07 -3.04 24.31
N TYR A 367 -8.38 -3.11 23.03
CA TYR A 367 -9.33 -4.10 22.55
C TYR A 367 -8.72 -5.38 21.98
N MET A 368 -9.37 -6.49 22.32
CA MET A 368 -9.11 -7.78 21.69
C MET A 368 -10.47 -8.30 21.22
N ASP A 369 -10.96 -7.69 20.15
CA ASP A 369 -12.35 -7.79 19.71
C ASP A 369 -12.97 -9.20 19.66
N SER A 370 -12.13 -10.23 19.58
CA SER A 370 -12.62 -11.60 19.55
C SER A 370 -13.28 -11.95 20.89
N GLY A 371 -13.08 -11.10 21.89
CA GLY A 371 -13.76 -11.24 23.16
C GLY A 371 -15.22 -10.85 23.05
N PHE A 372 -15.57 -10.18 21.96
CA PHE A 372 -16.95 -9.83 21.67
C PHE A 372 -17.48 -10.65 20.51
N GLY A 373 -16.66 -10.83 19.49
CA GLY A 373 -16.99 -11.70 18.37
C GLY A 373 -17.05 -11.01 17.02
N MET A 374 -16.00 -11.20 16.22
CA MET A 374 -15.99 -10.69 14.85
C MET A 374 -17.05 -11.37 14.01
N GLY A 375 -17.41 -12.59 14.39
CA GLY A 375 -18.49 -13.33 13.72
C GLY A 375 -19.82 -13.05 14.37
N TYR A 376 -19.87 -13.15 15.70
CA TYR A 376 -21.07 -12.87 16.47
C TYR A 376 -21.59 -11.46 16.17
N PHE A 377 -20.66 -10.54 15.89
CA PHE A 377 -21.03 -9.16 15.58
C PHE A 377 -20.98 -8.85 14.10
N ALA A 378 -20.96 -9.88 13.27
CA ALA A 378 -21.03 -9.70 11.82
C ALA A 378 -22.41 -9.17 11.45
N THR A 379 -22.47 -8.42 10.36
CA THR A 379 -23.73 -7.80 9.94
C THR A 379 -24.11 -8.20 8.52
N PRO A 380 -25.41 -8.08 8.19
CA PRO A 380 -25.89 -8.36 6.83
C PRO A 380 -25.28 -7.38 5.83
N LEU A 381 -24.78 -7.91 4.73
CA LEU A 381 -24.20 -7.08 3.69
C LEU A 381 -25.29 -6.39 2.88
N ILE A 382 -25.29 -5.06 2.92
CA ILE A 382 -26.28 -4.27 2.19
C ILE A 382 -26.02 -4.36 0.70
N ARG A 383 -26.89 -5.09 0.00
CA ARG A 383 -26.74 -5.30 -1.44
C ARG A 383 -26.73 -3.97 -2.19
N GLY A 384 -25.75 -3.82 -3.08
CA GLY A 384 -25.61 -2.59 -3.85
C GLY A 384 -24.75 -1.56 -3.14
N VAL A 385 -24.41 -1.84 -1.89
CA VAL A 385 -23.59 -0.94 -1.08
C VAL A 385 -22.29 -1.62 -0.65
N ASP A 386 -22.43 -2.68 0.14
CA ASP A 386 -21.27 -3.43 0.62
C ASP A 386 -20.72 -4.35 -0.48
N CYS A 387 -21.62 -4.84 -1.32
CA CYS A 387 -21.25 -5.69 -2.45
C CYS A 387 -22.14 -5.36 -3.64
N PRO A 388 -21.62 -5.54 -4.87
CA PRO A 388 -22.41 -5.35 -6.08
C PRO A 388 -23.77 -6.02 -5.97
N TYR A 389 -24.82 -5.33 -6.43
CA TYR A 389 -26.18 -5.84 -6.34
C TYR A 389 -26.32 -7.30 -6.74
N LEU A 390 -25.54 -7.72 -7.74
CA LEU A 390 -25.69 -9.04 -8.32
C LEU A 390 -24.61 -10.03 -7.91
N ALA A 391 -23.99 -9.78 -6.75
CA ALA A 391 -23.01 -10.70 -6.20
C ALA A 391 -23.72 -11.94 -5.63
N THR A 392 -22.94 -12.96 -5.29
CA THR A 392 -23.51 -14.14 -4.67
C THR A 392 -23.43 -14.03 -3.15
N TYR A 393 -24.59 -13.93 -2.51
CA TYR A 393 -24.67 -13.74 -1.07
C TYR A 393 -24.99 -15.05 -0.36
N MET A 394 -24.37 -15.25 0.80
CA MET A 394 -24.58 -16.46 1.59
C MET A 394 -24.89 -16.15 3.04
N ASP A 395 -25.76 -16.94 3.65
CA ASP A 395 -26.16 -16.74 5.05
C ASP A 395 -25.20 -17.42 6.01
N TRP A 396 -25.32 -17.07 7.29
CA TRP A 396 -24.50 -17.66 8.34
C TRP A 396 -25.38 -18.05 9.52
N HIS A 397 -24.95 -19.04 10.29
CA HIS A 397 -25.70 -19.45 11.47
C HIS A 397 -24.81 -19.53 12.70
N PHE A 398 -25.37 -19.19 13.85
CA PHE A 398 -24.61 -19.14 15.09
C PHE A 398 -25.48 -19.35 16.31
N VAL A 399 -24.85 -19.78 17.39
CA VAL A 399 -25.49 -19.77 18.70
C VAL A 399 -24.55 -19.14 19.72
N VAL A 400 -24.82 -17.87 20.04
CA VAL A 400 -24.09 -17.15 21.07
C VAL A 400 -25.10 -16.44 21.95
N GLU A 401 -25.10 -16.76 23.25
CA GLU A 401 -26.06 -16.20 24.19
C GLU A 401 -27.50 -16.47 23.75
N SER A 402 -27.76 -17.70 23.33
CA SER A 402 -29.09 -18.11 22.88
C SER A 402 -29.18 -19.63 22.84
N GLN A 403 -30.30 -20.18 23.27
CA GLN A 403 -30.50 -21.63 23.21
C GLN A 403 -31.24 -22.04 21.95
N THR A 404 -31.31 -21.12 21.00
CA THR A 404 -31.87 -21.38 19.68
C THR A 404 -31.01 -20.72 18.61
N PRO A 405 -30.69 -21.45 17.54
CA PRO A 405 -29.83 -20.97 16.46
C PRO A 405 -30.37 -19.70 15.81
N LYS A 406 -29.48 -18.74 15.56
CA LYS A 406 -29.85 -17.52 14.85
C LYS A 406 -29.25 -17.51 13.44
N THR A 407 -29.91 -16.80 12.52
CA THR A 407 -29.44 -16.73 11.15
C THR A 407 -28.94 -15.33 10.81
N LEU A 408 -27.72 -15.26 10.26
CA LEU A 408 -27.18 -14.02 9.78
C LEU A 408 -27.34 -13.96 8.27
N HIS A 409 -28.38 -13.26 7.81
CA HIS A 409 -28.66 -13.14 6.39
C HIS A 409 -27.56 -12.38 5.65
N ASP A 410 -27.20 -12.89 4.48
CA ASP A 410 -26.17 -12.28 3.66
C ASP A 410 -24.93 -11.95 4.47
N ALA A 411 -24.46 -12.93 5.24
CA ALA A 411 -23.25 -12.77 6.04
C ALA A 411 -22.03 -12.67 5.13
N PHE A 412 -22.08 -13.36 3.99
CA PHE A 412 -20.99 -13.35 3.03
C PHE A 412 -21.45 -12.86 1.66
N CYS A 413 -20.49 -12.40 0.86
CA CYS A 413 -20.73 -12.10 -0.54
C CYS A 413 -19.47 -12.42 -1.33
N VAL A 414 -19.63 -13.15 -2.44
CA VAL A 414 -18.51 -13.48 -3.31
C VAL A 414 -18.80 -12.96 -4.72
N PHE A 415 -17.84 -12.25 -5.29
CA PHE A 415 -18.04 -11.66 -6.61
C PHE A 415 -16.74 -11.37 -7.37
N GLU A 416 -16.86 -11.29 -8.68
CA GLU A 416 -15.75 -10.91 -9.55
C GLU A 416 -15.76 -9.41 -9.78
N GLN A 417 -14.60 -8.79 -9.63
CA GLN A 417 -14.47 -7.35 -9.83
C GLN A 417 -13.50 -7.10 -10.96
N ASN A 418 -13.94 -6.40 -12.00
CA ASN A 418 -13.02 -5.95 -13.03
C ASN A 418 -12.13 -4.87 -12.42
N LYS A 419 -10.86 -5.21 -12.22
CA LYS A 419 -9.94 -4.35 -11.48
C LYS A 419 -9.91 -2.91 -12.00
N GLY A 420 -10.18 -2.74 -13.29
CA GLY A 420 -10.20 -1.41 -13.90
C GLY A 420 -8.84 -1.02 -14.45
N LEU A 421 -7.90 -1.96 -14.38
CA LEU A 421 -6.53 -1.75 -14.83
C LEU A 421 -6.06 -3.01 -15.55
N PRO A 422 -5.45 -2.85 -16.74
CA PRO A 422 -5.03 -3.99 -17.54
C PRO A 422 -4.02 -4.89 -16.83
N LEU A 423 -4.30 -6.20 -16.82
CA LEU A 423 -3.39 -7.18 -16.24
C LEU A 423 -2.05 -7.14 -16.97
N ARG A 424 -2.12 -7.05 -18.30
CA ARG A 424 -0.94 -6.98 -19.14
C ARG A 424 -1.33 -6.35 -20.48
N ARG A 425 -0.34 -5.88 -21.23
CA ARG A 425 -0.59 -5.23 -22.51
C ARG A 425 0.12 -5.95 -23.66
N GLY A 436 -4.49 -6.00 -28.08
CA GLY A 436 -3.31 -5.56 -27.35
C GLY A 436 -2.98 -6.47 -26.18
N GLY A 437 -3.73 -6.32 -25.09
CA GLY A 437 -3.48 -7.09 -23.88
C GLY A 437 -4.73 -7.69 -23.26
N VAL A 438 -4.75 -7.80 -21.94
CA VAL A 438 -5.87 -8.45 -21.25
C VAL A 438 -6.35 -7.69 -20.01
N ALA A 439 -7.64 -7.81 -19.73
CA ALA A 439 -8.26 -7.16 -18.57
C ALA A 439 -7.93 -7.92 -17.29
N GLN A 440 -8.11 -7.24 -16.15
CA GLN A 440 -7.78 -7.83 -14.87
C GLN A 440 -9.03 -7.94 -13.99
N THR A 441 -9.50 -9.17 -13.80
CA THR A 441 -10.68 -9.39 -12.96
C THR A 441 -10.33 -10.32 -11.78
N VAL A 442 -10.86 -10.00 -10.61
CA VAL A 442 -10.53 -10.73 -9.40
C VAL A 442 -11.78 -11.28 -8.70
N LEU A 443 -11.59 -12.31 -7.89
CA LEU A 443 -12.66 -12.87 -7.09
C LEU A 443 -12.59 -12.29 -5.69
N VAL A 444 -13.72 -11.80 -5.18
CA VAL A 444 -13.73 -11.13 -3.88
C VAL A 444 -14.65 -11.81 -2.87
N PHE A 445 -14.06 -12.27 -1.77
CA PHE A 445 -14.82 -12.83 -0.66
C PHE A 445 -14.91 -11.80 0.46
N ARG A 446 -16.12 -11.31 0.73
CA ARG A 446 -16.32 -10.26 1.71
C ARG A 446 -17.19 -10.63 2.91
N SER A 447 -16.91 -9.96 4.03
CA SER A 447 -17.73 -10.04 5.24
C SER A 447 -17.49 -8.76 6.04
N VAL A 448 -18.46 -8.38 6.86
CA VAL A 448 -18.36 -7.13 7.63
C VAL A 448 -18.70 -7.34 9.11
N SER A 449 -17.78 -6.93 9.97
CA SER A 449 -18.01 -6.96 11.42
C SER A 449 -18.40 -5.58 11.92
N THR A 450 -19.42 -5.52 12.76
CA THR A 450 -19.93 -4.24 13.25
C THR A 450 -20.19 -4.24 14.76
N MET A 451 -19.60 -3.28 15.45
CA MET A 451 -19.82 -3.11 16.88
C MET A 451 -20.05 -1.63 17.19
N LEU A 452 -21.28 -1.31 17.61
CA LEU A 452 -21.66 0.06 17.91
C LEU A 452 -21.40 0.99 16.72
N ASN A 453 -21.97 0.63 15.57
CA ASN A 453 -21.75 1.38 14.33
C ASN A 453 -20.27 1.58 14.02
N TPQ A 454 -19.09 1.18 14.51
CA TPQ A 454 -17.70 1.09 14.12
CB TPQ A 454 -16.82 1.02 15.36
C TPQ A 454 -17.53 -0.16 13.28
O TPQ A 454 -18.21 -1.14 13.51
C1 TPQ A 454 -15.56 1.86 15.23
C2 TPQ A 454 -14.68 2.04 16.41
O2 TPQ A 454 -15.00 1.46 17.60
C3 TPQ A 454 -13.52 2.80 16.31
C4 TPQ A 454 -13.19 3.39 15.09
O4 TPQ A 454 -12.05 4.14 14.99
C5 TPQ A 454 -14.07 3.21 13.91
O5 TPQ A 454 -13.75 3.80 12.72
C6 TPQ A 454 -15.23 2.45 14.01
N ASP A 455 -16.98 -0.49 12.12
CA ASP A 455 -17.17 -1.40 11.00
C ASP A 455 -15.86 -1.89 10.42
N TYR A 456 -15.58 -3.18 10.60
CA TYR A 456 -14.47 -3.83 9.92
C TYR A 456 -14.98 -4.53 8.68
N VAL A 457 -14.50 -4.12 7.51
CA VAL A 457 -14.83 -4.84 6.28
C VAL A 457 -13.65 -5.72 5.85
N TRP A 458 -13.87 -7.02 5.90
CA TRP A 458 -12.81 -8.00 5.66
C TRP A 458 -12.78 -8.45 4.20
N ASP A 459 -11.63 -8.30 3.55
CA ASP A 459 -11.49 -8.67 2.15
C ASP A 459 -10.37 -9.69 1.92
N MET A 460 -10.65 -10.65 1.04
CA MET A 460 -9.64 -11.59 0.55
C MET A 460 -9.82 -11.73 -0.97
N VAL A 461 -8.99 -11.02 -1.73
CA VAL A 461 -9.11 -11.06 -3.18
C VAL A 461 -8.11 -12.02 -3.84
N PHE A 462 -8.64 -12.94 -4.64
CA PHE A 462 -7.85 -13.95 -5.31
C PHE A 462 -7.62 -13.57 -6.77
N TYR A 463 -6.35 -13.45 -7.14
CA TYR A 463 -5.99 -12.99 -8.48
C TYR A 463 -5.81 -14.13 -9.47
N PRO A 464 -6.09 -13.85 -10.76
CA PRO A 464 -6.01 -14.85 -11.84
C PRO A 464 -4.60 -15.37 -12.08
N ASN A 465 -3.62 -14.80 -11.37
CA ASN A 465 -2.23 -15.24 -11.50
C ASN A 465 -1.75 -16.02 -10.28
N GLY A 466 -2.66 -16.35 -9.38
CA GLY A 466 -2.33 -17.14 -8.21
C GLY A 466 -2.08 -16.33 -6.96
N ALA A 467 -2.09 -15.00 -7.10
CA ALA A 467 -1.85 -14.10 -5.99
C ALA A 467 -3.10 -13.92 -5.12
N ILE A 468 -2.87 -13.68 -3.83
CA ILE A 468 -3.98 -13.46 -2.90
C ILE A 468 -3.76 -12.19 -2.08
N GLU A 469 -4.73 -11.30 -2.12
CA GLU A 469 -4.67 -10.07 -1.34
C GLU A 469 -5.67 -10.09 -0.19
N VAL A 470 -5.15 -10.09 1.03
CA VAL A 470 -6.00 -10.02 2.21
C VAL A 470 -6.03 -8.57 2.71
N LYS A 471 -7.22 -7.97 2.73
CA LYS A 471 -7.35 -6.56 3.07
C LYS A 471 -8.41 -6.26 4.12
N LEU A 472 -8.11 -5.27 4.95
CA LEU A 472 -9.02 -4.80 6.00
C LEU A 472 -9.24 -3.30 5.89
N HIS A 473 -10.51 -2.89 5.91
CA HIS A 473 -10.85 -1.47 5.96
C HIS A 473 -11.69 -1.19 7.19
N ALA A 474 -11.42 -0.07 7.85
CA ALA A 474 -12.27 0.41 8.94
C ALA A 474 -13.17 1.52 8.40
N THR A 475 -14.28 1.76 9.08
CA THR A 475 -15.21 2.82 8.69
C THR A 475 -16.32 2.97 9.72
N GLY A 476 -17.06 4.07 9.64
CA GLY A 476 -18.17 4.31 10.55
C GLY A 476 -17.87 5.36 11.60
N TYR A 477 -18.57 5.27 12.72
CA TYR A 477 -18.48 6.28 13.77
C TYR A 477 -17.29 6.04 14.69
N ILE A 478 -16.45 7.06 14.85
CA ILE A 478 -15.34 6.99 15.79
C ILE A 478 -15.83 7.19 17.22
N SER A 479 -15.04 6.71 18.17
CA SER A 479 -15.34 6.92 19.58
C SER A 479 -15.00 8.36 19.95
N SER A 480 -15.87 8.98 20.74
CA SER A 480 -15.66 10.37 21.17
C SER A 480 -15.40 10.45 22.67
N ALA A 481 -14.85 11.58 23.09
CA ALA A 481 -14.58 11.81 24.51
C ALA A 481 -14.83 13.27 24.85
N PHE A 482 -15.15 13.54 26.11
CA PHE A 482 -15.38 14.92 26.55
C PHE A 482 -14.10 15.72 26.45
N LEU A 483 -14.18 16.86 25.76
CA LEU A 483 -13.02 17.70 25.53
C LEU A 483 -12.71 18.61 26.72
N PHE A 484 -11.55 18.36 27.35
CA PHE A 484 -11.09 19.19 28.45
C PHE A 484 -9.58 19.06 28.61
N GLY A 485 -8.97 20.04 29.29
CA GLY A 485 -7.55 19.99 29.61
C GLY A 485 -6.63 19.77 28.43
N ALA A 486 -5.60 18.95 28.64
CA ALA A 486 -4.62 18.67 27.59
C ALA A 486 -5.15 17.63 26.60
N ALA A 487 -6.38 17.82 26.16
CA ALA A 487 -7.05 16.87 25.27
C ALA A 487 -6.38 16.76 23.90
N ARG A 488 -5.84 17.88 23.41
CA ARG A 488 -5.17 17.88 22.11
C ARG A 488 -3.85 17.11 22.13
N ARG A 489 -3.40 16.75 23.33
CA ARG A 489 -2.24 15.90 23.49
C ARG A 489 -2.65 14.47 23.16
N TYR A 490 -3.97 14.26 23.13
CA TYR A 490 -4.54 12.93 22.91
C TYR A 490 -5.49 12.91 21.72
N GLY A 491 -5.29 13.82 20.78
CA GLY A 491 -6.12 13.86 19.57
C GLY A 491 -6.54 15.24 19.15
N ASN A 492 -7.61 15.31 18.35
CA ASN A 492 -8.11 16.58 17.85
C ASN A 492 -9.57 16.80 18.22
N GLN A 493 -9.93 18.05 18.48
CA GLN A 493 -11.33 18.41 18.72
C GLN A 493 -12.11 18.27 17.41
N VAL A 494 -13.18 17.49 17.44
CA VAL A 494 -13.98 17.24 16.24
C VAL A 494 -15.38 17.84 16.35
N GLY A 495 -15.67 18.44 17.50
CA GLY A 495 -16.93 19.11 17.74
C GLY A 495 -16.82 19.97 18.97
N GLU A 496 -17.93 20.58 19.38
CA GLU A 496 -17.94 21.35 20.62
C GLU A 496 -17.97 20.42 21.83
N HIS A 497 -16.93 20.52 22.66
CA HIS A 497 -16.76 19.66 23.83
C HIS A 497 -16.52 18.19 23.43
N THR A 498 -16.02 17.98 22.22
CA THR A 498 -15.79 16.63 21.73
C THR A 498 -14.38 16.43 21.20
N LEU A 499 -13.70 15.42 21.74
CA LEU A 499 -12.37 15.05 21.28
C LEU A 499 -12.43 13.75 20.50
N GLY A 500 -11.59 13.64 19.49
CA GLY A 500 -11.39 12.38 18.78
C GLY A 500 -10.09 11.77 19.27
N PRO A 501 -10.18 10.82 20.22
CA PRO A 501 -9.01 10.24 20.88
C PRO A 501 -8.14 9.43 19.94
N VAL A 502 -6.82 9.50 20.13
CA VAL A 502 -5.89 8.72 19.33
C VAL A 502 -6.15 7.24 19.54
N HIS A 503 -5.82 6.45 18.53
CA HIS A 503 -5.93 5.00 18.65
C HIS A 503 -5.27 4.30 17.45
N THR A 504 -4.78 3.09 17.70
CA THR A 504 -4.21 2.28 16.64
C THR A 504 -5.13 1.12 16.32
N HIS A 505 -5.24 0.78 15.04
CA HIS A 505 -5.99 -0.40 14.63
C HIS A 505 -5.00 -1.49 14.23
N SER A 506 -5.32 -2.73 14.58
CA SER A 506 -4.45 -3.85 14.27
C SER A 506 -5.24 -5.12 14.02
N ALA A 507 -4.70 -5.99 13.16
CA ALA A 507 -5.33 -7.25 12.85
C ALA A 507 -4.28 -8.34 12.66
N HIS A 508 -4.56 -9.52 13.19
CA HIS A 508 -3.64 -10.64 13.05
C HIS A 508 -4.24 -11.71 12.15
N TYR A 509 -3.47 -12.18 11.18
CA TYR A 509 -3.92 -13.21 10.26
C TYR A 509 -3.07 -14.47 10.35
N LYS A 510 -3.73 -15.62 10.30
CA LYS A 510 -3.05 -16.91 10.28
C LYS A 510 -2.95 -17.41 8.84
N VAL A 511 -1.75 -17.40 8.29
CA VAL A 511 -1.54 -17.84 6.91
C VAL A 511 -0.74 -19.14 6.87
N ASP A 512 -1.47 -20.27 6.91
CA ASP A 512 -0.84 -21.58 6.86
C ASP A 512 -0.56 -21.99 5.41
N LEU A 513 0.56 -21.51 4.87
CA LEU A 513 0.94 -21.83 3.51
C LEU A 513 1.51 -23.25 3.42
N ASP A 514 1.00 -24.01 2.46
CA ASP A 514 1.54 -25.33 2.16
C ASP A 514 2.12 -25.33 0.76
N VAL A 515 3.19 -24.57 0.57
CA VAL A 515 3.81 -24.41 -0.74
C VAL A 515 4.39 -25.72 -1.25
N GLY A 516 3.77 -26.25 -2.29
CA GLY A 516 4.22 -27.50 -2.90
C GLY A 516 4.13 -28.68 -1.95
N GLY A 517 3.29 -28.56 -0.94
CA GLY A 517 3.15 -29.60 0.08
C GLY A 517 3.41 -29.07 1.49
N LEU A 518 3.45 -29.98 2.45
CA LEU A 518 3.65 -29.61 3.85
C LEU A 518 5.06 -29.13 4.16
N GLU A 519 6.05 -29.95 3.82
CA GLU A 519 7.44 -29.64 4.14
C GLU A 519 7.89 -28.35 3.47
N ASN A 520 8.04 -27.29 4.26
CA ASN A 520 8.39 -25.98 3.74
C ASN A 520 9.62 -25.37 4.39
N TRP A 521 10.31 -24.51 3.65
CA TRP A 521 11.42 -23.73 4.18
C TRP A 521 11.10 -22.24 4.06
N VAL A 522 11.93 -21.41 4.69
CA VAL A 522 11.77 -19.96 4.62
C VAL A 522 13.02 -19.32 4.03
N TRP A 523 12.84 -18.48 3.03
CA TRP A 523 13.96 -17.80 2.38
C TRP A 523 13.88 -16.29 2.57
N ALA A 524 15.04 -15.69 2.84
CA ALA A 524 15.15 -14.25 2.95
C ALA A 524 15.97 -13.71 1.79
N GLU A 525 15.31 -12.98 0.89
CA GLU A 525 16.01 -12.41 -0.26
C GLU A 525 15.95 -10.89 -0.26
N ASP A 526 17.06 -10.27 -0.60
CA ASP A 526 17.15 -8.82 -0.66
C ASP A 526 18.22 -8.37 -1.64
N MET A 527 18.45 -7.06 -1.71
CA MET A 527 19.42 -6.48 -2.63
C MET A 527 20.62 -5.92 -1.88
N ALA A 528 21.71 -5.71 -2.60
CA ALA A 528 22.92 -5.14 -2.00
C ALA A 528 23.81 -4.50 -3.07
N PHE A 529 24.60 -3.51 -2.65
CA PHE A 529 25.54 -2.85 -3.53
C PHE A 529 26.98 -3.16 -3.10
N VAL A 530 27.81 -3.56 -4.05
CA VAL A 530 29.22 -3.85 -3.77
C VAL A 530 30.12 -3.07 -4.71
N PRO A 531 30.93 -2.14 -4.16
CA PRO A 531 31.86 -1.38 -4.98
C PRO A 531 32.84 -2.29 -5.70
N THR A 532 32.74 -2.35 -7.03
CA THR A 532 33.58 -3.23 -7.82
C THR A 532 34.15 -2.48 -9.03
N ALA A 533 35.40 -2.78 -9.37
CA ALA A 533 36.04 -2.16 -10.52
C ALA A 533 35.34 -2.57 -11.81
N ILE A 534 35.26 -1.64 -12.76
CA ILE A 534 34.68 -1.95 -14.06
C ILE A 534 35.64 -2.81 -14.87
N PRO A 535 35.19 -4.01 -15.27
CA PRO A 535 36.01 -4.97 -16.01
C PRO A 535 36.66 -4.39 -17.26
N TRP A 536 35.95 -3.49 -17.95
CA TRP A 536 36.47 -2.91 -19.18
C TRP A 536 37.12 -1.54 -18.96
N SER A 537 37.21 -1.13 -17.70
CA SER A 537 37.88 0.12 -17.33
C SER A 537 38.28 0.10 -15.86
N PRO A 538 39.38 -0.60 -15.55
CA PRO A 538 39.91 -0.89 -14.21
C PRO A 538 40.04 0.32 -13.27
N GLU A 539 40.29 1.50 -13.82
CA GLU A 539 40.50 2.70 -12.99
C GLU A 539 39.19 3.15 -12.34
N HIS A 540 38.08 2.68 -12.89
CA HIS A 540 36.77 3.15 -12.45
C HIS A 540 36.02 2.10 -11.65
N GLN A 541 35.05 2.55 -10.87
CA GLN A 541 34.26 1.66 -10.03
C GLN A 541 32.77 1.82 -10.29
N ILE A 542 32.04 0.74 -9.99
CA ILE A 542 30.61 0.73 -10.15
C ILE A 542 29.97 0.06 -8.93
N GLN A 543 29.03 0.76 -8.30
CA GLN A 543 28.31 0.20 -7.17
C GLN A 543 27.45 -0.95 -7.68
N ARG A 544 27.95 -2.17 -7.52
CA ARG A 544 27.35 -3.33 -8.15
C ARG A 544 26.14 -3.86 -7.38
N LEU A 545 24.96 -3.64 -7.94
CA LEU A 545 23.71 -4.14 -7.37
C LEU A 545 23.65 -5.67 -7.50
N GLN A 546 23.29 -6.33 -6.41
CA GLN A 546 23.21 -7.80 -6.42
C GLN A 546 22.17 -8.34 -5.44
N VAL A 547 21.87 -9.63 -5.58
CA VAL A 547 20.88 -10.29 -4.73
C VAL A 547 21.54 -11.01 -3.56
N THR A 548 20.90 -10.93 -2.39
CA THR A 548 21.30 -11.72 -1.24
C THR A 548 20.22 -12.73 -0.92
N ARG A 549 20.63 -13.97 -0.70
CA ARG A 549 19.70 -15.04 -0.32
C ARG A 549 20.15 -15.69 0.97
N LYS A 550 19.21 -16.06 1.82
CA LYS A 550 19.53 -16.64 3.12
C LYS A 550 18.38 -17.50 3.64
N GLN A 551 18.62 -18.80 3.73
CA GLN A 551 17.61 -19.71 4.27
C GLN A 551 17.53 -19.57 5.79
N LEU A 552 16.38 -19.13 6.28
CA LEU A 552 16.16 -19.01 7.72
C LEU A 552 16.03 -20.39 8.35
N GLU A 553 16.54 -20.53 9.57
CA GLU A 553 16.68 -21.85 10.19
C GLU A 553 15.77 -22.08 11.40
N THR A 554 15.56 -21.05 12.20
CA THR A 554 14.72 -21.18 13.40
C THR A 554 13.61 -20.13 13.46
N GLU A 555 12.65 -20.35 14.36
CA GLU A 555 11.50 -19.47 14.50
C GLU A 555 11.90 -18.04 14.83
N GLU A 556 12.91 -17.88 15.69
CA GLU A 556 13.38 -16.56 16.11
C GLU A 556 13.89 -15.71 14.94
N GLN A 557 14.43 -16.38 13.92
CA GLN A 557 14.95 -15.69 12.75
C GLN A 557 13.82 -15.18 11.85
N ALA A 558 12.65 -15.81 11.97
CA ALA A 558 11.51 -15.47 11.11
C ALA A 558 10.46 -14.64 11.83
N ALA A 559 10.83 -14.11 13.00
CA ALA A 559 9.93 -13.23 13.75
C ALA A 559 10.40 -11.78 13.63
N PHE A 560 9.91 -11.10 12.59
CA PHE A 560 10.36 -9.74 12.30
C PHE A 560 9.52 -8.69 13.01
N PRO A 561 10.17 -7.87 13.84
CA PRO A 561 9.52 -6.83 14.64
C PRO A 561 8.75 -5.84 13.78
N LEU A 562 7.56 -5.45 14.26
CA LEU A 562 6.76 -4.42 13.63
C LEU A 562 7.51 -3.10 13.70
N GLY A 563 7.67 -2.44 12.55
CA GLY A 563 8.34 -1.15 12.50
C GLY A 563 9.77 -1.24 11.99
N GLY A 564 10.43 -2.35 12.29
CA GLY A 564 11.78 -2.57 11.80
C GLY A 564 11.79 -2.96 10.34
N ALA A 565 12.98 -2.99 9.73
CA ALA A 565 13.12 -3.42 8.35
C ALA A 565 13.32 -4.92 8.28
N SER A 566 12.69 -5.56 7.32
CA SER A 566 12.83 -7.00 7.10
C SER A 566 13.07 -7.27 5.62
N PRO A 567 13.42 -8.52 5.28
CA PRO A 567 13.69 -8.88 3.89
C PRO A 567 12.57 -8.45 2.94
N ARG A 568 12.94 -7.80 1.85
CA ARG A 568 11.97 -7.39 0.84
C ARG A 568 11.37 -8.59 0.13
N TYR A 569 12.13 -9.68 0.10
CA TYR A 569 11.67 -10.91 -0.53
C TYR A 569 11.74 -12.10 0.42
N LEU A 570 10.78 -12.17 1.34
CA LEU A 570 10.67 -13.34 2.20
C LEU A 570 9.56 -14.26 1.70
N TYR A 571 9.90 -15.52 1.50
CA TYR A 571 8.94 -16.47 0.96
C TYR A 571 9.12 -17.89 1.49
N LEU A 572 8.00 -18.59 1.63
CA LEU A 572 8.01 -20.00 1.99
C LEU A 572 8.16 -20.84 0.73
N ALA A 573 9.13 -21.74 0.74
CA ALA A 573 9.44 -22.53 -0.45
C ALA A 573 9.27 -24.03 -0.21
N SER A 574 8.90 -24.74 -1.26
CA SER A 574 8.79 -26.19 -1.21
C SER A 574 10.16 -26.83 -1.36
N LYS A 575 10.18 -28.15 -1.51
CA LYS A 575 11.42 -28.88 -1.74
C LYS A 575 11.79 -28.83 -3.22
N GLN A 576 10.78 -28.92 -4.07
CA GLN A 576 10.97 -28.88 -5.51
C GLN A 576 11.41 -27.49 -5.96
N SER A 577 12.33 -27.47 -6.93
CA SER A 577 12.66 -26.24 -7.62
C SER A 577 11.78 -26.18 -8.86
N ASN A 578 11.69 -25.02 -9.50
CA ASN A 578 10.95 -24.94 -10.75
C ASN A 578 11.78 -25.50 -11.90
N LYS A 579 11.23 -25.46 -13.11
CA LYS A 579 11.94 -25.95 -14.29
C LYS A 579 13.34 -25.35 -14.37
N TRP A 580 13.50 -24.18 -13.76
CA TRP A 580 14.73 -23.41 -13.86
C TRP A 580 15.62 -23.54 -12.63
N GLY A 581 15.20 -24.37 -11.69
CA GLY A 581 16.03 -24.69 -10.53
C GLY A 581 15.90 -23.75 -9.35
N HIS A 582 14.88 -22.89 -9.37
CA HIS A 582 14.63 -22.01 -8.22
C HIS A 582 13.53 -22.57 -7.34
N PRO A 583 13.77 -22.56 -6.02
CA PRO A 583 12.82 -23.07 -5.04
C PRO A 583 11.41 -22.51 -5.25
N ARG A 584 10.47 -23.39 -5.57
CA ARG A 584 9.08 -23.00 -5.75
C ARG A 584 8.53 -22.44 -4.45
N GLY A 585 8.11 -21.19 -4.47
CA GLY A 585 7.64 -20.54 -3.25
C GLY A 585 6.60 -19.47 -3.43
N TYR A 586 5.86 -19.20 -2.36
CA TYR A 586 4.94 -18.07 -2.31
C TYR A 586 5.47 -17.06 -1.31
N ARG A 587 5.59 -15.81 -1.76
CA ARG A 587 6.18 -14.80 -0.89
C ARG A 587 5.15 -13.95 -0.15
N ILE A 588 5.51 -13.55 1.07
CA ILE A 588 4.63 -12.77 1.92
C ILE A 588 5.09 -11.32 1.95
N GLN A 589 4.29 -10.46 1.35
CA GLN A 589 4.59 -9.03 1.27
C GLN A 589 3.59 -8.29 2.16
N THR A 590 4.07 -7.84 3.32
CA THR A 590 3.19 -7.23 4.31
C THR A 590 2.96 -5.74 4.06
N VAL A 591 1.71 -5.39 3.77
CA VAL A 591 1.35 -4.00 3.47
C VAL A 591 0.63 -3.36 4.64
N SER A 592 1.30 -2.45 5.34
CA SER A 592 0.64 -1.69 6.40
C SER A 592 1.42 -0.45 6.78
N PHE A 593 0.68 0.52 7.31
CA PHE A 593 1.29 1.66 7.94
C PHE A 593 1.20 1.26 9.39
N ALA A 594 1.96 0.23 9.78
CA ALA A 594 1.70 -0.40 11.08
C ALA A 594 1.63 0.61 12.24
N GLY A 595 0.66 0.41 13.14
CA GLY A 595 0.36 1.35 14.21
C GLY A 595 1.53 1.85 15.03
N GLY A 596 2.35 0.93 15.52
CA GLY A 596 3.39 1.26 16.47
C GLY A 596 3.16 0.47 17.74
N PRO A 597 4.06 -0.48 18.04
CA PRO A 597 3.85 -1.50 19.07
C PRO A 597 3.73 -0.94 20.48
N MET A 598 2.79 -1.50 21.24
CA MET A 598 2.66 -1.20 22.66
C MET A 598 3.92 -1.64 23.38
N PRO A 599 4.51 -0.75 24.18
CA PRO A 599 5.70 -1.10 24.96
C PRO A 599 5.49 -2.37 25.74
N GLN A 600 6.50 -3.24 25.73
CA GLN A 600 6.40 -4.54 26.40
C GLN A 600 6.44 -4.39 27.92
N ASN A 601 6.72 -3.17 28.38
CA ASN A 601 6.65 -2.84 29.80
C ASN A 601 5.21 -2.84 30.31
N SER A 602 4.27 -2.61 29.40
CA SER A 602 2.85 -2.70 29.73
C SER A 602 2.54 -4.10 30.20
N PRO A 603 1.95 -4.23 31.40
CA PRO A 603 1.66 -5.53 32.00
C PRO A 603 0.52 -6.29 31.32
N MET A 604 -0.01 -5.74 30.23
CA MET A 604 -1.16 -6.36 29.58
C MET A 604 -0.98 -6.64 28.08
N GLU A 605 0.13 -6.21 27.50
CA GLU A 605 0.36 -6.38 26.06
C GLU A 605 0.71 -7.83 25.71
N ARG A 606 0.94 -8.64 26.72
CA ARG A 606 1.24 -10.05 26.55
C ARG A 606 0.07 -10.75 25.86
N ALA A 607 -1.13 -10.26 26.15
CA ALA A 607 -2.35 -10.82 25.57
C ALA A 607 -2.44 -10.58 24.07
N PHE A 608 -1.89 -9.46 23.62
CA PHE A 608 -1.81 -9.17 22.18
C PHE A 608 -0.37 -9.03 21.73
N SER A 609 0.46 -9.98 22.15
CA SER A 609 1.89 -9.99 21.82
C SER A 609 2.13 -10.29 20.34
N TRP A 610 1.06 -10.62 19.62
CA TRP A 610 1.15 -10.82 18.18
C TRP A 610 1.46 -9.50 17.48
N GLY A 611 1.14 -8.39 18.16
CA GLY A 611 1.34 -7.06 17.62
C GLY A 611 2.80 -6.62 17.62
N ARG A 612 3.69 -7.49 18.10
CA ARG A 612 5.12 -7.19 18.12
C ARG A 612 5.71 -7.28 16.72
N TYR A 613 5.20 -8.21 15.92
CA TYR A 613 5.79 -8.52 14.63
C TYR A 613 4.85 -8.22 13.48
N GLN A 614 5.38 -7.66 12.40
CA GLN A 614 4.62 -7.47 11.19
C GLN A 614 4.49 -8.83 10.48
N LEU A 615 5.41 -9.73 10.79
CA LEU A 615 5.40 -11.08 10.25
C LEU A 615 6.14 -12.06 11.15
N ALA A 616 5.55 -13.23 11.35
CA ALA A 616 6.17 -14.29 12.15
C ALA A 616 5.89 -15.66 11.52
N ILE A 617 6.88 -16.54 11.57
CA ILE A 617 6.74 -17.89 11.03
C ILE A 617 7.00 -18.93 12.12
N THR A 618 6.04 -19.81 12.35
CA THR A 618 6.19 -20.87 13.34
C THR A 618 5.80 -22.23 12.76
N GLN A 619 6.24 -23.30 13.41
CA GLN A 619 5.77 -24.64 13.08
C GLN A 619 4.29 -24.72 13.41
N ARG A 620 3.51 -25.35 12.54
CA ARG A 620 2.09 -25.54 12.84
C ARG A 620 1.94 -26.56 13.95
N LYS A 621 1.09 -26.24 14.91
CA LYS A 621 0.80 -27.15 16.01
C LYS A 621 -0.71 -27.17 16.29
N GLU A 622 -1.25 -28.37 16.46
CA GLU A 622 -2.66 -28.52 16.81
C GLU A 622 -2.94 -27.86 18.15
N THR A 623 -1.89 -27.69 18.95
CA THR A 623 -1.99 -27.07 20.26
C THR A 623 -1.88 -25.55 20.18
N GLU A 624 -1.62 -25.04 18.98
CA GLU A 624 -1.57 -23.61 18.74
C GLU A 624 -2.51 -23.23 17.59
N PRO A 625 -3.83 -23.41 17.80
CA PRO A 625 -4.82 -23.16 16.75
C PRO A 625 -5.02 -21.68 16.45
N SER A 626 -4.84 -20.83 17.46
CA SER A 626 -5.08 -19.40 17.32
C SER A 626 -4.05 -18.57 18.09
N SER A 627 -3.88 -17.31 17.69
CA SER A 627 -2.92 -16.43 18.33
C SER A 627 -3.56 -15.55 19.39
N SER A 628 -4.89 -15.67 19.53
CA SER A 628 -5.61 -14.96 20.57
C SER A 628 -6.75 -15.82 21.11
N SER A 629 -7.51 -15.27 22.05
CA SER A 629 -8.62 -16.00 22.65
C SER A 629 -9.75 -15.07 23.08
N VAL A 630 -10.96 -15.61 23.11
CA VAL A 630 -12.14 -14.87 23.56
C VAL A 630 -11.95 -14.41 25.00
N PHE A 631 -11.12 -15.14 25.74
CA PHE A 631 -10.96 -14.94 27.17
C PHE A 631 -9.84 -13.96 27.52
N ASN A 632 -9.13 -13.48 26.51
CA ASN A 632 -8.04 -12.53 26.70
C ASN A 632 -8.53 -11.14 27.13
N GLN A 633 -9.59 -10.67 26.49
CA GLN A 633 -10.08 -9.31 26.67
C GLN A 633 -10.31 -8.90 28.12
N ASN A 634 -11.02 -9.74 28.86
CA ASN A 634 -11.38 -9.42 30.24
C ASN A 634 -10.34 -9.83 31.27
N ASP A 635 -9.21 -10.37 30.80
CA ASP A 635 -8.09 -10.69 31.66
C ASP A 635 -6.79 -10.72 30.85
N PRO A 636 -6.39 -9.56 30.29
CA PRO A 636 -5.17 -9.49 29.49
C PRO A 636 -3.91 -9.60 30.33
N TRP A 637 -4.04 -9.42 31.64
CA TRP A 637 -2.90 -9.44 32.55
C TRP A 637 -2.38 -10.86 32.77
N THR A 638 -3.28 -11.83 32.71
CA THR A 638 -2.91 -13.23 32.68
C THR A 638 -3.56 -13.87 31.45
N PRO A 639 -2.92 -13.67 30.27
CA PRO A 639 -3.53 -14.05 29.00
C PRO A 639 -3.79 -15.54 28.87
N THR A 640 -4.96 -15.89 28.34
CA THR A 640 -5.28 -17.28 28.03
C THR A 640 -4.43 -17.74 26.85
N VAL A 641 -4.18 -16.82 25.92
CA VAL A 641 -3.28 -17.09 24.80
C VAL A 641 -2.28 -15.95 24.62
N ASP A 642 -1.00 -16.30 24.74
CA ASP A 642 0.10 -15.36 24.55
C ASP A 642 0.88 -15.78 23.30
N PHE A 643 0.62 -15.11 22.18
CA PHE A 643 1.17 -15.53 20.89
C PHE A 643 2.67 -15.80 20.90
N SER A 644 3.43 -14.89 21.51
CA SER A 644 4.90 -14.98 21.48
C SER A 644 5.44 -16.29 22.05
N ASP A 645 4.61 -17.01 22.79
CA ASP A 645 5.00 -18.30 23.35
C ASP A 645 5.22 -19.34 22.25
N PHE A 646 4.60 -19.11 21.09
CA PHE A 646 4.78 -20.00 19.95
C PHE A 646 6.22 -19.98 19.47
N ILE A 647 6.84 -18.81 19.56
CA ILE A 647 8.22 -18.62 19.13
C ILE A 647 9.16 -19.08 20.23
N ASN A 648 9.75 -20.26 20.04
CA ASN A 648 10.58 -20.90 21.06
C ASN A 648 11.81 -21.58 20.49
N ASN A 649 12.47 -20.92 19.54
CA ASN A 649 13.68 -21.43 18.90
C ASN A 649 13.57 -22.86 18.37
N GLU A 650 12.45 -23.16 17.74
CA GLU A 650 12.27 -24.44 17.06
C GLU A 650 12.73 -24.29 15.62
N THR A 651 13.04 -25.41 14.97
CA THR A 651 13.52 -25.37 13.59
C THR A 651 12.38 -25.09 12.61
N ILE A 652 12.67 -24.30 11.59
CA ILE A 652 11.70 -24.03 10.52
C ILE A 652 12.23 -24.50 9.17
N ALA A 653 13.07 -25.52 9.21
CA ALA A 653 13.64 -26.08 7.99
C ALA A 653 13.01 -27.44 7.68
N GLY A 654 12.07 -27.44 6.74
CA GLY A 654 11.39 -28.67 6.33
C GLY A 654 10.34 -29.12 7.32
N LYS A 655 9.52 -28.18 7.78
CA LYS A 655 8.44 -28.49 8.70
C LYS A 655 7.13 -27.93 8.17
N ASP A 656 6.02 -28.27 8.84
CA ASP A 656 4.74 -27.66 8.52
C ASP A 656 4.73 -26.25 9.11
N LEU A 657 4.91 -25.26 8.24
CA LEU A 657 5.08 -23.87 8.67
C LEU A 657 3.79 -23.06 8.59
N VAL A 658 3.59 -22.19 9.58
CA VAL A 658 2.49 -21.26 9.58
C VAL A 658 3.01 -19.84 9.61
N ALA A 659 2.44 -18.98 8.78
CA ALA A 659 2.80 -17.57 8.75
C ALA A 659 1.77 -16.75 9.52
N TRP A 660 2.24 -15.82 10.34
CA TRP A 660 1.36 -14.93 11.09
C TRP A 660 1.70 -13.48 10.73
N VAL A 661 0.71 -12.76 10.21
CA VAL A 661 0.95 -11.41 9.71
C VAL A 661 0.13 -10.36 10.46
N THR A 662 0.80 -9.30 10.92
CA THR A 662 0.13 -8.17 11.55
C THR A 662 0.03 -6.99 10.59
N ALA A 663 -1.17 -6.45 10.45
CA ALA A 663 -1.40 -5.24 9.68
C ALA A 663 -2.18 -4.26 10.53
N GLY A 664 -1.85 -2.98 10.41
CA GLY A 664 -2.53 -1.95 11.19
C GLY A 664 -2.09 -0.55 10.82
N PHE A 665 -2.59 0.44 11.56
CA PHE A 665 -2.26 1.83 11.31
C PHE A 665 -2.65 2.74 12.46
N LEU A 666 -1.93 3.85 12.58
CA LEU A 666 -2.23 4.88 13.57
C LEU A 666 -3.36 5.76 13.03
N HIS A 667 -4.30 6.10 13.91
CA HIS A 667 -5.45 6.91 13.54
C HIS A 667 -5.58 8.12 14.45
N ILE A 668 -5.18 9.29 13.96
CA ILE A 668 -5.46 10.54 14.66
C ILE A 668 -6.70 11.16 14.04
N PRO A 669 -7.84 11.07 14.76
CA PRO A 669 -9.13 11.52 14.25
C PRO A 669 -9.13 12.98 13.85
N HIS A 670 -9.79 13.28 12.73
CA HIS A 670 -9.86 14.65 12.22
C HIS A 670 -11.30 15.02 11.88
N ALA A 671 -11.52 16.29 11.57
CA ALA A 671 -12.85 16.80 11.27
C ALA A 671 -13.58 15.96 10.23
N GLU A 672 -12.83 15.48 9.24
CA GLU A 672 -13.40 14.71 8.13
C GLU A 672 -13.94 13.35 8.58
N ASP A 673 -13.69 13.00 9.85
CA ASP A 673 -14.16 11.73 10.41
C ASP A 673 -15.58 11.85 10.96
N ILE A 674 -16.14 13.05 10.89
CA ILE A 674 -17.47 13.34 11.40
C ILE A 674 -18.40 13.70 10.24
N PRO A 675 -19.58 13.07 10.16
CA PRO A 675 -20.17 12.10 11.09
C PRO A 675 -19.50 10.73 11.09
N ASN A 676 -18.99 10.29 9.94
CA ASN A 676 -18.29 8.99 9.90
C ASN A 676 -17.07 8.95 8.98
N THR A 677 -16.15 8.06 9.31
CA THR A 677 -14.86 7.97 8.62
C THR A 677 -14.95 7.07 7.39
N VAL A 678 -14.38 7.54 6.28
CA VAL A 678 -14.46 6.83 5.01
C VAL A 678 -13.34 5.80 4.84
N THR A 679 -13.62 4.75 4.07
CA THR A 679 -12.64 3.72 3.76
C THR A 679 -11.75 4.17 2.61
N VAL A 680 -11.42 5.46 2.60
CA VAL A 680 -10.75 6.06 1.44
C VAL A 680 -9.29 5.71 1.32
N GLY A 681 -8.96 5.23 0.11
CA GLY A 681 -7.59 4.77 -0.14
C GLY A 681 -7.89 3.30 -0.16
N ASN A 682 -6.89 2.51 0.18
CA ASN A 682 -7.04 1.10 0.35
C ASN A 682 -6.48 0.94 1.76
N GLY A 683 -6.99 -0.02 2.53
CA GLY A 683 -6.63 -0.11 3.94
C GLY A 683 -5.29 -0.77 4.22
N VAL A 684 -5.34 -1.81 5.03
CA VAL A 684 -4.14 -2.54 5.44
C VAL A 684 -4.33 -4.04 5.24
N GLY A 685 -3.22 -4.75 5.10
CA GLY A 685 -3.25 -6.19 4.88
C GLY A 685 -1.92 -6.69 4.36
N PHE A 686 -1.97 -7.59 3.38
CA PHE A 686 -0.75 -8.17 2.83
C PHE A 686 -0.99 -8.85 1.49
N PHE A 687 0.10 -9.22 0.84
CA PHE A 687 0.05 -9.92 -0.44
C PHE A 687 0.71 -11.29 -0.36
N LEU A 688 0.10 -12.27 -1.03
CA LEU A 688 0.72 -13.57 -1.22
C LEU A 688 1.01 -13.74 -2.71
N ARG A 689 2.28 -13.61 -3.09
CA ARG A 689 2.65 -13.66 -4.50
C ARG A 689 3.49 -14.89 -4.85
N PRO A 690 3.21 -15.50 -6.01
CA PRO A 690 3.99 -16.63 -6.52
C PRO A 690 5.38 -16.19 -6.96
N TYR A 691 6.41 -16.80 -6.38
CA TYR A 691 7.80 -16.46 -6.68
C TYR A 691 8.56 -17.70 -7.11
N ASN A 692 8.68 -17.88 -8.42
CA ASN A 692 9.29 -19.08 -8.99
C ASN A 692 8.50 -20.35 -8.68
N PHE A 693 7.22 -20.16 -8.37
CA PHE A 693 6.31 -21.27 -8.11
C PHE A 693 5.98 -21.98 -9.42
N PHE A 694 5.85 -21.20 -10.49
CA PHE A 694 5.60 -21.75 -11.81
C PHE A 694 6.88 -21.68 -12.64
N ASP A 695 6.81 -22.16 -13.88
CA ASP A 695 7.96 -22.15 -14.78
C ASP A 695 7.81 -21.01 -15.78
N GLN A 696 6.65 -20.36 -15.74
CA GLN A 696 6.36 -19.18 -16.55
C GLN A 696 5.02 -18.62 -16.09
N GLU A 697 4.60 -17.51 -16.69
CA GLU A 697 3.32 -16.90 -16.35
C GLU A 697 2.20 -17.94 -16.47
N PRO A 698 1.38 -18.07 -15.41
CA PRO A 698 0.29 -19.03 -15.40
C PRO A 698 -0.80 -18.65 -16.38
N SER A 699 -1.44 -19.65 -16.98
CA SER A 699 -2.52 -19.41 -17.93
C SER A 699 -3.85 -19.26 -17.20
N MET A 700 -4.84 -18.69 -17.88
CA MET A 700 -6.15 -18.47 -17.28
C MET A 700 -7.27 -19.15 -18.06
N ASP A 701 -8.42 -19.29 -17.42
CA ASP A 701 -9.55 -20.04 -17.99
C ASP A 701 -10.87 -19.37 -17.63
N GLN B 41 -6.18 27.35 -19.83
CA GLN B 41 -5.41 27.31 -21.11
C GLN B 41 -4.04 27.96 -20.98
N LEU B 42 -3.64 28.25 -19.74
CA LEU B 42 -2.29 28.73 -19.47
C LEU B 42 -1.40 27.54 -19.12
N PHE B 43 -2.02 26.37 -19.02
CA PHE B 43 -1.31 25.12 -18.77
C PHE B 43 -1.46 24.15 -19.92
N ALA B 44 -2.32 24.50 -20.88
CA ALA B 44 -2.58 23.65 -22.03
C ALA B 44 -1.33 23.41 -22.85
N ASP B 45 -1.10 22.15 -23.22
CA ASP B 45 0.03 21.79 -24.07
C ASP B 45 -0.14 22.45 -25.44
N LEU B 46 0.97 22.81 -26.05
CA LEU B 46 0.94 23.52 -27.34
C LEU B 46 0.10 22.78 -28.37
N SER B 47 -0.83 23.49 -28.99
CA SER B 47 -1.65 22.93 -30.05
C SER B 47 -0.77 22.58 -31.25
N ARG B 48 -1.29 21.73 -32.13
CA ARG B 48 -0.56 21.38 -33.35
C ARG B 48 -0.22 22.62 -34.16
N GLU B 49 -1.15 23.57 -34.21
CA GLU B 49 -0.92 24.82 -34.92
C GLU B 49 0.18 25.63 -34.26
N GLU B 50 0.15 25.70 -32.92
CA GLU B 50 1.15 26.42 -32.15
C GLU B 50 2.55 25.86 -32.38
N LEU B 51 2.63 24.54 -32.46
CA LEU B 51 3.90 23.85 -32.72
C LEU B 51 4.52 24.29 -34.04
N THR B 52 3.70 24.39 -35.08
CA THR B 52 4.14 24.81 -36.40
C THR B 52 4.70 26.23 -36.38
N THR B 53 4.01 27.12 -35.66
CA THR B 53 4.42 28.52 -35.56
C THR B 53 5.84 28.66 -35.03
N VAL B 54 6.10 28.03 -33.88
CA VAL B 54 7.43 28.06 -33.28
C VAL B 54 8.48 27.52 -34.25
N MET B 55 8.15 26.41 -34.91
CA MET B 55 9.05 25.80 -35.89
C MET B 55 9.34 26.73 -37.06
N SER B 56 8.32 27.47 -37.50
CA SER B 56 8.48 28.44 -38.58
C SER B 56 9.31 29.64 -38.11
N PHE B 57 9.11 30.04 -36.86
CA PHE B 57 9.81 31.19 -36.30
C PHE B 57 11.30 30.91 -36.13
N LEU B 58 11.63 29.67 -35.79
CA LEU B 58 13.03 29.26 -35.62
C LEU B 58 13.80 29.32 -36.94
N THR B 59 13.24 28.70 -37.97
CA THR B 59 13.86 28.70 -39.30
C THR B 59 14.14 30.12 -39.78
N GLN B 60 13.17 31.00 -39.56
CA GLN B 60 13.24 32.38 -40.03
C GLN B 60 14.13 33.27 -39.17
N GLN B 61 14.25 32.93 -37.88
CA GLN B 61 15.01 33.77 -36.95
C GLN B 61 16.44 33.32 -36.74
N LEU B 62 16.67 32.01 -36.74
CA LEU B 62 17.99 31.46 -36.44
C LEU B 62 19.00 31.71 -37.56
N GLY B 63 20.17 32.18 -37.18
CA GLY B 63 21.26 32.39 -38.12
C GLY B 63 21.70 31.11 -38.79
N PRO B 64 22.10 30.11 -37.99
CA PRO B 64 22.52 28.81 -38.51
C PRO B 64 21.43 28.13 -39.34
N ASP B 65 21.85 27.42 -40.39
CA ASP B 65 20.92 26.66 -41.22
C ASP B 65 20.63 25.32 -40.57
N LEU B 66 19.35 24.99 -40.42
CA LEU B 66 18.94 23.81 -39.65
C LEU B 66 18.59 22.61 -40.53
N VAL B 67 18.90 21.42 -40.02
CA VAL B 67 18.54 20.18 -40.67
C VAL B 67 17.40 19.51 -39.91
N ASP B 68 16.58 18.74 -40.62
CA ASP B 68 15.52 17.97 -40.00
C ASP B 68 16.13 16.98 -39.01
N ALA B 69 15.77 17.13 -37.73
CA ALA B 69 16.33 16.31 -36.67
C ALA B 69 16.12 14.82 -36.89
N ALA B 70 15.14 14.48 -37.71
CA ALA B 70 14.85 13.09 -38.05
C ALA B 70 15.95 12.48 -38.92
N GLN B 71 16.65 13.33 -39.66
CA GLN B 71 17.72 12.87 -40.54
C GLN B 71 19.03 13.62 -40.26
N ALA B 72 19.21 14.05 -39.02
CA ALA B 72 20.36 14.87 -38.66
C ALA B 72 21.57 14.06 -38.19
N ARG B 73 22.75 14.47 -38.65
CA ARG B 73 24.00 13.88 -38.20
C ARG B 73 24.56 14.70 -37.04
N PRO B 74 25.51 14.13 -36.28
CA PRO B 74 26.04 14.81 -35.09
C PRO B 74 26.57 16.21 -35.35
N SER B 75 27.09 16.47 -36.55
CA SER B 75 27.68 17.77 -36.87
C SER B 75 26.70 18.72 -37.54
N ASP B 76 25.41 18.43 -37.44
CA ASP B 76 24.38 19.26 -38.04
C ASP B 76 23.69 20.16 -37.03
N ASN B 77 23.07 21.23 -37.52
CA ASN B 77 22.20 22.07 -36.72
C ASN B 77 20.77 21.57 -36.85
N CYS B 78 20.10 21.32 -35.73
CA CYS B 78 18.74 20.79 -35.78
C CYS B 78 17.95 21.12 -34.51
N VAL B 79 16.63 21.17 -34.65
CA VAL B 79 15.74 21.39 -33.51
C VAL B 79 15.31 20.05 -32.93
N PHE B 80 15.85 19.71 -31.77
CA PHE B 80 15.54 18.46 -31.11
C PHE B 80 14.08 18.38 -30.68
N SER B 81 13.58 19.46 -30.08
CA SER B 81 12.21 19.48 -29.58
C SER B 81 11.70 20.89 -29.30
N VAL B 82 10.39 21.06 -29.41
CA VAL B 82 9.73 22.26 -28.91
C VAL B 82 8.45 21.84 -28.18
N GLU B 83 8.22 22.44 -27.02
CA GLU B 83 7.05 22.14 -26.21
C GLU B 83 6.69 23.33 -25.35
N LEU B 84 5.59 23.20 -24.60
CA LEU B 84 5.14 24.26 -23.71
C LEU B 84 6.20 24.63 -22.67
N GLN B 85 6.52 25.92 -22.61
CA GLN B 85 7.30 26.45 -21.50
C GLN B 85 6.30 26.85 -20.41
N LEU B 86 6.36 26.15 -19.28
CA LEU B 86 5.44 26.42 -18.18
C LEU B 86 5.55 27.86 -17.71
N PRO B 87 4.40 28.53 -17.54
CA PRO B 87 4.37 29.93 -17.14
C PRO B 87 4.79 30.13 -15.68
N PRO B 88 5.28 31.35 -15.35
CA PRO B 88 5.58 31.72 -13.98
C PRO B 88 4.32 31.62 -13.11
N LYS B 89 4.48 31.08 -11.91
CA LYS B 89 3.35 30.87 -11.00
C LYS B 89 2.65 32.18 -10.63
N ALA B 90 3.46 33.19 -10.31
CA ALA B 90 2.94 34.49 -9.89
C ALA B 90 2.00 35.11 -10.92
N ALA B 91 2.41 35.09 -12.18
CA ALA B 91 1.60 35.64 -13.27
C ALA B 91 0.39 34.76 -13.56
N ALA B 92 0.53 33.46 -13.30
CA ALA B 92 -0.54 32.51 -13.53
C ALA B 92 -1.64 32.65 -12.49
N LEU B 93 -1.25 32.76 -11.22
CA LEU B 93 -2.19 32.91 -10.12
C LEU B 93 -2.84 34.29 -10.13
N ALA B 94 -2.08 35.28 -10.57
CA ALA B 94 -2.62 36.64 -10.72
C ALA B 94 -3.77 36.61 -11.71
N HIS B 95 -3.62 35.81 -12.76
CA HIS B 95 -4.66 35.64 -13.76
C HIS B 95 -5.80 34.77 -13.24
N LEU B 96 -5.45 33.65 -12.64
CA LEU B 96 -6.44 32.67 -12.19
C LEU B 96 -7.31 33.16 -11.03
N ASP B 97 -6.76 34.02 -10.18
CA ASP B 97 -7.45 34.40 -8.96
C ASP B 97 -7.80 35.90 -8.87
N ARG B 98 -7.07 36.73 -9.59
CA ARG B 98 -7.27 38.19 -9.50
C ARG B 98 -7.73 38.82 -10.80
N GLY B 99 -7.98 38.00 -11.81
CA GLY B 99 -8.50 38.49 -13.09
C GLY B 99 -7.50 39.27 -13.90
N SER B 100 -6.21 39.11 -13.59
CA SER B 100 -5.15 39.73 -14.37
C SER B 100 -5.06 39.02 -15.73
N PRO B 101 -4.43 39.68 -16.71
CA PRO B 101 -4.28 39.04 -18.02
C PRO B 101 -3.42 37.79 -17.91
N PRO B 102 -3.60 36.84 -18.85
CA PRO B 102 -2.77 35.63 -18.81
C PRO B 102 -1.30 35.97 -19.06
N PRO B 103 -0.39 35.13 -18.55
CA PRO B 103 1.02 35.37 -18.81
C PRO B 103 1.33 35.13 -20.28
N ALA B 104 2.41 35.73 -20.77
CA ALA B 104 2.83 35.49 -22.15
C ALA B 104 2.99 34.00 -22.39
N ARG B 105 2.20 33.45 -23.31
CA ARG B 105 2.27 32.03 -23.62
C ARG B 105 3.55 31.72 -24.39
N GLU B 106 4.35 30.80 -23.87
CA GLU B 106 5.68 30.56 -24.40
C GLU B 106 5.99 29.08 -24.69
N ALA B 107 6.96 28.87 -25.55
CA ALA B 107 7.47 27.55 -25.86
C ALA B 107 8.97 27.49 -25.58
N LEU B 108 9.46 26.31 -25.22
CA LEU B 108 10.89 26.10 -25.03
C LEU B 108 11.41 25.16 -26.10
N ALA B 109 12.33 25.65 -26.93
CA ALA B 109 12.92 24.83 -27.98
C ALA B 109 14.31 24.36 -27.58
N ILE B 110 14.59 23.08 -27.78
CA ILE B 110 15.91 22.52 -27.54
C ILE B 110 16.64 22.35 -28.87
N VAL B 111 17.74 23.06 -29.04
CA VAL B 111 18.46 23.08 -30.31
C VAL B 111 19.86 22.47 -30.21
N PHE B 112 20.15 21.54 -31.13
CA PHE B 112 21.45 20.90 -31.21
C PHE B 112 22.35 21.71 -32.15
N PHE B 113 23.30 22.45 -31.57
CA PHE B 113 24.22 23.23 -32.38
C PHE B 113 25.52 22.47 -32.67
N GLY B 114 25.44 21.49 -33.56
CA GLY B 114 26.59 20.67 -33.91
C GLY B 114 27.36 21.17 -35.10
N GLY B 115 26.79 22.16 -35.80
CA GLY B 115 27.43 22.70 -37.01
C GLY B 115 28.19 23.99 -36.75
N GLN B 116 29.16 23.94 -35.84
CA GLN B 116 29.96 25.12 -35.53
C GLN B 116 31.31 24.75 -34.90
N PRO B 117 32.28 25.68 -34.94
CA PRO B 117 33.59 25.52 -34.33
C PRO B 117 33.54 24.81 -32.97
N GLN B 118 32.64 25.25 -32.10
CA GLN B 118 32.45 24.61 -30.80
C GLN B 118 30.98 24.27 -30.58
N PRO B 119 30.62 22.99 -30.72
CA PRO B 119 29.22 22.57 -30.66
C PRO B 119 28.63 22.66 -29.26
N ASN B 120 27.36 23.07 -29.17
CA ASN B 120 26.66 23.15 -27.89
C ASN B 120 25.17 22.81 -28.03
N VAL B 121 24.51 22.55 -26.89
CA VAL B 121 23.07 22.41 -26.86
C VAL B 121 22.48 23.68 -26.27
N THR B 122 21.54 24.29 -26.99
CA THR B 122 20.96 25.56 -26.53
C THR B 122 19.44 25.47 -26.32
N GLU B 123 18.99 26.03 -25.21
CA GLU B 123 17.57 26.08 -24.91
C GLU B 123 17.00 27.47 -25.21
N LEU B 124 16.06 27.52 -26.15
CA LEU B 124 15.49 28.79 -26.60
C LEU B 124 14.05 28.96 -26.12
N VAL B 125 13.79 30.04 -25.39
CA VAL B 125 12.43 30.40 -25.00
C VAL B 125 11.81 31.27 -26.08
N VAL B 126 10.75 30.76 -26.69
CA VAL B 126 10.09 31.45 -27.81
C VAL B 126 8.68 31.87 -27.42
N GLY B 127 8.29 33.08 -27.82
CA GLY B 127 6.94 33.60 -27.56
C GLY B 127 6.80 35.06 -27.89
N PRO B 128 5.61 35.64 -27.61
CA PRO B 128 4.47 34.91 -27.08
C PRO B 128 3.53 34.45 -28.18
N LEU B 129 2.96 33.26 -28.02
CA LEU B 129 1.99 32.75 -28.99
C LEU B 129 0.70 33.55 -28.90
N PRO B 130 -0.07 33.60 -30.00
CA PRO B 130 0.10 32.84 -31.24
C PRO B 130 1.15 33.39 -32.21
N GLN B 131 1.64 34.60 -31.99
CA GLN B 131 2.62 35.18 -32.92
C GLN B 131 3.88 35.65 -32.21
N PRO B 132 4.95 34.84 -32.28
CA PRO B 132 6.21 35.08 -31.60
C PRO B 132 6.93 36.33 -32.12
N SER B 133 7.60 37.04 -31.21
CA SER B 133 8.37 38.21 -31.56
C SER B 133 9.76 38.12 -30.97
N TYR B 134 9.98 37.10 -30.13
CA TYR B 134 11.29 36.93 -29.50
C TYR B 134 11.77 35.48 -29.38
N MET B 135 13.09 35.34 -29.26
CA MET B 135 13.75 34.05 -29.19
C MET B 135 14.94 34.17 -28.25
N ARG B 136 14.73 33.82 -26.98
CA ARG B 136 15.74 34.04 -25.95
C ARG B 136 16.47 32.76 -25.54
N ASP B 137 17.79 32.77 -25.70
CA ASP B 137 18.65 31.69 -25.23
C ASP B 137 18.82 31.78 -23.71
N VAL B 138 18.16 30.87 -23.00
CA VAL B 138 18.16 30.89 -21.54
C VAL B 138 19.12 29.85 -20.96
N THR B 139 19.98 29.29 -21.81
CA THR B 139 20.90 28.23 -21.42
C THR B 139 21.76 28.62 -20.22
N VAL B 140 22.65 29.58 -20.43
CA VAL B 140 23.55 30.05 -19.37
C VAL B 140 22.75 30.46 -18.13
N GLU B 141 21.60 31.07 -18.37
CA GLU B 141 20.72 31.51 -17.30
C GLU B 141 20.29 30.35 -16.39
N ARG B 142 19.86 29.25 -17.01
CA ARG B 142 19.30 28.13 -16.26
C ARG B 142 20.33 27.14 -15.74
N HIS B 143 21.55 27.18 -16.27
CA HIS B 143 22.54 26.15 -15.95
C HIS B 143 23.92 26.68 -15.57
N GLY B 144 24.06 28.01 -15.56
CA GLY B 144 25.33 28.63 -15.17
C GLY B 144 26.35 28.62 -16.29
N GLY B 145 26.10 27.81 -17.31
CA GLY B 145 27.01 27.70 -18.44
C GLY B 145 26.35 26.99 -19.62
N PRO B 146 27.15 26.71 -20.67
CA PRO B 146 26.67 26.05 -21.88
C PRO B 146 26.39 24.58 -21.60
N LEU B 147 25.47 24.00 -22.37
CA LEU B 147 25.19 22.58 -22.26
C LEU B 147 26.12 21.79 -23.18
N PRO B 148 27.03 21.00 -22.59
CA PRO B 148 27.96 20.17 -23.34
C PRO B 148 27.22 19.35 -24.39
N TYR B 149 27.81 19.25 -25.58
CA TYR B 149 27.15 18.62 -26.72
C TYR B 149 26.99 17.09 -26.56
N TYR B 150 27.75 16.52 -25.64
CA TYR B 150 27.68 15.07 -25.41
C TYR B 150 26.56 14.68 -24.44
N ARG B 151 25.95 15.67 -23.80
CA ARG B 151 24.83 15.43 -22.89
C ARG B 151 23.54 15.26 -23.66
N ARG B 152 23.55 15.70 -24.92
CA ARG B 152 22.37 15.63 -25.78
C ARG B 152 21.92 14.18 -25.96
N PRO B 153 20.60 13.94 -25.92
CA PRO B 153 20.03 12.62 -26.13
C PRO B 153 20.46 12.05 -27.48
N VAL B 154 20.62 10.73 -27.54
CA VAL B 154 20.99 10.06 -28.79
C VAL B 154 19.84 10.13 -29.79
N LEU B 155 20.08 10.83 -30.90
CA LEU B 155 19.10 10.94 -31.97
C LEU B 155 18.69 9.59 -32.53
N LEU B 156 17.46 9.52 -33.05
CA LEU B 156 16.97 8.30 -33.69
C LEU B 156 17.85 7.96 -34.89
N ARG B 157 18.25 8.99 -35.63
CA ARG B 157 19.14 8.84 -36.77
C ARG B 157 20.53 8.38 -36.32
N GLU B 158 20.88 8.69 -35.08
CA GLU B 158 22.14 8.24 -34.51
C GLU B 158 22.09 6.74 -34.22
N TYR B 159 20.94 6.26 -33.74
CA TYR B 159 20.73 4.84 -33.49
C TYR B 159 20.82 4.04 -34.78
N LEU B 160 20.19 4.55 -35.84
CA LEU B 160 20.16 3.87 -37.12
C LEU B 160 21.55 3.80 -37.75
N ASP B 161 22.33 4.87 -37.59
CA ASP B 161 23.70 4.90 -38.09
C ASP B 161 24.61 3.97 -37.28
N ILE B 162 24.27 3.78 -36.01
CA ILE B 162 24.99 2.83 -35.16
C ILE B 162 24.66 1.41 -35.62
N ASP B 163 23.42 1.18 -36.01
CA ASP B 163 22.99 -0.13 -36.53
C ASP B 163 23.70 -0.46 -37.84
N GLN B 164 23.79 0.50 -38.74
CA GLN B 164 24.50 0.30 -40.00
C GLN B 164 25.91 -0.20 -39.72
N MET B 165 26.61 0.51 -38.85
CA MET B 165 27.98 0.18 -38.49
C MET B 165 28.10 -1.24 -37.92
N ILE B 166 27.19 -1.58 -37.00
CA ILE B 166 27.20 -2.89 -36.37
C ILE B 166 26.92 -4.00 -37.39
N PHE B 167 25.81 -3.88 -38.11
CA PHE B 167 25.36 -4.92 -39.03
C PHE B 167 26.19 -4.99 -40.31
N ASN B 168 26.67 -3.84 -40.77
CA ASN B 168 27.34 -3.77 -42.06
C ASN B 168 28.87 -3.81 -41.99
N ARG B 169 29.46 -3.38 -40.88
CA ARG B 169 30.92 -3.33 -40.81
C ARG B 169 31.54 -3.77 -39.47
N GLU B 170 30.77 -4.48 -38.66
CA GLU B 170 31.31 -5.04 -37.41
C GLU B 170 30.96 -6.52 -37.27
N LEU B 171 29.67 -6.83 -37.37
CA LEU B 171 29.19 -8.20 -37.20
C LEU B 171 29.77 -9.21 -38.19
N PRO B 172 29.90 -8.82 -39.48
CA PRO B 172 30.46 -9.76 -40.46
C PRO B 172 31.86 -10.24 -40.10
N GLN B 173 32.57 -9.47 -39.27
CA GLN B 173 33.93 -9.82 -38.88
C GLN B 173 33.96 -10.96 -37.85
N ALA B 174 32.77 -11.39 -37.43
CA ALA B 174 32.63 -12.48 -36.49
C ALA B 174 31.51 -13.41 -36.94
N ALA B 175 31.39 -13.60 -38.25
CA ALA B 175 30.36 -14.44 -38.82
C ALA B 175 30.52 -15.89 -38.38
N GLY B 176 31.76 -16.38 -38.42
CA GLY B 176 32.05 -17.76 -38.04
C GLY B 176 31.54 -18.13 -36.66
N VAL B 177 31.80 -17.28 -35.68
CA VAL B 177 31.34 -17.52 -34.31
C VAL B 177 29.85 -17.21 -34.17
N LEU B 178 29.35 -16.30 -34.99
CA LEU B 178 27.94 -15.95 -34.99
C LEU B 178 27.10 -17.00 -35.72
N HIS B 179 27.62 -17.51 -36.84
CA HIS B 179 27.00 -18.65 -37.52
C HIS B 179 26.85 -19.79 -36.53
N HIS B 180 27.90 -19.98 -35.72
CA HIS B 180 27.96 -21.08 -34.76
C HIS B 180 26.91 -20.93 -33.66
N CYS B 181 26.97 -19.81 -32.93
CA CYS B 181 26.10 -19.57 -31.80
C CYS B 181 24.65 -19.37 -32.21
N CYS B 182 24.47 -18.56 -33.25
CA CYS B 182 23.18 -17.91 -33.46
C CYS B 182 22.72 -17.92 -34.92
N SER B 183 23.11 -18.96 -35.65
CA SER B 183 22.68 -19.15 -37.04
C SER B 183 22.71 -17.83 -37.81
N TYR B 184 23.85 -17.14 -37.75
CA TYR B 184 24.00 -15.76 -38.27
C TYR B 184 24.07 -15.62 -39.79
N LYS B 185 22.98 -15.14 -40.38
CA LYS B 185 22.92 -14.84 -41.82
C LYS B 185 22.83 -16.07 -42.73
N GLN B 186 23.04 -17.26 -42.17
CA GLN B 186 23.00 -18.49 -42.97
C GLN B 186 21.60 -19.10 -43.00
N GLY B 187 20.68 -18.42 -43.69
CA GLY B 187 19.30 -18.86 -43.80
C GLY B 187 18.64 -19.04 -42.44
N GLY B 188 19.17 -18.32 -41.44
CA GLY B 188 18.68 -18.44 -40.07
C GLY B 188 17.91 -17.21 -39.60
N GLN B 189 17.95 -16.97 -38.29
CA GLN B 189 17.20 -15.88 -37.70
C GLN B 189 17.80 -14.50 -37.94
N LYS B 190 17.01 -13.47 -37.67
CA LYS B 190 17.49 -12.11 -37.70
C LYS B 190 17.82 -11.67 -36.28
N LEU B 191 18.82 -10.83 -36.14
CA LEU B 191 19.22 -10.33 -34.82
C LEU B 191 18.82 -8.87 -34.69
N LEU B 192 18.80 -8.38 -33.45
CA LEU B 192 18.52 -6.97 -33.20
C LEU B 192 19.37 -6.44 -32.05
N THR B 193 19.38 -5.13 -31.86
CA THR B 193 20.22 -4.51 -30.85
C THR B 193 19.42 -3.90 -29.70
N MET B 194 20.04 -3.83 -28.53
CA MET B 194 19.44 -3.15 -27.39
C MET B 194 20.35 -2.07 -26.84
N ASN B 195 19.74 -0.93 -26.48
CA ASN B 195 20.45 0.20 -25.94
C ASN B 195 20.63 0.11 -24.42
N SER B 196 21.60 0.86 -23.90
CA SER B 196 21.81 0.96 -22.46
C SER B 196 22.30 2.36 -22.12
N ALA B 197 22.28 2.72 -20.84
CA ALA B 197 22.69 4.04 -20.40
C ALA B 197 23.12 4.02 -18.93
N PRO B 198 24.06 4.91 -18.55
CA PRO B 198 24.69 5.92 -19.39
C PRO B 198 25.74 5.35 -20.34
N ARG B 199 26.45 6.24 -21.03
CA ARG B 199 27.30 5.83 -22.15
C ARG B 199 28.77 6.19 -21.90
N GLY B 200 29.40 5.45 -20.99
CA GLY B 200 30.80 5.67 -20.66
C GLY B 200 31.10 5.46 -19.18
N VAL B 201 32.22 6.02 -18.73
CA VAL B 201 32.64 5.89 -17.34
C VAL B 201 32.84 7.25 -16.68
N GLN B 202 32.67 8.31 -17.47
CA GLN B 202 32.88 9.68 -16.98
C GLN B 202 32.28 10.69 -17.95
N SER B 203 32.28 11.96 -17.56
CA SER B 203 31.73 13.04 -18.39
C SER B 203 32.51 13.18 -19.69
N GLY B 204 31.78 13.43 -20.77
CA GLY B 204 32.39 13.56 -22.09
C GLY B 204 32.32 12.28 -22.88
N ASP B 205 31.99 11.18 -22.19
CA ASP B 205 31.90 9.87 -22.82
C ASP B 205 30.60 9.69 -23.60
N ARG B 206 30.70 9.08 -24.77
CA ARG B 206 29.54 8.69 -25.55
C ARG B 206 29.76 7.30 -26.12
N SER B 207 30.04 6.35 -25.22
CA SER B 207 30.31 4.97 -25.61
C SER B 207 29.27 4.04 -24.98
N THR B 208 28.45 3.42 -25.83
CA THR B 208 27.32 2.64 -25.35
C THR B 208 27.48 1.14 -25.53
N TRP B 209 27.14 0.38 -24.49
CA TRP B 209 27.05 -1.06 -24.60
C TRP B 209 25.76 -1.44 -25.32
N PHE B 210 25.90 -1.90 -26.55
CA PHE B 210 24.76 -2.42 -27.30
C PHE B 210 24.79 -3.94 -27.29
N GLY B 211 23.68 -4.55 -26.86
CA GLY B 211 23.58 -5.99 -26.82
C GLY B 211 22.97 -6.56 -28.09
N ILE B 212 23.34 -7.80 -28.41
CA ILE B 212 22.80 -8.47 -29.60
C ILE B 212 21.75 -9.51 -29.19
N TYR B 213 20.57 -9.42 -29.81
CA TYR B 213 19.44 -10.28 -29.46
C TYR B 213 18.83 -10.90 -30.70
N TYR B 214 18.06 -11.97 -30.51
CA TYR B 214 17.25 -12.55 -31.59
C TYR B 214 16.13 -11.58 -31.93
N ASN B 215 15.73 -11.58 -33.20
CA ASN B 215 14.65 -10.70 -33.67
C ASN B 215 13.27 -11.36 -33.60
N ILE B 216 13.14 -12.35 -32.72
CA ILE B 216 11.85 -12.94 -32.44
C ILE B 216 11.11 -11.64 -32.09
N THR B 217 10.09 -11.34 -32.88
CA THR B 217 9.26 -10.16 -32.69
C THR B 217 7.91 -10.52 -32.12
N LYS B 218 7.91 -11.41 -31.14
CA LYS B 218 6.67 -11.80 -30.48
C LYS B 218 6.71 -11.31 -29.05
N GLY B 219 6.12 -12.10 -28.15
CA GLY B 219 6.04 -11.73 -26.73
C GLY B 219 7.37 -11.71 -26.01
N GLY B 220 8.17 -10.68 -26.29
CA GLY B 220 9.47 -10.54 -25.66
C GLY B 220 10.56 -10.27 -26.68
N PRO B 221 11.11 -9.04 -26.67
CA PRO B 221 12.16 -8.70 -27.60
C PRO B 221 13.52 -9.02 -27.00
N TYR B 222 13.78 -8.47 -25.83
CA TYR B 222 15.01 -8.72 -25.12
C TYR B 222 14.82 -9.84 -24.10
N LEU B 223 14.33 -10.96 -24.62
CA LEU B 223 14.18 -12.19 -23.86
C LEU B 223 15.07 -13.29 -24.42
N HIS B 224 15.82 -12.97 -25.48
CA HIS B 224 16.80 -13.89 -26.04
C HIS B 224 18.14 -13.22 -26.32
N PRO B 225 18.94 -13.02 -25.26
CA PRO B 225 20.28 -12.46 -25.41
C PRO B 225 21.24 -13.48 -26.04
N VAL B 226 22.08 -12.99 -26.93
CA VAL B 226 23.07 -13.83 -27.60
C VAL B 226 24.35 -13.91 -26.76
N GLY B 227 24.49 -12.99 -25.81
CA GLY B 227 25.68 -12.94 -24.97
C GLY B 227 26.79 -12.17 -25.66
N LEU B 228 26.42 -11.44 -26.71
CA LEU B 228 27.36 -10.61 -27.45
C LEU B 228 27.04 -9.14 -27.25
N GLU B 229 27.91 -8.42 -26.57
CA GLU B 229 27.74 -7.00 -26.35
C GLU B 229 28.90 -6.22 -26.95
N LEU B 230 28.60 -5.10 -27.60
CA LEU B 230 29.62 -4.29 -28.25
C LEU B 230 29.68 -2.88 -27.65
N LEU B 231 30.88 -2.45 -27.29
CA LEU B 231 31.10 -1.12 -26.74
C LEU B 231 31.45 -0.17 -27.88
N VAL B 232 30.46 0.54 -28.41
CA VAL B 232 30.69 1.43 -29.53
C VAL B 232 30.85 2.89 -29.10
N ASP B 233 32.06 3.42 -29.27
CA ASP B 233 32.35 4.82 -29.05
C ASP B 233 31.77 5.62 -30.20
N HIS B 234 30.66 6.32 -29.96
CA HIS B 234 30.01 7.11 -30.99
C HIS B 234 29.95 8.59 -30.62
N LYS B 235 31.03 9.08 -30.02
CA LYS B 235 31.14 10.47 -29.58
C LYS B 235 31.52 11.39 -30.74
N ALA B 236 32.28 10.85 -31.69
CA ALA B 236 32.75 11.63 -32.84
C ALA B 236 31.59 12.11 -33.71
N LEU B 237 31.68 13.37 -34.15
CA LEU B 237 30.65 13.97 -34.98
C LEU B 237 30.62 13.36 -36.38
N ASP B 238 31.71 12.70 -36.75
CA ASP B 238 31.79 11.97 -38.02
C ASP B 238 31.65 10.48 -37.72
N PRO B 239 30.51 9.89 -38.10
CA PRO B 239 30.19 8.48 -37.86
C PRO B 239 31.24 7.52 -38.39
N ALA B 240 31.95 7.93 -39.44
CA ALA B 240 33.03 7.13 -40.00
C ALA B 240 34.18 7.00 -39.01
N ASP B 241 34.12 7.79 -37.94
CA ASP B 241 35.14 7.78 -36.90
C ASP B 241 34.70 7.01 -35.65
N TRP B 242 33.44 6.60 -35.62
CA TRP B 242 32.95 5.77 -34.52
C TRP B 242 33.67 4.43 -34.52
N THR B 243 33.97 3.91 -33.34
CA THR B 243 34.67 2.63 -33.21
C THR B 243 34.06 1.76 -32.13
N VAL B 244 34.37 0.47 -32.18
CA VAL B 244 34.04 -0.44 -31.08
C VAL B 244 35.27 -0.57 -30.19
N GLN B 245 35.13 -0.16 -28.93
CA GLN B 245 36.27 -0.10 -28.02
C GLN B 245 36.49 -1.39 -27.24
N LYS B 246 35.51 -2.28 -27.26
CA LYS B 246 35.61 -3.55 -26.55
C LYS B 246 34.41 -4.44 -26.82
N VAL B 247 34.64 -5.75 -26.87
CA VAL B 247 33.57 -6.70 -27.08
C VAL B 247 33.42 -7.65 -25.89
N PHE B 248 32.17 -7.96 -25.55
CA PHE B 248 31.87 -8.96 -24.53
C PHE B 248 31.17 -10.13 -25.19
N PHE B 249 31.76 -11.31 -25.11
CA PHE B 249 31.12 -12.50 -25.64
C PHE B 249 30.95 -13.62 -24.63
N GLN B 250 29.70 -13.89 -24.29
CA GLN B 250 29.32 -15.03 -23.45
C GLN B 250 30.27 -15.30 -22.30
N GLY B 251 30.61 -14.25 -21.55
CA GLY B 251 31.45 -14.41 -20.38
C GLY B 251 32.71 -13.56 -20.38
N ARG B 252 33.49 -13.65 -21.46
CA ARG B 252 34.75 -12.91 -21.50
C ARG B 252 34.84 -11.77 -22.50
N TYR B 253 35.82 -10.90 -22.27
CA TYR B 253 36.00 -9.68 -23.03
C TYR B 253 37.09 -9.85 -24.09
N TYR B 254 36.95 -9.10 -25.18
CA TYR B 254 37.94 -9.09 -26.25
C TYR B 254 38.13 -7.65 -26.71
N GLU B 255 39.31 -7.34 -27.24
CA GLU B 255 39.60 -5.98 -27.69
C GLU B 255 38.75 -5.59 -28.88
N ASN B 256 38.49 -6.54 -29.76
CA ASN B 256 37.69 -6.31 -30.96
C ASN B 256 37.12 -7.60 -31.53
N LEU B 257 36.23 -7.48 -32.51
CA LEU B 257 35.57 -8.65 -33.10
C LEU B 257 36.53 -9.50 -33.93
N ALA B 258 37.59 -8.88 -34.44
CA ALA B 258 38.60 -9.60 -35.20
C ALA B 258 39.40 -10.53 -34.29
N GLN B 259 39.62 -10.09 -33.06
CA GLN B 259 40.32 -10.89 -32.06
C GLN B 259 39.48 -12.09 -31.65
N LEU B 260 38.18 -11.87 -31.50
CA LEU B 260 37.24 -12.92 -31.12
C LEU B 260 37.16 -14.01 -32.19
N GLU B 261 37.10 -13.57 -33.46
CA GLU B 261 36.92 -14.49 -34.57
C GLU B 261 38.06 -15.50 -34.70
N GLU B 262 39.30 -15.02 -34.57
CA GLU B 262 40.46 -15.90 -34.74
C GLU B 262 40.65 -16.90 -33.60
N GLN B 263 40.41 -16.45 -32.37
CA GLN B 263 40.44 -17.35 -31.23
C GLN B 263 39.37 -18.43 -31.39
N PHE B 264 38.23 -18.04 -31.97
CA PHE B 264 37.19 -19.01 -32.29
C PHE B 264 37.69 -19.99 -33.34
N GLU B 265 38.21 -19.47 -34.44
CA GLU B 265 38.78 -20.30 -35.50
C GLU B 265 39.86 -21.22 -34.94
N ALA B 266 40.64 -20.71 -34.01
CA ALA B 266 41.73 -21.47 -33.40
C ALA B 266 41.23 -22.40 -32.30
N GLY B 267 39.91 -22.60 -32.26
CA GLY B 267 39.31 -23.46 -31.25
C GLY B 267 39.69 -23.02 -29.84
N GLN B 268 39.74 -21.71 -29.63
CA GLN B 268 40.12 -21.16 -28.33
C GLN B 268 38.92 -20.56 -27.59
N VAL B 269 37.75 -20.60 -28.23
CA VAL B 269 36.55 -20.00 -27.64
C VAL B 269 35.41 -21.00 -27.54
N ASN B 270 34.88 -21.17 -26.33
CA ASN B 270 33.73 -22.05 -26.11
C ASN B 270 32.44 -21.30 -26.42
N VAL B 271 31.70 -21.79 -27.42
CA VAL B 271 30.50 -21.11 -27.87
C VAL B 271 29.23 -21.83 -27.43
N VAL B 272 28.40 -21.14 -26.66
CA VAL B 272 27.10 -21.66 -26.26
C VAL B 272 26.09 -21.39 -27.36
N VAL B 273 25.50 -22.46 -27.90
CA VAL B 273 24.50 -22.34 -28.95
C VAL B 273 23.18 -21.81 -28.40
N ILE B 274 22.63 -20.79 -29.05
CA ILE B 274 21.40 -20.16 -28.60
C ILE B 274 20.26 -20.43 -29.57
N PRO B 275 19.22 -21.13 -29.10
CA PRO B 275 18.10 -21.57 -29.91
C PRO B 275 16.91 -20.61 -29.92
N ASP B 276 16.27 -20.51 -31.09
CA ASP B 276 15.06 -19.72 -31.27
C ASP B 276 14.89 -19.31 -32.73
N ARG B 305 -20.82 12.30 -16.14
CA ARG B 305 -20.82 12.97 -14.85
C ARG B 305 -19.58 13.85 -14.72
N PHE B 306 -18.86 13.96 -15.83
CA PHE B 306 -17.71 14.87 -15.95
C PHE B 306 -17.53 15.26 -17.41
N SER B 307 -16.96 16.43 -17.65
CA SER B 307 -16.82 16.95 -19.01
C SER B 307 -15.41 17.45 -19.32
N VAL B 308 -14.73 16.78 -20.24
CA VAL B 308 -13.43 17.23 -20.70
C VAL B 308 -13.63 18.20 -21.87
N GLN B 309 -13.01 19.38 -21.75
CA GLN B 309 -13.07 20.38 -22.80
C GLN B 309 -11.75 21.13 -22.86
N GLY B 310 -10.95 20.80 -23.87
CA GLY B 310 -9.58 21.32 -23.96
C GLY B 310 -8.68 20.53 -23.02
N ASN B 311 -7.98 21.25 -22.15
CA ASN B 311 -7.07 20.64 -21.18
C ASN B 311 -7.69 20.54 -19.80
N ARG B 312 -9.01 20.78 -19.72
CA ARG B 312 -9.69 20.93 -18.45
C ARG B 312 -10.75 19.85 -18.21
N VAL B 313 -10.58 19.09 -17.13
CA VAL B 313 -11.59 18.12 -16.70
C VAL B 313 -12.40 18.73 -15.57
N ALA B 314 -13.72 18.60 -15.66
CA ALA B 314 -14.60 19.20 -14.65
C ALA B 314 -15.74 18.28 -14.24
N SER B 315 -15.76 17.88 -12.97
CA SER B 315 -16.85 17.11 -12.42
C SER B 315 -17.65 17.98 -11.45
N SER B 316 -18.49 17.35 -10.64
CA SER B 316 -19.27 18.07 -9.65
C SER B 316 -18.40 18.50 -8.48
N LEU B 317 -17.28 17.79 -8.28
CA LEU B 317 -16.41 18.03 -7.14
C LEU B 317 -15.00 18.46 -7.53
N TRP B 318 -14.55 18.02 -8.70
CA TRP B 318 -13.16 18.25 -9.11
C TRP B 318 -12.99 19.14 -10.33
N THR B 319 -11.87 19.86 -10.35
CA THR B 319 -11.46 20.69 -11.48
C THR B 319 -9.94 20.68 -11.58
N PHE B 320 -9.41 20.29 -12.74
CA PHE B 320 -7.98 20.31 -12.96
C PHE B 320 -7.60 20.39 -14.44
N SER B 321 -6.49 21.07 -14.72
CA SER B 321 -5.93 21.12 -16.06
C SER B 321 -4.84 20.06 -16.17
N PHE B 322 -4.97 19.19 -17.17
CA PHE B 322 -4.01 18.10 -17.35
C PHE B 322 -3.08 18.36 -18.54
N GLY B 323 -2.05 17.54 -18.67
CA GLY B 323 -1.08 17.67 -19.74
C GLY B 323 -0.06 16.56 -19.77
N LEU B 324 0.96 16.73 -20.60
CA LEU B 324 1.99 15.72 -20.76
C LEU B 324 3.33 16.36 -21.11
N GLY B 325 4.28 16.27 -20.19
CA GLY B 325 5.64 16.72 -20.46
C GLY B 325 6.33 15.72 -21.37
N ALA B 326 6.85 16.20 -22.50
CA ALA B 326 7.49 15.33 -23.48
C ALA B 326 8.60 14.50 -22.87
N PHE B 327 9.17 14.98 -21.77
CA PHE B 327 10.27 14.29 -21.11
C PHE B 327 9.92 13.86 -19.69
N SER B 328 9.22 14.73 -18.97
CA SER B 328 8.89 14.46 -17.57
C SER B 328 7.61 13.63 -17.40
N GLY B 329 6.79 13.57 -18.45
CA GLY B 329 5.58 12.76 -18.42
C GLY B 329 4.34 13.50 -17.96
N PRO B 330 3.33 12.74 -17.50
CA PRO B 330 2.00 13.24 -17.11
C PRO B 330 2.06 14.29 -16.01
N ARG B 331 1.23 15.32 -16.15
CA ARG B 331 1.15 16.37 -15.15
C ARG B 331 -0.26 16.94 -15.05
N VAL B 332 -0.55 17.59 -13.93
CA VAL B 332 -1.86 18.20 -13.68
C VAL B 332 -1.71 19.54 -12.99
N PHE B 333 -2.54 20.51 -13.35
CA PHE B 333 -2.42 21.86 -12.83
C PHE B 333 -3.71 22.40 -12.23
N ASP B 334 -3.57 23.33 -11.29
CA ASP B 334 -4.71 24.04 -10.73
C ASP B 334 -5.76 23.07 -10.21
N VAL B 335 -5.34 22.14 -9.34
CA VAL B 335 -6.24 21.14 -8.79
C VAL B 335 -7.20 21.77 -7.79
N ARG B 336 -8.47 21.85 -8.15
CA ARG B 336 -9.48 22.44 -7.29
C ARG B 336 -10.54 21.44 -6.84
N PHE B 337 -10.80 21.39 -5.55
CA PHE B 337 -11.84 20.54 -4.99
C PHE B 337 -12.99 21.38 -4.45
N GLN B 338 -14.15 21.29 -5.11
CA GLN B 338 -15.32 22.06 -4.74
C GLN B 338 -15.07 23.57 -4.81
N GLY B 339 -14.20 23.98 -5.73
CA GLY B 339 -13.91 25.40 -5.93
C GLY B 339 -12.65 25.88 -5.23
N GLU B 340 -12.12 25.06 -4.33
CA GLU B 340 -10.92 25.43 -3.57
C GLU B 340 -9.68 24.70 -4.11
N ARG B 341 -8.68 25.46 -4.53
CA ARG B 341 -7.46 24.88 -5.06
C ARG B 341 -6.67 24.15 -3.98
N LEU B 342 -6.39 22.87 -4.24
CA LEU B 342 -5.60 22.06 -3.32
C LEU B 342 -4.12 22.14 -3.68
N ALA B 343 -3.83 22.15 -4.99
CA ALA B 343 -2.46 22.19 -5.46
C ALA B 343 -2.32 22.98 -6.76
N TYR B 344 -1.20 23.66 -6.92
CA TYR B 344 -0.91 24.41 -8.14
C TYR B 344 -0.51 23.45 -9.26
N GLU B 345 0.26 22.43 -8.90
CA GLU B 345 0.79 21.49 -9.87
C GLU B 345 1.14 20.15 -9.24
N ILE B 346 0.66 19.07 -9.85
CA ILE B 346 1.06 17.72 -9.47
C ILE B 346 1.60 17.02 -10.72
N SER B 347 2.92 16.83 -10.77
CA SER B 347 3.54 16.32 -11.98
C SER B 347 4.64 15.28 -11.75
N LEU B 348 4.80 14.40 -12.72
CA LEU B 348 5.90 13.45 -12.73
C LEU B 348 7.18 14.18 -13.10
N GLN B 349 8.24 13.98 -12.32
CA GLN B 349 9.51 14.65 -12.56
C GLN B 349 10.49 13.76 -13.31
N GLU B 350 10.63 12.53 -12.84
CA GLU B 350 11.61 11.62 -13.39
C GLU B 350 11.30 10.17 -13.03
N ALA B 351 11.61 9.26 -13.95
CA ALA B 351 11.52 7.83 -13.69
C ALA B 351 12.90 7.21 -13.83
N GLY B 352 13.33 6.49 -12.79
CA GLY B 352 14.67 5.91 -12.77
C GLY B 352 14.70 4.40 -12.64
N ALA B 353 15.84 3.82 -13.01
CA ALA B 353 16.01 2.37 -12.94
C ALA B 353 17.48 1.96 -12.76
N VAL B 354 17.76 1.16 -11.75
CA VAL B 354 19.11 0.69 -11.48
C VAL B 354 19.20 -0.83 -11.61
N TYR B 355 20.11 -1.30 -12.46
CA TYR B 355 20.27 -2.73 -12.70
C TYR B 355 21.52 -3.32 -12.05
N GLY B 356 21.57 -4.65 -12.02
CA GLY B 356 22.75 -5.38 -11.57
C GLY B 356 22.92 -6.62 -12.43
N GLY B 357 24.16 -7.07 -12.59
CA GLY B 357 24.44 -8.25 -13.40
C GLY B 357 25.92 -8.48 -13.63
N ASN B 358 26.26 -9.59 -14.27
CA ASN B 358 27.66 -9.87 -14.61
C ASN B 358 27.92 -9.66 -16.11
N THR B 359 26.95 -9.08 -16.79
CA THR B 359 27.10 -8.66 -18.18
C THR B 359 27.10 -7.13 -18.22
N PRO B 360 27.82 -6.54 -19.19
CA PRO B 360 28.09 -5.10 -19.21
C PRO B 360 26.85 -4.22 -19.02
N ALA B 361 25.91 -4.28 -19.96
CA ALA B 361 24.72 -3.43 -19.94
C ALA B 361 23.96 -3.50 -18.62
N ALA B 362 23.66 -4.72 -18.18
CA ALA B 362 22.92 -4.93 -16.93
C ALA B 362 23.75 -4.53 -15.72
N MET B 363 25.06 -4.64 -15.85
CA MET B 363 25.98 -4.28 -14.78
C MET B 363 26.07 -2.76 -14.60
N LEU B 364 25.91 -2.03 -15.69
CA LEU B 364 26.17 -0.59 -15.71
C LEU B 364 24.90 0.26 -15.70
N THR B 365 23.81 -0.27 -16.25
CA THR B 365 22.61 0.52 -16.52
C THR B 365 22.01 1.27 -15.33
N ARG B 366 21.87 2.59 -15.50
CA ARG B 366 21.14 3.43 -14.57
C ARG B 366 20.27 4.41 -15.36
N TYR B 367 18.99 4.10 -15.48
CA TYR B 367 18.10 4.90 -16.32
C TYR B 367 17.56 6.15 -15.64
N MET B 368 17.61 7.26 -16.35
CA MET B 368 16.90 8.48 -16.00
C MET B 368 15.97 8.78 -17.16
N ASP B 369 14.83 8.08 -17.17
CA ASP B 369 13.97 7.96 -18.35
C ASP B 369 13.53 9.25 -19.04
N SER B 370 13.66 10.39 -18.36
CA SER B 370 13.32 11.67 -18.98
C SER B 370 14.35 12.02 -20.06
N GLY B 371 15.50 11.36 -20.01
CA GLY B 371 16.52 11.51 -21.04
C GLY B 371 16.03 10.93 -22.35
N PHE B 372 14.94 10.15 -22.28
CA PHE B 372 14.30 9.59 -23.45
C PHE B 372 12.98 10.29 -23.72
N GLY B 373 12.13 10.33 -22.69
CA GLY B 373 10.86 11.05 -22.77
C GLY B 373 9.67 10.21 -22.37
N MET B 374 9.05 10.56 -21.25
CA MET B 374 7.85 9.85 -20.79
C MET B 374 6.63 10.17 -21.65
N GLY B 375 6.57 11.39 -22.17
CA GLY B 375 5.50 11.78 -23.08
C GLY B 375 5.80 11.34 -24.50
N TYR B 376 7.02 11.63 -24.94
CA TYR B 376 7.50 11.25 -26.27
C TYR B 376 7.33 9.74 -26.49
N PHE B 377 7.49 8.97 -25.43
CA PHE B 377 7.34 7.52 -25.51
C PHE B 377 6.01 7.02 -24.95
N ALA B 378 5.04 7.92 -24.87
CA ALA B 378 3.69 7.53 -24.47
C ALA B 378 2.99 6.86 -25.66
N THR B 379 2.06 5.96 -25.38
CA THR B 379 1.37 5.22 -26.43
C THR B 379 -0.13 5.41 -26.36
N PRO B 380 -0.82 5.15 -27.48
CA PRO B 380 -2.29 5.19 -27.49
C PRO B 380 -2.86 4.12 -26.57
N LEU B 381 -3.82 4.52 -25.74
CA LEU B 381 -4.47 3.59 -24.82
C LEU B 381 -5.52 2.78 -25.57
N ILE B 382 -5.51 1.46 -25.38
CA ILE B 382 -6.48 0.61 -26.06
C ILE B 382 -7.81 0.59 -25.32
N ARG B 383 -8.82 1.16 -25.97
CA ARG B 383 -10.17 1.24 -25.41
C ARG B 383 -10.69 -0.14 -25.05
N GLY B 384 -11.12 -0.30 -23.80
CA GLY B 384 -11.60 -1.58 -23.32
C GLY B 384 -10.53 -2.34 -22.55
N VAL B 385 -9.27 -2.12 -22.92
CA VAL B 385 -8.15 -2.75 -22.24
C VAL B 385 -7.51 -1.78 -21.24
N ASP B 386 -6.89 -0.72 -21.76
CA ASP B 386 -6.19 0.25 -20.93
C ASP B 386 -7.16 1.12 -20.13
N CYS B 387 -8.26 1.50 -20.76
CA CYS B 387 -9.30 2.28 -20.09
C CYS B 387 -10.68 1.71 -20.42
N PRO B 388 -11.62 1.80 -19.47
CA PRO B 388 -12.99 1.35 -19.68
C PRO B 388 -13.58 1.86 -20.98
N TYR B 389 -14.53 1.10 -21.55
CA TYR B 389 -15.09 1.43 -22.85
C TYR B 389 -15.73 2.82 -22.94
N LEU B 390 -16.29 3.29 -21.83
CA LEU B 390 -16.98 4.58 -21.83
C LEU B 390 -16.13 5.69 -21.23
N ALA B 391 -14.81 5.56 -21.31
CA ALA B 391 -13.90 6.59 -20.83
C ALA B 391 -13.81 7.73 -21.83
N THR B 392 -13.34 8.88 -21.37
CA THR B 392 -13.07 9.99 -22.26
C THR B 392 -11.62 9.88 -22.75
N TYR B 393 -11.41 10.14 -24.04
CA TYR B 393 -10.10 9.95 -24.65
C TYR B 393 -9.59 11.22 -25.33
N MET B 394 -8.45 11.73 -24.85
CA MET B 394 -7.86 12.93 -25.42
C MET B 394 -6.58 12.63 -26.20
N ASP B 395 -6.22 13.52 -27.11
CA ASP B 395 -5.02 13.36 -27.92
C ASP B 395 -3.91 14.28 -27.44
N TRP B 396 -2.70 14.05 -27.94
CA TRP B 396 -1.52 14.84 -27.56
C TRP B 396 -0.67 15.11 -28.79
N HIS B 397 -0.06 16.29 -28.85
CA HIS B 397 0.74 16.69 -30.00
C HIS B 397 2.14 17.07 -29.58
N PHE B 398 3.13 16.71 -30.39
CA PHE B 398 4.53 16.87 -30.02
C PHE B 398 5.46 17.03 -31.22
N VAL B 399 6.47 17.87 -31.06
CA VAL B 399 7.56 17.94 -32.02
C VAL B 399 8.88 17.58 -31.33
N VAL B 400 9.23 16.31 -31.41
CA VAL B 400 10.49 15.80 -30.89
C VAL B 400 11.17 14.98 -31.98
N GLU B 401 12.31 15.47 -32.47
CA GLU B 401 13.04 14.84 -33.55
C GLU B 401 12.28 14.90 -34.88
N SER B 402 11.59 16.01 -35.12
CA SER B 402 10.83 16.17 -36.36
C SER B 402 10.63 17.63 -36.76
N GLN B 403 10.26 17.84 -38.02
CA GLN B 403 9.95 19.17 -38.53
C GLN B 403 8.52 19.54 -38.18
N THR B 404 7.59 18.65 -38.53
CA THR B 404 6.17 18.89 -38.35
C THR B 404 5.66 18.28 -37.05
N PRO B 405 4.65 18.91 -36.44
CA PRO B 405 4.01 18.37 -35.25
C PRO B 405 3.49 16.95 -35.47
N LYS B 406 3.68 16.08 -34.47
CA LYS B 406 3.12 14.74 -34.50
C LYS B 406 1.96 14.64 -33.51
N THR B 407 1.04 13.73 -33.77
CA THR B 407 -0.14 13.58 -32.92
C THR B 407 -0.25 12.19 -32.30
N LEU B 408 -0.40 12.14 -30.98
CA LEU B 408 -0.60 10.89 -30.27
C LEU B 408 -2.08 10.72 -29.93
N HIS B 409 -2.73 9.78 -30.59
CA HIS B 409 -4.15 9.53 -30.37
C HIS B 409 -4.36 8.77 -29.06
N ASP B 410 -5.37 9.20 -28.30
CA ASP B 410 -5.70 8.56 -27.03
C ASP B 410 -4.49 8.46 -26.10
N ALA B 411 -3.78 9.58 -25.95
CA ALA B 411 -2.65 9.64 -25.04
C ALA B 411 -3.13 9.63 -23.59
N PHE B 412 -4.29 10.22 -23.37
CA PHE B 412 -4.89 10.29 -22.04
C PHE B 412 -6.27 9.66 -22.03
N CYS B 413 -6.75 9.35 -20.82
CA CYS B 413 -8.14 8.92 -20.64
C CYS B 413 -8.62 9.27 -19.24
N VAL B 414 -9.86 9.75 -19.16
CA VAL B 414 -10.50 10.04 -17.88
C VAL B 414 -11.82 9.28 -17.79
N PHE B 415 -12.06 8.64 -16.66
CA PHE B 415 -13.27 7.85 -16.47
C PHE B 415 -13.68 7.73 -15.01
N GLU B 416 -14.90 7.28 -14.79
CA GLU B 416 -15.41 7.02 -13.44
C GLU B 416 -15.19 5.56 -13.10
N GLN B 417 -14.70 5.30 -11.89
CA GLN B 417 -14.41 3.94 -11.46
C GLN B 417 -15.16 3.58 -10.18
N ASN B 418 -16.21 2.79 -10.32
CA ASN B 418 -16.91 2.26 -9.15
C ASN B 418 -16.02 1.22 -8.46
N LYS B 419 -15.44 1.62 -7.34
CA LYS B 419 -14.48 0.77 -6.62
C LYS B 419 -15.07 -0.56 -6.17
N GLY B 420 -16.40 -0.62 -6.04
CA GLY B 420 -17.06 -1.84 -5.61
C GLY B 420 -16.95 -2.06 -4.12
N LEU B 421 -16.33 -1.09 -3.44
CA LEU B 421 -16.14 -1.13 -2.00
C LEU B 421 -16.93 0.02 -1.38
N PRO B 422 -17.66 -0.23 -0.29
CA PRO B 422 -18.46 0.84 0.30
C PRO B 422 -17.59 1.95 0.86
N LEU B 423 -17.84 3.17 0.40
CA LEU B 423 -17.08 4.33 0.86
C LEU B 423 -17.40 4.66 2.32
N ARG B 424 -18.66 4.46 2.73
CA ARG B 424 -19.07 4.85 4.07
C ARG B 424 -20.10 3.93 4.76
N ARG B 425 -20.78 3.08 4.00
CA ARG B 425 -21.83 2.22 4.55
C ARG B 425 -22.99 3.05 5.10
N GLY B 436 -26.90 5.36 6.69
CA GLY B 436 -27.08 5.05 5.26
C GLY B 436 -25.92 5.58 4.42
N GLY B 437 -25.32 4.70 3.63
CA GLY B 437 -24.16 5.08 2.82
C GLY B 437 -24.26 4.72 1.35
N VAL B 438 -23.11 4.67 0.70
CA VAL B 438 -23.03 4.41 -0.74
C VAL B 438 -21.62 3.94 -1.13
N ALA B 439 -21.52 3.32 -2.31
CA ALA B 439 -20.25 2.77 -2.79
C ALA B 439 -19.24 3.86 -3.14
N GLN B 440 -17.99 3.44 -3.33
CA GLN B 440 -16.89 4.33 -3.61
C GLN B 440 -16.73 4.54 -5.12
N THR B 441 -17.11 5.72 -5.61
CA THR B 441 -16.93 6.03 -7.02
C THR B 441 -15.84 7.08 -7.21
N VAL B 442 -14.91 6.80 -8.13
CA VAL B 442 -13.70 7.60 -8.26
C VAL B 442 -13.48 8.12 -9.69
N LEU B 443 -12.87 9.30 -9.79
CA LEU B 443 -12.49 9.87 -11.08
C LEU B 443 -11.04 9.53 -11.38
N VAL B 444 -10.80 8.90 -12.53
CA VAL B 444 -9.46 8.42 -12.85
C VAL B 444 -8.86 9.03 -14.12
N PHE B 445 -7.67 9.64 -13.95
CA PHE B 445 -6.92 10.23 -15.05
C PHE B 445 -5.71 9.35 -15.35
N ARG B 446 -5.66 8.78 -16.56
CA ARG B 446 -4.64 7.78 -16.88
C ARG B 446 -3.91 8.02 -18.20
N SER B 447 -2.71 7.44 -18.29
CA SER B 447 -1.91 7.45 -19.52
C SER B 447 -0.75 6.46 -19.38
N VAL B 448 -0.18 6.03 -20.49
CA VAL B 448 0.86 5.00 -20.47
C VAL B 448 2.10 5.36 -21.28
N SER B 449 3.27 5.24 -20.65
CA SER B 449 4.55 5.38 -21.34
C SER B 449 5.16 4.02 -21.60
N THR B 450 5.62 3.79 -22.82
CA THR B 450 6.18 2.51 -23.22
C THR B 450 7.56 2.68 -23.85
N MET B 451 8.55 1.99 -23.29
CA MET B 451 9.90 2.01 -23.86
C MET B 451 10.44 0.60 -24.05
N LEU B 452 10.61 0.23 -25.31
CA LEU B 452 11.08 -1.11 -25.67
C LEU B 452 10.13 -2.18 -25.16
N ASN B 453 8.87 -1.82 -24.98
CA ASN B 453 7.85 -2.72 -24.44
C ASN B 453 7.77 -2.77 -22.92
N TPQ B 454 8.86 -2.02 -22.28
CA TPQ B 454 8.43 -2.20 -20.87
CB TPQ B 454 9.57 -1.64 -20.03
C TPQ B 454 7.28 -1.22 -20.90
O TPQ B 454 6.85 -0.80 -21.99
C1 TPQ B 454 9.85 -2.51 -18.82
C2 TPQ B 454 11.23 -2.53 -18.26
O2 TPQ B 454 12.21 -1.78 -18.83
C3 TPQ B 454 11.51 -3.30 -17.14
C4 TPQ B 454 10.51 -4.07 -16.55
O4 TPQ B 454 10.79 -4.84 -15.46
C5 TPQ B 454 9.13 -4.05 -17.11
O5 TPQ B 454 8.15 -4.80 -16.53
C6 TPQ B 454 8.84 -3.27 -18.23
N ASP B 455 6.45 -0.80 -19.94
CA ASP B 455 5.22 -0.03 -19.75
C ASP B 455 5.07 0.56 -18.34
N TYR B 456 4.96 1.88 -18.27
CA TYR B 456 4.53 2.55 -17.06
C TYR B 456 3.10 3.02 -17.28
N VAL B 457 2.19 2.60 -16.41
CA VAL B 457 0.84 3.16 -16.42
C VAL B 457 0.69 4.17 -15.30
N TRP B 458 0.53 5.44 -15.68
CA TRP B 458 0.48 6.55 -14.73
C TRP B 458 -0.95 6.88 -14.35
N ASP B 459 -1.30 6.67 -13.09
CA ASP B 459 -2.66 6.92 -12.62
C ASP B 459 -2.76 8.10 -11.67
N MET B 460 -3.77 8.92 -11.90
CA MET B 460 -4.16 9.96 -10.95
C MET B 460 -5.64 9.80 -10.66
N VAL B 461 -5.97 9.51 -9.40
CA VAL B 461 -7.33 9.23 -9.01
C VAL B 461 -7.86 10.25 -8.00
N PHE B 462 -9.05 10.79 -8.28
CA PHE B 462 -9.64 11.86 -7.50
C PHE B 462 -10.89 11.40 -6.76
N TYR B 463 -10.80 11.37 -5.43
CA TYR B 463 -11.89 10.87 -4.59
C TYR B 463 -12.94 11.93 -4.29
N PRO B 464 -14.18 11.49 -3.99
CA PRO B 464 -15.29 12.40 -3.69
C PRO B 464 -15.20 13.03 -2.30
N ASN B 465 -14.23 12.61 -1.50
CA ASN B 465 -14.04 13.20 -0.18
C ASN B 465 -12.90 14.24 -0.15
N GLY B 466 -12.21 14.37 -1.29
CA GLY B 466 -11.14 15.35 -1.41
C GLY B 466 -9.75 14.76 -1.40
N ALA B 467 -9.68 13.43 -1.34
CA ALA B 467 -8.40 12.75 -1.33
C ALA B 467 -7.89 12.48 -2.75
N ILE B 468 -6.57 12.57 -2.92
CA ILE B 468 -5.95 12.31 -4.22
C ILE B 468 -4.97 11.14 -4.12
N GLU B 469 -5.03 10.24 -5.10
CA GLU B 469 -4.17 9.07 -5.12
C GLU B 469 -3.32 9.07 -6.40
N VAL B 470 -2.01 8.93 -6.23
CA VAL B 470 -1.10 8.86 -7.37
C VAL B 470 -0.31 7.55 -7.34
N LYS B 471 -0.54 6.70 -8.33
CA LYS B 471 0.09 5.39 -8.39
C LYS B 471 0.86 5.15 -9.68
N LEU B 472 1.89 4.33 -9.60
CA LEU B 472 2.64 3.89 -10.77
C LEU B 472 2.56 2.37 -10.88
N HIS B 473 2.34 1.88 -12.10
CA HIS B 473 2.33 0.44 -12.35
C HIS B 473 3.31 0.08 -13.46
N ALA B 474 4.26 -0.78 -13.14
CA ALA B 474 5.19 -1.29 -14.14
C ALA B 474 4.69 -2.62 -14.69
N THR B 475 4.86 -2.82 -16.00
CA THR B 475 4.42 -4.06 -16.64
C THR B 475 5.01 -4.19 -18.04
N GLY B 476 5.01 -5.42 -18.57
CA GLY B 476 5.53 -5.68 -19.90
C GLY B 476 6.70 -6.66 -19.88
N TYR B 477 7.66 -6.44 -20.77
CA TYR B 477 8.81 -7.34 -20.88
C TYR B 477 10.00 -6.83 -20.09
N ILE B 478 10.64 -7.74 -19.37
CA ILE B 478 11.85 -7.43 -18.63
C ILE B 478 13.07 -7.50 -19.54
N SER B 479 14.10 -6.73 -19.21
CA SER B 479 15.36 -6.83 -19.94
C SER B 479 16.07 -8.09 -19.49
N SER B 480 16.70 -8.79 -20.43
CA SER B 480 17.36 -10.06 -20.12
C SER B 480 18.88 -9.97 -20.24
N ALA B 481 19.54 -10.95 -19.64
CA ALA B 481 20.99 -11.07 -19.74
C ALA B 481 21.34 -12.52 -20.05
N PHE B 482 22.39 -12.72 -20.85
CA PHE B 482 22.87 -14.05 -21.15
C PHE B 482 23.41 -14.70 -19.89
N LEU B 483 22.98 -15.92 -19.62
CA LEU B 483 23.34 -16.60 -18.36
C LEU B 483 24.69 -17.31 -18.43
N PHE B 484 25.59 -16.92 -17.54
CA PHE B 484 26.89 -17.57 -17.41
C PHE B 484 27.43 -17.37 -15.99
N GLY B 485 28.29 -18.28 -15.55
CA GLY B 485 28.96 -18.16 -14.26
C GLY B 485 28.04 -17.92 -13.08
N ALA B 486 28.49 -17.08 -12.15
CA ALA B 486 27.71 -16.77 -10.96
C ALA B 486 26.65 -15.71 -11.24
N ALA B 487 25.82 -15.98 -12.25
CA ALA B 487 24.79 -15.03 -12.68
C ALA B 487 23.66 -14.89 -11.67
N ARG B 488 23.43 -15.95 -10.89
CA ARG B 488 22.35 -15.96 -9.91
C ARG B 488 22.61 -14.98 -8.76
N ARG B 489 23.84 -14.48 -8.70
CA ARG B 489 24.20 -13.45 -7.73
C ARG B 489 23.58 -12.11 -8.14
N TYR B 490 22.98 -12.10 -9.33
CA TYR B 490 22.44 -10.86 -9.89
C TYR B 490 21.04 -11.05 -10.46
N GLY B 491 20.31 -12.04 -9.95
CA GLY B 491 18.95 -12.30 -10.42
C GLY B 491 18.64 -13.78 -10.50
N ASN B 492 17.57 -14.12 -11.22
CA ASN B 492 17.15 -15.50 -11.36
C ASN B 492 17.10 -15.96 -12.81
N GLN B 493 17.33 -17.25 -13.03
CA GLN B 493 17.22 -17.83 -14.36
C GLN B 493 15.75 -17.90 -14.77
N VAL B 494 15.43 -17.33 -15.92
CA VAL B 494 14.05 -17.29 -16.40
C VAL B 494 13.87 -18.12 -17.67
N GLY B 495 14.96 -18.74 -18.11
CA GLY B 495 14.96 -19.59 -19.30
C GLY B 495 16.36 -20.12 -19.56
N GLU B 496 16.50 -21.08 -20.45
CA GLU B 496 17.82 -21.61 -20.78
C GLU B 496 18.72 -20.47 -21.25
N HIS B 497 19.89 -20.35 -20.63
CA HIS B 497 20.86 -19.32 -20.99
C HIS B 497 20.31 -17.90 -20.80
N THR B 498 19.29 -17.75 -19.97
CA THR B 498 18.67 -16.45 -19.75
C THR B 498 18.48 -16.11 -18.28
N LEU B 499 19.06 -14.99 -17.87
CA LEU B 499 18.94 -14.48 -16.52
C LEU B 499 18.06 -13.24 -16.49
N GLY B 500 17.24 -13.12 -15.45
CA GLY B 500 16.48 -11.90 -15.21
C GLY B 500 17.21 -11.08 -14.15
N PRO B 501 17.97 -10.06 -14.60
CA PRO B 501 18.83 -9.28 -13.71
C PRO B 501 18.07 -8.44 -12.69
N VAL B 502 18.64 -8.26 -11.51
CA VAL B 502 18.03 -7.43 -10.48
C VAL B 502 17.90 -5.99 -10.94
N HIS B 503 16.84 -5.33 -10.48
CA HIS B 503 16.67 -3.91 -10.71
C HIS B 503 15.65 -3.30 -9.77
N THR B 504 15.81 -2.00 -9.52
CA THR B 504 14.83 -1.25 -8.75
C THR B 504 14.15 -0.24 -9.68
N HIS B 505 12.85 -0.05 -9.49
CA HIS B 505 12.13 1.01 -10.21
C HIS B 505 11.92 2.18 -9.27
N SER B 506 11.98 3.39 -9.81
CA SER B 506 11.74 4.58 -9.02
C SER B 506 11.11 5.69 -9.86
N ALA B 507 10.34 6.55 -9.20
CA ALA B 507 9.71 7.69 -9.85
C ALA B 507 9.67 8.87 -8.90
N HIS B 508 9.82 10.08 -9.44
CA HIS B 508 9.81 11.29 -8.61
C HIS B 508 8.67 12.20 -9.02
N TYR B 509 7.95 12.71 -8.02
CA TYR B 509 6.81 13.59 -8.27
C TYR B 509 6.99 14.95 -7.62
N LYS B 510 6.52 15.99 -8.31
CA LYS B 510 6.47 17.32 -7.73
C LYS B 510 5.04 17.61 -7.26
N VAL B 511 4.87 17.74 -5.95
CA VAL B 511 3.54 17.97 -5.39
C VAL B 511 3.46 19.37 -4.76
N ASP B 512 3.24 20.37 -5.59
CA ASP B 512 3.16 21.75 -5.12
C ASP B 512 1.79 22.04 -4.53
N LEU B 513 1.55 21.56 -3.32
CA LEU B 513 0.31 21.83 -2.61
C LEU B 513 0.24 23.29 -2.23
N ASP B 514 -0.94 23.88 -2.39
CA ASP B 514 -1.20 25.23 -1.90
C ASP B 514 -2.37 25.18 -0.92
N VAL B 515 -2.11 24.60 0.24
CA VAL B 515 -3.15 24.39 1.25
C VAL B 515 -3.59 25.72 1.86
N GLY B 516 -4.82 26.12 1.54
CA GLY B 516 -5.37 27.38 2.02
C GLY B 516 -4.64 28.59 1.45
N GLY B 517 -4.11 28.44 0.24
CA GLY B 517 -3.35 29.50 -0.40
C GLY B 517 -1.86 29.20 -0.43
N LEU B 518 -1.08 30.17 -0.88
CA LEU B 518 0.38 30.01 -1.01
C LEU B 518 1.07 29.71 0.31
N GLU B 519 0.91 30.60 1.28
CA GLU B 519 1.62 30.53 2.55
C GLU B 519 1.40 29.20 3.27
N ASN B 520 2.45 28.39 3.37
CA ASN B 520 2.36 27.06 3.96
C ASN B 520 3.38 26.78 5.07
N TRP B 521 2.98 25.93 6.01
CA TRP B 521 3.87 25.45 7.06
C TRP B 521 3.92 23.92 6.97
N VAL B 522 4.86 23.30 7.68
CA VAL B 522 4.97 21.84 7.70
C VAL B 522 4.84 21.29 9.12
N TRP B 523 4.03 20.25 9.28
CA TRP B 523 3.84 19.62 10.59
C TRP B 523 4.24 18.15 10.60
N ALA B 524 4.75 17.70 11.74
CA ALA B 524 5.14 16.32 11.93
C ALA B 524 4.46 15.74 13.17
N GLU B 525 3.34 15.06 12.97
CA GLU B 525 2.59 14.48 14.08
C GLU B 525 2.75 12.96 14.10
N ASP B 526 2.88 12.41 15.30
CA ASP B 526 3.04 10.97 15.46
C ASP B 526 2.53 10.52 16.82
N MET B 527 2.89 9.31 17.22
CA MET B 527 2.39 8.74 18.47
C MET B 527 3.52 8.44 19.46
N ALA B 528 3.14 8.26 20.73
CA ALA B 528 4.08 7.92 21.78
C ALA B 528 3.36 7.27 22.95
N PHE B 529 4.05 6.38 23.64
CA PHE B 529 3.54 5.80 24.88
C PHE B 529 4.37 6.31 26.06
N VAL B 530 3.72 6.94 27.02
CA VAL B 530 4.39 7.43 28.21
C VAL B 530 3.77 6.81 29.46
N PRO B 531 4.58 6.10 30.26
CA PRO B 531 4.11 5.48 31.48
C PRO B 531 3.72 6.51 32.55
N THR B 532 2.44 6.59 32.87
CA THR B 532 1.96 7.47 33.93
C THR B 532 1.02 6.70 34.85
N ALA B 533 0.85 7.20 36.07
CA ALA B 533 0.00 6.54 37.05
C ALA B 533 -1.48 6.70 36.70
N ILE B 534 -2.26 5.65 36.96
CA ILE B 534 -3.69 5.69 36.74
C ILE B 534 -4.36 6.53 37.81
N PRO B 535 -5.07 7.59 37.41
CA PRO B 535 -5.69 8.53 38.36
C PRO B 535 -6.54 7.84 39.43
N TRP B 536 -7.32 6.84 39.04
CA TRP B 536 -8.19 6.13 39.97
C TRP B 536 -7.48 4.93 40.61
N SER B 537 -6.23 4.72 40.23
CA SER B 537 -5.40 3.65 40.81
C SER B 537 -3.92 4.02 40.67
N PRO B 538 -3.49 5.04 41.43
CA PRO B 538 -2.15 5.62 41.31
C PRO B 538 -1.03 4.61 41.52
N GLU B 539 -1.34 3.50 42.17
CA GLU B 539 -0.36 2.45 42.42
C GLU B 539 -0.08 1.66 41.14
N HIS B 540 -0.93 1.85 40.14
CA HIS B 540 -0.77 1.18 38.86
C HIS B 540 -0.43 2.18 37.77
N GLN B 541 0.29 1.72 36.75
CA GLN B 541 0.66 2.57 35.63
C GLN B 541 0.01 2.13 34.34
N ILE B 542 0.04 3.02 33.35
CA ILE B 542 -0.59 2.76 32.06
C ILE B 542 0.21 3.47 30.97
N GLN B 543 0.65 2.69 29.98
CA GLN B 543 1.37 3.26 28.85
C GLN B 543 0.44 4.14 28.04
N ARG B 544 0.39 5.42 28.39
CA ARG B 544 -0.53 6.36 27.79
C ARG B 544 -0.18 6.67 26.34
N LEU B 545 -1.09 6.30 25.44
CA LEU B 545 -0.94 6.66 24.03
C LEU B 545 -1.29 8.12 23.84
N GLN B 546 -0.41 8.86 23.17
CA GLN B 546 -0.63 10.29 22.95
C GLN B 546 -0.04 10.78 21.63
N VAL B 547 -0.46 11.97 21.22
CA VAL B 547 -0.03 12.56 19.96
C VAL B 547 1.10 13.56 20.15
N THR B 548 2.15 13.41 19.34
CA THR B 548 3.24 14.39 19.31
C THR B 548 3.09 15.26 18.07
N ARG B 549 3.38 16.54 18.22
CA ARG B 549 3.31 17.50 17.12
C ARG B 549 4.56 18.35 17.08
N LYS B 550 5.04 18.64 15.87
CA LYS B 550 6.22 19.48 15.71
C LYS B 550 6.19 20.23 14.39
N GLN B 551 6.37 21.54 14.45
CA GLN B 551 6.43 22.36 13.25
C GLN B 551 7.87 22.43 12.75
N LEU B 552 8.10 21.93 11.54
CA LEU B 552 9.42 21.96 10.93
C LEU B 552 9.75 23.37 10.45
N GLU B 553 10.99 23.79 10.68
CA GLU B 553 11.40 25.17 10.42
C GLU B 553 12.25 25.31 9.16
N THR B 554 13.11 24.33 8.90
CA THR B 554 14.02 24.39 7.76
C THR B 554 13.82 23.21 6.80
N GLU B 555 14.29 23.37 5.56
CA GLU B 555 14.21 22.31 4.56
C GLU B 555 14.86 21.02 5.03
N GLU B 556 15.96 21.15 5.77
CA GLU B 556 16.72 20.00 6.26
C GLU B 556 15.90 19.06 7.16
N GLN B 557 15.03 19.66 7.98
CA GLN B 557 14.17 18.88 8.88
C GLN B 557 13.15 18.06 8.11
N ALA B 558 12.75 18.57 6.93
CA ALA B 558 11.68 17.96 6.16
C ALA B 558 12.19 17.14 4.97
N ALA B 559 13.45 16.73 5.03
CA ALA B 559 14.02 15.83 4.04
C ALA B 559 14.10 14.43 4.64
N PHE B 560 13.22 13.55 4.20
CA PHE B 560 13.09 12.23 4.82
C PHE B 560 13.74 11.12 4.00
N PRO B 561 14.80 10.52 4.54
CA PRO B 561 15.60 9.52 3.85
C PRO B 561 14.79 8.28 3.48
N LEU B 562 14.91 7.85 2.22
CA LEU B 562 14.33 6.60 1.77
C LEU B 562 14.92 5.48 2.63
N GLY B 563 14.07 4.58 3.10
CA GLY B 563 14.52 3.47 3.93
C GLY B 563 14.49 3.80 5.41
N GLY B 564 14.09 5.03 5.73
CA GLY B 564 13.96 5.45 7.12
C GLY B 564 12.50 5.65 7.48
N ALA B 565 12.25 6.17 8.67
CA ALA B 565 10.90 6.43 9.12
C ALA B 565 10.61 7.93 9.15
N SER B 566 9.43 8.30 8.66
CA SER B 566 8.96 9.68 8.72
C SER B 566 7.75 9.71 9.65
N PRO B 567 7.39 10.90 10.14
CA PRO B 567 6.20 11.02 10.98
C PRO B 567 4.98 10.43 10.27
N ARG B 568 4.17 9.69 11.00
CA ARG B 568 2.99 9.03 10.43
C ARG B 568 2.03 10.03 9.81
N TYR B 569 1.94 11.21 10.42
CA TYR B 569 1.12 12.29 9.87
C TYR B 569 1.98 13.49 9.55
N LEU B 570 2.41 13.58 8.28
CA LEU B 570 3.16 14.75 7.84
C LEU B 570 2.30 15.56 6.88
N TYR B 571 1.87 16.73 7.32
CA TYR B 571 0.97 17.54 6.50
C TYR B 571 1.41 18.99 6.33
N LEU B 572 1.16 19.54 5.14
CA LEU B 572 1.35 20.95 4.88
C LEU B 572 0.08 21.69 5.29
N ALA B 573 0.25 22.76 6.08
CA ALA B 573 -0.89 23.47 6.63
C ALA B 573 -0.96 24.93 6.20
N SER B 574 -2.16 25.50 6.29
CA SER B 574 -2.39 26.90 5.97
C SER B 574 -2.19 27.79 7.19
N LYS B 575 -2.17 29.10 6.96
CA LYS B 575 -2.04 30.07 8.03
C LYS B 575 -3.22 29.95 8.99
N GLN B 576 -4.41 29.78 8.43
CA GLN B 576 -5.63 29.73 9.24
C GLN B 576 -5.96 28.32 9.69
N SER B 577 -6.99 28.21 10.53
CA SER B 577 -7.42 26.92 11.07
C SER B 577 -8.87 26.64 10.70
N ASN B 578 -9.32 25.42 10.97
CA ASN B 578 -10.72 25.07 10.72
C ASN B 578 -11.62 25.56 11.85
N LYS B 579 -12.88 25.11 11.83
CA LYS B 579 -13.87 25.53 12.80
C LYS B 579 -13.49 25.15 14.23
N TRP B 580 -12.61 24.17 14.37
CA TRP B 580 -12.26 23.64 15.68
C TRP B 580 -10.88 24.06 16.17
N GLY B 581 -10.23 24.94 15.41
CA GLY B 581 -8.95 25.50 15.83
C GLY B 581 -7.74 24.70 15.36
N HIS B 582 -7.98 23.70 14.51
CA HIS B 582 -6.89 22.90 13.96
C HIS B 582 -6.50 23.41 12.58
N PRO B 583 -5.19 23.65 12.39
CA PRO B 583 -4.64 24.14 11.12
C PRO B 583 -5.15 23.30 9.95
N ARG B 584 -5.79 23.97 8.99
CA ARG B 584 -6.25 23.31 7.78
C ARG B 584 -5.07 22.67 7.07
N GLY B 585 -5.08 21.35 6.94
CA GLY B 585 -3.95 20.65 6.37
C GLY B 585 -4.29 19.55 5.38
N TYR B 586 -3.35 19.29 4.48
CA TYR B 586 -3.42 18.14 3.59
C TYR B 586 -2.18 17.29 3.79
N ARG B 587 -2.36 16.04 4.19
CA ARG B 587 -1.22 15.19 4.48
C ARG B 587 -0.81 14.31 3.31
N ILE B 588 0.49 14.08 3.20
CA ILE B 588 1.05 13.25 2.15
C ILE B 588 1.43 11.89 2.73
N GLN B 589 0.86 10.83 2.16
CA GLN B 589 1.11 9.48 2.65
C GLN B 589 1.77 8.64 1.56
N THR B 590 3.07 8.39 1.70
CA THR B 590 3.84 7.66 0.70
C THR B 590 3.47 6.18 0.65
N VAL B 591 2.98 5.74 -0.50
CA VAL B 591 2.53 4.35 -0.66
C VAL B 591 3.47 3.62 -1.61
N SER B 592 4.65 3.21 -0.99
CA SER B 592 5.68 2.62 -1.84
C SER B 592 6.72 1.91 -0.98
N PHE B 593 6.92 0.67 -1.20
CA PHE B 593 8.02 -0.12 -0.68
C PHE B 593 9.33 0.42 -1.23
N ALA B 594 10.45 -0.13 -0.61
CA ALA B 594 11.75 0.48 -0.93
C ALA B 594 12.90 -0.08 -1.76
N GLY B 595 12.82 0.31 -3.09
CA GLY B 595 13.82 -0.24 -4.00
C GLY B 595 15.15 -0.24 -3.26
N GLY B 596 15.42 0.85 -2.54
CA GLY B 596 16.59 0.91 -1.68
C GLY B 596 17.73 1.69 -2.30
N PRO B 597 18.16 2.75 -1.63
CA PRO B 597 18.91 3.82 -2.27
C PRO B 597 20.30 3.42 -2.75
N MET B 598 20.70 3.98 -3.89
CA MET B 598 22.05 3.83 -4.41
C MET B 598 23.03 4.54 -3.48
N PRO B 599 24.14 3.87 -3.13
CA PRO B 599 25.16 4.50 -2.30
C PRO B 599 25.65 5.80 -2.94
N GLN B 600 25.86 6.82 -2.12
CA GLN B 600 26.30 8.13 -2.62
C GLN B 600 27.75 8.09 -3.12
N ASN B 601 28.38 6.92 -2.99
CA ASN B 601 29.72 6.71 -3.53
C ASN B 601 29.69 6.48 -5.03
N SER B 602 28.50 6.19 -5.56
CA SER B 602 28.32 6.05 -7.00
C SER B 602 28.61 7.38 -7.69
N PRO B 603 29.54 7.36 -8.65
CA PRO B 603 29.97 8.55 -9.38
C PRO B 603 28.84 9.27 -10.11
N MET B 604 27.68 8.62 -10.22
CA MET B 604 26.55 9.22 -10.94
C MET B 604 25.30 9.35 -10.08
N GLU B 605 25.42 9.06 -8.79
CA GLU B 605 24.28 9.12 -7.87
C GLU B 605 23.68 10.53 -7.78
N ARG B 606 24.53 11.54 -7.86
CA ARG B 606 24.09 12.93 -7.77
C ARG B 606 22.99 13.28 -8.77
N ALA B 607 23.05 12.67 -9.95
CA ALA B 607 22.07 12.92 -11.01
C ALA B 607 20.65 12.54 -10.57
N PHE B 608 20.53 11.47 -9.79
CA PHE B 608 19.25 11.07 -9.24
C PHE B 608 19.27 11.09 -7.72
N SER B 609 19.76 12.20 -7.16
CA SER B 609 19.83 12.40 -5.72
C SER B 609 18.44 12.55 -5.11
N TRP B 610 17.42 12.65 -5.98
CA TRP B 610 16.04 12.65 -5.51
C TRP B 610 15.67 11.29 -4.94
N GLY B 611 16.48 10.29 -5.28
CA GLY B 611 16.26 8.92 -4.80
C GLY B 611 16.68 8.72 -3.36
N ARG B 612 17.34 9.71 -2.78
CA ARG B 612 17.76 9.65 -1.40
C ARG B 612 16.58 9.80 -0.45
N TYR B 613 15.54 10.48 -0.91
CA TYR B 613 14.44 10.84 -0.04
C TYR B 613 13.11 10.22 -0.43
N GLN B 614 12.38 9.75 0.57
CA GLN B 614 11.03 9.23 0.42
C GLN B 614 10.08 10.39 0.18
N LEU B 615 10.42 11.53 0.78
CA LEU B 615 9.62 12.75 0.71
C LEU B 615 10.47 13.93 1.17
N ALA B 616 10.46 15.00 0.37
CA ALA B 616 11.21 16.21 0.71
C ALA B 616 10.39 17.46 0.43
N ILE B 617 10.48 18.44 1.32
CA ILE B 617 9.74 19.69 1.19
C ILE B 617 10.68 20.87 1.04
N THR B 618 10.50 21.65 -0.02
CA THR B 618 11.37 22.80 -0.29
C THR B 618 10.60 24.05 -0.69
N GLN B 619 11.24 25.20 -0.54
CA GLN B 619 10.71 26.46 -1.03
C GLN B 619 10.61 26.40 -2.55
N ARG B 620 9.42 26.63 -3.08
CA ARG B 620 9.24 26.70 -4.52
C ARG B 620 10.02 27.88 -5.08
N LYS B 621 10.77 27.63 -6.14
CA LYS B 621 11.50 28.68 -6.84
C LYS B 621 11.31 28.51 -8.34
N GLU B 622 11.26 29.62 -9.06
CA GLU B 622 11.13 29.56 -10.52
C GLU B 622 12.44 29.06 -11.13
N THR B 623 13.49 29.03 -10.31
CA THR B 623 14.80 28.54 -10.73
C THR B 623 14.95 27.04 -10.48
N GLU B 624 13.91 26.43 -9.92
CA GLU B 624 13.93 25.00 -9.63
C GLU B 624 12.65 24.33 -10.12
N PRO B 625 12.49 24.24 -11.46
CA PRO B 625 11.27 23.71 -12.07
C PRO B 625 11.21 22.19 -12.08
N SER B 626 12.36 21.52 -12.06
CA SER B 626 12.41 20.07 -12.13
C SER B 626 13.46 19.48 -11.22
N SER B 627 13.23 18.24 -10.79
CA SER B 627 14.19 17.53 -9.94
C SER B 627 15.19 16.75 -10.80
N SER B 628 14.96 16.74 -12.10
CA SER B 628 15.86 16.07 -13.04
C SER B 628 15.93 16.82 -14.36
N SER B 629 16.51 16.18 -15.37
CA SER B 629 16.68 16.80 -16.67
C SER B 629 16.90 15.77 -17.77
N VAL B 630 16.58 16.15 -19.00
CA VAL B 630 16.81 15.32 -20.17
C VAL B 630 18.30 15.10 -20.34
N PHE B 631 19.08 16.07 -19.90
CA PHE B 631 20.51 16.10 -20.13
C PHE B 631 21.32 15.32 -19.07
N ASN B 632 20.62 14.79 -18.08
CA ASN B 632 21.27 14.01 -17.02
C ASN B 632 21.68 12.60 -17.44
N GLN B 633 20.85 11.98 -18.26
CA GLN B 633 21.04 10.58 -18.64
C GLN B 633 22.40 10.29 -19.27
N ASN B 634 22.81 11.13 -20.21
CA ASN B 634 24.07 10.92 -20.91
C ASN B 634 25.29 11.54 -20.24
N ASP B 635 25.06 12.31 -19.18
CA ASP B 635 26.15 12.84 -18.37
C ASP B 635 25.72 12.99 -16.90
N PRO B 636 25.53 11.85 -16.22
CA PRO B 636 25.15 11.83 -14.82
C PRO B 636 26.31 12.17 -13.88
N TRP B 637 27.54 12.02 -14.37
CA TRP B 637 28.73 12.31 -13.58
C TRP B 637 28.82 13.79 -13.25
N THR B 638 28.31 14.61 -14.16
CA THR B 638 28.12 16.03 -13.91
C THR B 638 26.66 16.37 -14.23
N PRO B 639 25.78 16.19 -13.24
CA PRO B 639 24.34 16.34 -13.43
C PRO B 639 23.95 17.77 -13.83
N THR B 640 23.10 17.88 -14.84
CA THR B 640 22.53 19.17 -15.22
C THR B 640 21.62 19.65 -14.09
N VAL B 641 20.83 18.72 -13.55
CA VAL B 641 20.02 19.00 -12.37
C VAL B 641 20.34 18.00 -11.25
N ASP B 642 20.84 18.54 -10.15
CA ASP B 642 21.10 17.74 -8.95
C ASP B 642 20.10 18.15 -7.88
N PHE B 643 19.05 17.34 -7.71
CA PHE B 643 17.95 17.70 -6.81
C PHE B 643 18.41 18.06 -5.40
N SER B 644 19.44 17.38 -4.90
CA SER B 644 19.94 17.62 -3.56
C SER B 644 20.30 19.10 -3.33
N ASP B 645 20.65 19.79 -4.41
CA ASP B 645 20.98 21.21 -4.34
C ASP B 645 19.82 22.06 -3.82
N PHE B 646 18.60 21.59 -4.09
CA PHE B 646 17.39 22.30 -3.69
C PHE B 646 17.28 22.41 -2.17
N ILE B 647 17.75 21.37 -1.47
CA ILE B 647 17.76 21.38 -0.02
C ILE B 647 19.00 22.11 0.49
N ASN B 648 18.79 23.30 1.04
CA ASN B 648 19.91 24.18 1.40
C ASN B 648 19.69 24.97 2.69
N ASN B 649 18.93 24.40 3.61
CA ASN B 649 18.75 24.99 4.94
C ASN B 649 17.84 26.21 5.00
N GLU B 650 17.12 26.45 3.91
CA GLU B 650 16.17 27.56 3.86
C GLU B 650 14.97 27.29 4.76
N THR B 651 14.36 28.37 5.25
CA THR B 651 13.18 28.26 6.10
C THR B 651 11.97 27.74 5.32
N ILE B 652 11.14 26.94 5.98
CA ILE B 652 9.92 26.41 5.37
C ILE B 652 8.68 26.77 6.16
N ALA B 653 8.81 27.76 7.04
CA ALA B 653 7.70 28.19 7.88
C ALA B 653 7.07 29.48 7.34
N GLY B 654 5.99 29.34 6.57
CA GLY B 654 5.28 30.48 6.03
C GLY B 654 5.70 30.85 4.62
N LYS B 655 6.16 29.85 3.87
CA LYS B 655 6.59 30.05 2.49
C LYS B 655 5.76 29.21 1.54
N ASP B 656 5.90 29.50 0.24
CA ASP B 656 5.29 28.64 -0.78
C ASP B 656 6.12 27.38 -0.88
N LEU B 657 5.53 26.26 -0.42
CA LEU B 657 6.26 25.00 -0.29
C LEU B 657 5.96 24.02 -1.41
N VAL B 658 6.96 23.22 -1.77
CA VAL B 658 6.78 22.12 -2.70
C VAL B 658 7.12 20.80 -2.01
N ALA B 659 6.39 19.75 -2.34
CA ALA B 659 6.66 18.43 -1.82
C ALA B 659 7.13 17.52 -2.96
N TRP B 660 8.24 16.83 -2.72
CA TRP B 660 8.77 15.89 -3.71
C TRP B 660 8.70 14.47 -3.16
N VAL B 661 7.93 13.61 -3.82
CA VAL B 661 7.75 12.24 -3.36
C VAL B 661 8.46 11.24 -4.26
N THR B 662 9.29 10.39 -3.64
CA THR B 662 9.94 9.29 -4.34
C THR B 662 9.26 7.97 -3.98
N ALA B 663 8.88 7.22 -5.00
CA ALA B 663 8.24 5.93 -4.80
C ALA B 663 8.83 4.89 -5.75
N GLY B 664 8.88 3.64 -5.32
CA GLY B 664 9.42 2.57 -6.16
C GLY B 664 9.51 1.23 -5.46
N PHE B 665 10.17 0.27 -6.11
CA PHE B 665 10.28 -1.07 -5.56
C PHE B 665 11.46 -1.86 -6.13
N LEU B 666 11.87 -2.89 -5.39
CA LEU B 666 12.89 -3.83 -5.84
C LEU B 666 12.20 -4.91 -6.65
N HIS B 667 12.77 -5.26 -7.80
CA HIS B 667 12.19 -6.30 -8.65
C HIS B 667 13.21 -7.36 -9.03
N ILE B 668 13.17 -8.49 -8.31
CA ILE B 668 13.97 -9.64 -8.67
C ILE B 668 13.13 -10.54 -9.57
N PRO B 669 13.40 -10.51 -10.88
CA PRO B 669 12.62 -11.23 -11.87
C PRO B 669 12.51 -12.72 -11.55
N HIS B 670 11.38 -13.31 -11.93
CA HIS B 670 11.12 -14.72 -11.67
C HIS B 670 10.28 -15.33 -12.77
N ALA B 671 10.21 -16.66 -12.80
CA ALA B 671 9.52 -17.38 -13.87
C ALA B 671 8.17 -16.77 -14.25
N GLU B 672 7.42 -16.33 -13.25
CA GLU B 672 6.09 -15.76 -13.47
C GLU B 672 6.11 -14.50 -14.34
N ASP B 673 7.28 -13.86 -14.40
CA ASP B 673 7.46 -12.63 -15.18
C ASP B 673 7.61 -12.89 -16.68
N ILE B 674 7.35 -14.13 -17.09
CA ILE B 674 7.53 -14.52 -18.49
C ILE B 674 6.28 -15.17 -19.06
N PRO B 675 5.81 -14.68 -20.23
CA PRO B 675 6.47 -13.65 -21.02
C PRO B 675 6.28 -12.21 -20.53
N ASN B 676 5.32 -11.98 -19.64
CA ASN B 676 5.06 -10.61 -19.16
C ASN B 676 5.03 -10.49 -17.64
N THR B 677 5.50 -9.34 -17.15
CA THR B 677 5.30 -8.98 -15.74
C THR B 677 3.94 -8.31 -15.64
N VAL B 678 3.11 -8.78 -14.72
CA VAL B 678 1.74 -8.31 -14.62
C VAL B 678 1.57 -7.18 -13.59
N THR B 679 0.47 -6.45 -13.70
CA THR B 679 0.19 -5.34 -12.80
C THR B 679 -0.41 -5.81 -11.47
N VAL B 680 -0.32 -7.11 -11.21
CA VAL B 680 -0.89 -7.68 -9.98
C VAL B 680 -0.26 -7.06 -8.74
N GLY B 681 -1.12 -6.54 -7.89
CA GLY B 681 -0.73 -5.67 -6.79
C GLY B 681 -1.60 -4.44 -6.91
N ASN B 682 -1.32 -3.43 -6.09
CA ASN B 682 -2.05 -2.18 -6.21
C ASN B 682 -1.13 -1.03 -6.58
N GLY B 683 0.11 -1.36 -6.91
CA GLY B 683 1.06 -0.41 -7.46
C GLY B 683 1.98 0.26 -6.45
N VAL B 684 2.49 1.42 -6.84
CA VAL B 684 3.42 2.18 -6.03
C VAL B 684 3.20 3.67 -6.26
N GLY B 685 3.07 4.43 -5.19
CA GLY B 685 2.83 5.87 -5.29
C GLY B 685 2.64 6.54 -3.95
N PHE B 686 1.54 7.28 -3.82
CA PHE B 686 1.25 8.00 -2.58
C PHE B 686 -0.18 8.54 -2.51
N PHE B 687 -0.50 9.13 -1.36
CA PHE B 687 -1.83 9.68 -1.10
C PHE B 687 -1.78 11.12 -0.61
N LEU B 688 -2.76 11.91 -1.01
CA LEU B 688 -2.94 13.26 -0.49
C LEU B 688 -4.31 13.32 0.17
N ARG B 689 -4.33 13.56 1.47
CA ARG B 689 -5.56 13.44 2.25
C ARG B 689 -5.82 14.62 3.19
N PRO B 690 -7.06 15.13 3.17
CA PRO B 690 -7.51 16.23 4.02
C PRO B 690 -7.34 15.91 5.50
N TYR B 691 -6.72 16.82 6.24
CA TYR B 691 -6.47 16.64 7.66
C TYR B 691 -6.77 17.94 8.40
N ASN B 692 -8.00 18.05 8.88
CA ASN B 692 -8.50 19.28 9.51
C ASN B 692 -8.67 20.41 8.49
N PHE B 693 -8.79 20.03 7.23
CA PHE B 693 -8.98 20.96 6.13
C PHE B 693 -10.43 21.41 6.06
N PHE B 694 -11.34 20.44 6.19
CA PHE B 694 -12.77 20.73 6.24
C PHE B 694 -13.23 20.76 7.70
N ASP B 695 -14.50 21.13 7.91
CA ASP B 695 -15.04 21.20 9.26
C ASP B 695 -15.69 19.89 9.67
N GLN B 696 -16.13 19.13 8.67
CA GLN B 696 -16.61 17.78 8.87
C GLN B 696 -16.55 17.04 7.54
N GLU B 697 -17.06 15.81 7.50
CA GLU B 697 -17.12 15.03 6.27
C GLU B 697 -17.81 15.85 5.17
N PRO B 698 -17.10 16.09 4.06
CA PRO B 698 -17.61 16.91 2.96
C PRO B 698 -18.81 16.29 2.24
N SER B 699 -19.47 17.06 1.39
CA SER B 699 -20.61 16.59 0.62
C SER B 699 -20.16 15.76 -0.58
N MET B 700 -21.11 15.35 -1.42
CA MET B 700 -20.80 14.57 -2.63
C MET B 700 -22.04 14.35 -3.50
N ASP B 701 -21.83 14.36 -4.82
CA ASP B 701 -22.93 14.20 -5.77
C ASP B 701 -22.92 12.82 -6.44
C1 NAG C . -15.46 -26.47 35.99
C2 NAG C . -14.48 -27.50 36.55
C3 NAG C . -14.87 -28.96 36.26
C4 NAG C . -16.36 -29.25 36.44
C5 NAG C . -17.15 -28.12 35.78
C6 NAG C . -18.65 -28.31 35.94
C7 NAG C . -12.05 -27.77 36.54
C8 NAG C . -11.16 -28.53 35.61
N2 NAG C . -13.15 -27.24 36.01
O3 NAG C . -14.14 -29.82 37.11
O4 NAG C . -16.60 -30.51 35.84
O5 NAG C . -16.78 -26.88 36.33
O6 NAG C . -19.12 -27.50 37.00
O7 NAG C . -11.76 -27.66 37.73
C1 NAG C . -17.63 -31.30 36.46
C2 NAG C . -18.14 -32.29 35.40
C3 NAG C . -18.70 -33.64 35.88
C4 NAG C . -18.10 -34.08 37.20
C5 NAG C . -18.20 -32.88 38.12
C6 NAG C . -18.01 -33.24 39.60
C7 NAG C . -19.00 -31.51 33.27
C8 NAG C . -20.26 -31.39 32.48
N2 NAG C . -19.14 -31.63 34.59
O3 NAG C . -18.45 -34.62 34.89
O4 NAG C . -18.78 -35.22 37.70
O5 NAG C . -17.24 -31.94 37.68
O6 NAG C . -16.66 -33.09 39.96
O7 NAG C . -17.90 -31.49 32.71
C1 NAG C . -17.83 -36.25 38.04
C2 NAG C . -18.33 -37.11 39.21
C3 NAG C . -19.30 -38.20 38.75
C4 NAG C . -19.52 -38.15 37.24
C5 NAG C . -18.18 -38.11 36.51
C6 NAG C . -18.38 -38.02 35.00
C7 NAG C . -17.39 -38.54 40.95
C8 NAG C . -16.62 -39.82 40.92
N2 NAG C . -17.22 -37.71 39.92
O3 NAG C . -20.54 -38.05 39.41
O4 NAG C . -20.24 -39.28 36.84
O5 NAG C . -17.37 -37.02 36.93
O6 NAG C . -19.75 -37.92 34.69
O7 NAG C . -18.12 -38.29 41.90
C1 NAG D . 26.03 27.97 -28.36
C2 NAG D . 26.56 29.23 -27.67
C3 NAG D . 25.90 30.54 -28.14
C4 NAG D . 25.64 30.62 -29.64
C5 NAG D . 25.11 29.27 -30.12
C6 NAG D . 24.89 29.23 -31.63
C7 NAG D . 27.35 29.41 -25.38
C8 NAG D . 26.93 29.79 -23.99
N2 NAG D . 26.39 29.10 -26.24
O3 NAG D . 26.72 31.63 -27.75
O4 NAG D . 24.69 31.67 -29.87
O5 NAG D . 26.00 28.23 -29.76
O6 NAG D . 26.15 29.16 -32.29
O7 NAG D . 28.55 29.39 -25.69
C1 NAG D . 25.06 32.65 -30.87
C2 NAG D . 23.96 33.72 -30.99
C3 NAG D . 24.30 34.92 -31.89
C4 NAG D . 25.76 35.32 -31.93
C5 NAG D . 26.63 34.05 -31.84
C6 NAG D . 28.12 34.36 -31.90
C7 NAG D . 21.69 32.88 -30.64
C8 NAG D . 20.42 32.44 -31.30
N2 NAG D . 22.73 33.09 -31.45
O3 NAG D . 23.52 36.02 -31.48
O4 NAG D . 26.09 35.98 -33.14
O5 NAG D . 26.30 33.31 -30.68
O6 NAG D . 28.48 35.19 -30.81
O7 NAG D . 21.74 33.02 -29.42
C1 NAG D . 26.11 37.44 -33.05
C2 NAG D . 27.57 37.96 -33.08
C3 NAG D . 28.06 38.64 -34.36
C4 NAG D . 26.96 38.90 -35.38
C5 NAG D . 25.69 39.21 -34.62
C6 NAG D . 24.61 39.73 -35.56
C7 NAG D . 28.35 38.54 -30.85
C8 NAG D . 29.85 38.47 -30.87
N2 NAG D . 27.75 38.90 -31.98
O3 NAG D . 29.06 37.84 -34.97
O4 NAG D . 27.32 39.99 -36.20
O5 NAG D . 25.24 38.03 -34.01
O6 NAG D . 23.56 40.30 -34.81
O7 NAG D . 27.73 38.27 -29.82
CU CU E . -10.28 4.57 13.95
CA CA F . 2.67 -25.46 6.04
CA CA G . 6.20 -23.31 18.42
CL CL H . 2.47 -11.89 -8.54
CL1 CLU I . -15.71 -3.66 15.63
CAM CLU I . -12.89 -0.75 15.85
CAE CLU I . -12.96 -0.16 14.59
CAC CLU I . -13.87 -0.63 13.65
CAD CLU I . -14.70 -1.70 13.97
CAN CLU I . -13.73 -1.81 16.17
CAL CLU I . -14.63 -2.27 15.24
CL2 CLU I . -11.72 -0.14 17.05
NAJ CLU I . -13.65 -2.39 17.37
CAK CLU I . -14.42 -2.17 18.51
NAI CLU I . -15.41 -1.29 18.56
CAG CLU I . -16.00 -1.20 19.89
CAF CLU I . -15.59 -2.55 20.49
NAH CLU I . -14.35 -2.77 19.77
CU CU J . 10.86 -4.52 -13.38
CA CA K . 2.95 25.48 -2.48
CA CA L . 15.23 25.42 -2.19
CL CL M . -9.12 10.67 3.39
CL CL N . 26.93 2.60 -9.84
CL1 CLU O . 9.48 2.70 -19.96
CAM CLU O . 11.21 0.50 -17.01
CAE CLU O . 10.14 -0.24 -16.52
CAC CLU O . 8.87 -0.09 -17.07
CAD CLU O . 8.68 0.80 -18.11
CAN CLU O . 11.02 1.39 -18.06
CAL CLU O . 9.75 1.55 -18.60
CL2 CLU O . 12.84 0.32 -16.29
NAJ CLU O . 12.06 2.11 -18.50
CAK CLU O . 12.91 1.98 -19.59
NAI CLU O . 12.79 0.99 -20.47
CAG CLU O . 13.97 0.86 -21.32
CAF CLU O . 14.58 2.28 -21.23
NAH CLU O . 13.98 2.76 -20.00
#